data_6WOM
#
_entry.id   6WOM
#
_cell.length_a   234.370
_cell.length_b   106.570
_cell.length_c   93.410
_cell.angle_alpha   90.000
_cell.angle_beta   100.910
_cell.angle_gamma   90.000
#
_symmetry.space_group_name_H-M   'C 1 2 1'
#
loop_
_entity.id
_entity.type
_entity.pdbx_description
1 polymer 'Aspartate--tRNA ligase'
2 non-polymer 'SULFATE ION'
3 water water
#
_entity_poly.entity_id   1
_entity_poly.type   'polypeptide(L)'
_entity_poly.pdbx_seq_one_letter_code
;MAHHHHHHMFRTHTNGELSLKNLNEEVTLSGWVQTIRDKGFMIWIDLRDRYGITQLVFDQDRSSAALLEEAKKLGREFVI
QVSGKVIERASKNPKIPTGEIEILVEKLTILNNSELPPFTIEDETDGGEELRMKYRYLDIRRNPVKEKLIFRHKIAQKVR
NYLSDQGFIEVETPVLIKSTPEGARDFVVPSRMNPGQFYALPQSPQTFKQLLMVGGMDKYFQIVKCFRDEDLRADRQPEF
TQIDCEMAFVEQEDVMNIFEGLTQNLLKDIAGQEFGKFPRMTFAEAMKKYGNDKPDIRFGMEFHELNDLVKGKDFKIFDE
AELVVGINVEGCAEYTRKQIDELTDWIKRPQIGATGMVWIKYQADGIVTSSVNKFYNEEDLKKIAEEFGAKPGDLMLVLS
GNENKVRAQLSALRMELGNRLGLRKGNEFAPLWVIDFPLLEWDEDTQRYHAMHHPFTSPKPEDIHLLENEAGKARANAYD
LVINGNEIGGGSIRIFDKDLQAQMFSLLGFTPEEAEAQFGFLMNAFKYGAPPHGGLAFGFDRLVAVLDGNEVIRDYIAFP
KNNSGRDVMIDAPASIANEQLDELALTININE
;
_entity_poly.pdbx_strand_id   A,B,C
#
# COMPACT_ATOMS: atom_id res chain seq x y z
N HIS A 8 -31.94 -3.89 16.65
CA HIS A 8 -32.04 -3.79 18.10
C HIS A 8 -31.38 -2.53 18.62
N MET A 9 -32.14 -1.47 18.84
CA MET A 9 -31.66 -0.41 19.72
C MET A 9 -31.28 -1.02 21.05
N PHE A 10 -30.10 -0.68 21.55
CA PHE A 10 -29.62 -1.22 22.80
C PHE A 10 -30.07 -0.40 24.00
N ARG A 11 -30.37 0.88 23.79
CA ARG A 11 -30.79 1.72 24.89
C ARG A 11 -31.51 2.94 24.34
N THR A 12 -32.48 3.41 25.11
CA THR A 12 -33.10 4.71 24.89
C THR A 12 -32.47 5.82 25.70
N HIS A 13 -31.75 5.48 26.76
CA HIS A 13 -31.15 6.45 27.67
C HIS A 13 -29.85 5.87 28.19
N THR A 14 -29.00 6.73 28.75
CA THR A 14 -27.87 6.25 29.51
C THR A 14 -28.33 5.88 30.92
N ASN A 15 -27.44 5.25 31.67
CA ASN A 15 -27.78 4.84 33.03
C ASN A 15 -27.62 5.95 34.04
N GLY A 16 -27.36 7.19 33.60
CA GLY A 16 -27.28 8.29 34.55
C GLY A 16 -28.26 9.43 34.32
N GLU A 17 -29.14 9.32 33.34
CA GLU A 17 -29.94 10.48 32.98
C GLU A 17 -31.41 10.40 33.38
N LEU A 18 -31.93 9.23 33.76
CA LEU A 18 -33.34 9.17 34.12
C LEU A 18 -33.57 9.79 35.51
N SER A 19 -34.75 10.36 35.70
CA SER A 19 -35.14 10.93 36.97
C SER A 19 -36.66 10.86 37.09
N LEU A 20 -37.19 11.54 38.12
CA LEU A 20 -38.61 11.45 38.38
C LEU A 20 -39.42 12.03 37.23
N LYS A 21 -38.82 12.96 36.48
CA LYS A 21 -39.48 13.50 35.29
C LYS A 21 -39.79 12.42 34.26
N ASN A 22 -39.14 11.26 34.34
CA ASN A 22 -39.39 10.17 33.40
C ASN A 22 -40.38 9.14 33.94
N LEU A 23 -41.05 9.44 35.07
CA LEU A 23 -41.98 8.51 35.70
C LEU A 23 -42.92 7.89 34.66
N ASN A 24 -43.08 6.58 34.72
CA ASN A 24 -44.02 5.80 33.91
C ASN A 24 -43.62 5.69 32.44
N GLU A 25 -42.48 6.23 32.03
CA GLU A 25 -42.02 5.99 30.67
C GLU A 25 -41.51 4.57 30.52
N GLU A 26 -41.68 4.01 29.32
CA GLU A 26 -41.06 2.76 28.93
C GLU A 26 -39.65 3.06 28.41
N VAL A 27 -38.64 2.40 28.96
CA VAL A 27 -37.26 2.66 28.55
C VAL A 27 -36.53 1.34 28.30
N THR A 28 -35.41 1.46 27.62
CA THR A 28 -34.49 0.35 27.39
C THR A 28 -33.12 0.82 27.82
N LEU A 29 -32.42 -0.02 28.58
CA LEU A 29 -31.10 0.31 29.11
C LEU A 29 -30.16 -0.87 28.91
N SER A 30 -28.88 -0.57 28.72
CA SER A 30 -27.82 -1.58 28.68
C SER A 30 -26.66 -1.12 29.54
N GLY A 31 -25.89 -2.08 30.07
CA GLY A 31 -24.73 -1.77 30.88
C GLY A 31 -24.22 -3.01 31.62
N TRP A 32 -23.40 -2.76 32.65
CA TRP A 32 -22.77 -3.81 33.45
C TRP A 32 -23.49 -3.97 34.78
N VAL A 33 -23.57 -5.19 35.28
CA VAL A 33 -24.19 -5.45 36.58
C VAL A 33 -23.19 -5.04 37.67
N GLN A 34 -23.44 -3.90 38.31
CA GLN A 34 -22.50 -3.43 39.33
C GLN A 34 -22.72 -4.18 40.64
N THR A 35 -23.97 -4.30 41.08
CA THR A 35 -24.33 -4.88 42.38
C THR A 35 -25.63 -5.66 42.24
N ILE A 36 -25.74 -6.76 43.00
CA ILE A 36 -26.94 -7.57 43.05
C ILE A 36 -27.38 -7.68 44.51
N ARG A 37 -28.67 -7.42 44.77
CA ARG A 37 -29.26 -7.57 46.10
C ARG A 37 -30.50 -8.47 46.04
N ASP A 38 -30.54 -9.52 46.86
CA ASP A 38 -31.62 -10.50 46.93
C ASP A 38 -32.37 -10.36 48.25
N LYS A 39 -33.67 -10.05 48.17
CA LYS A 39 -34.57 -10.07 49.33
C LYS A 39 -35.73 -10.98 48.99
N GLY A 40 -35.79 -12.14 49.62
CA GLY A 40 -36.85 -13.08 49.27
C GLY A 40 -36.76 -13.47 47.82
N PHE A 41 -37.87 -13.31 47.09
CA PHE A 41 -37.88 -13.63 45.67
C PHE A 41 -37.46 -12.47 44.78
N MET A 42 -37.53 -11.23 45.28
CA MET A 42 -37.21 -10.06 44.49
C MET A 42 -35.70 -9.85 44.35
N ILE A 43 -35.29 -9.28 43.23
CA ILE A 43 -33.90 -8.98 42.94
C ILE A 43 -33.76 -7.53 42.52
N TRP A 44 -32.83 -6.83 43.13
CA TRP A 44 -32.45 -5.48 42.74
C TRP A 44 -31.05 -5.51 42.15
N ILE A 45 -30.84 -4.75 41.08
CA ILE A 45 -29.56 -4.68 40.38
C ILE A 45 -29.23 -3.22 40.11
N ASP A 46 -28.00 -2.82 40.45
CA ASP A 46 -27.44 -1.53 40.03
C ASP A 46 -26.84 -1.71 38.64
N LEU A 47 -27.43 -1.07 37.64
CA LEU A 47 -26.94 -1.14 36.27
C LEU A 47 -26.01 0.04 35.98
N ARG A 48 -24.81 -0.24 35.49
CA ARG A 48 -23.77 0.80 35.35
C ARG A 48 -23.38 1.01 33.90
N ASP A 49 -23.11 2.27 33.55
CA ASP A 49 -22.31 2.62 32.38
C ASP A 49 -21.46 3.84 32.78
N ARG A 50 -20.79 4.44 31.79
CA ARG A 50 -19.90 5.58 32.06
C ARG A 50 -20.61 6.74 32.74
N TYR A 51 -21.91 6.85 32.54
CA TYR A 51 -22.68 8.03 32.89
C TYR A 51 -23.31 7.95 34.27
N GLY A 52 -23.41 6.79 34.87
CA GLY A 52 -24.01 6.66 36.18
C GLY A 52 -24.63 5.29 36.36
N ILE A 53 -25.43 5.19 37.43
CA ILE A 53 -26.06 3.96 37.89
C ILE A 53 -27.57 4.15 37.90
N THR A 54 -28.30 3.17 37.36
CA THR A 54 -29.76 3.13 37.49
C THR A 54 -30.14 1.81 38.15
N GLN A 55 -31.04 1.88 39.12
CA GLN A 55 -31.47 0.69 39.83
C GLN A 55 -32.57 -0.02 39.05
N LEU A 56 -32.45 -1.34 38.92
CA LEU A 56 -33.47 -2.18 38.31
C LEU A 56 -34.11 -3.07 39.37
N VAL A 57 -35.42 -3.30 39.25
CA VAL A 57 -36.11 -4.20 40.18
C VAL A 57 -36.77 -5.33 39.39
N PHE A 58 -36.47 -6.56 39.80
CA PHE A 58 -37.10 -7.75 39.28
C PHE A 58 -38.09 -8.28 40.31
N ASP A 59 -39.36 -8.28 39.97
CA ASP A 59 -40.41 -8.75 40.88
C ASP A 59 -41.36 -9.57 40.03
N GLN A 60 -41.39 -10.88 40.25
CA GLN A 60 -42.09 -11.75 39.31
C GLN A 60 -43.58 -11.47 39.32
N ASP A 61 -44.14 -11.05 40.47
CA ASP A 61 -45.56 -10.73 40.56
C ASP A 61 -45.94 -9.61 39.61
N ARG A 62 -45.02 -8.71 39.29
CA ARG A 62 -45.29 -7.63 38.35
C ARG A 62 -44.62 -7.88 37.01
N SER A 63 -43.94 -9.00 36.85
CA SER A 63 -43.32 -9.30 35.56
C SER A 63 -43.74 -10.71 35.18
N SER A 64 -42.88 -11.69 35.48
CA SER A 64 -43.18 -13.10 35.17
C SER A 64 -42.18 -13.98 35.90
N ALA A 65 -42.57 -15.24 36.08
CA ALA A 65 -41.69 -16.19 36.70
C ALA A 65 -40.49 -16.53 35.82
N ALA A 66 -40.66 -16.48 34.49
CA ALA A 66 -39.55 -16.74 33.58
C ALA A 66 -38.51 -15.63 33.65
N LEU A 67 -38.94 -14.37 33.74
CA LEU A 67 -37.98 -13.29 33.88
C LEU A 67 -37.14 -13.48 35.13
N LEU A 68 -37.77 -13.86 36.26
CA LEU A 68 -36.99 -14.02 37.49
C LEU A 68 -36.01 -15.19 37.40
N GLU A 69 -36.39 -16.25 36.68
CA GLU A 69 -35.47 -17.36 36.47
C GLU A 69 -34.19 -16.89 35.78
N GLU A 70 -34.31 -16.03 34.77
CA GLU A 70 -33.12 -15.52 34.10
C GLU A 70 -32.36 -14.54 34.98
N ALA A 71 -33.08 -13.67 35.70
CA ALA A 71 -32.42 -12.71 36.58
C ALA A 71 -31.62 -13.38 37.68
N LYS A 72 -32.04 -14.55 38.16
CA LYS A 72 -31.27 -15.26 39.19
C LYS A 72 -29.92 -15.76 38.68
N LYS A 73 -29.70 -15.80 37.37
CA LYS A 73 -28.43 -16.19 36.78
C LYS A 73 -27.43 -15.05 36.69
N LEU A 74 -27.85 -13.82 36.95
CA LEU A 74 -26.96 -12.68 36.74
C LEU A 74 -25.84 -12.67 37.76
N GLY A 75 -24.64 -12.27 37.31
CA GLY A 75 -23.52 -12.07 38.21
C GLY A 75 -22.89 -10.71 37.98
N ARG A 76 -21.98 -10.35 38.89
CA ARG A 76 -21.26 -9.08 38.79
C ARG A 76 -20.57 -8.96 37.44
N GLU A 77 -20.71 -7.79 36.83
CA GLU A 77 -20.10 -7.39 35.58
C GLU A 77 -20.70 -8.12 34.37
N PHE A 78 -21.79 -8.88 34.53
CA PHE A 78 -22.55 -9.31 33.36
C PHE A 78 -22.92 -8.07 32.56
N VAL A 79 -22.91 -8.19 31.25
CA VAL A 79 -23.40 -7.15 30.35
C VAL A 79 -24.83 -7.54 29.94
N ILE A 80 -25.80 -6.69 30.24
CA ILE A 80 -27.19 -7.02 30.01
C ILE A 80 -27.90 -5.85 29.34
N GLN A 81 -29.05 -6.16 28.76
CA GLN A 81 -30.00 -5.20 28.23
C GLN A 81 -31.36 -5.49 28.86
N VAL A 82 -32.05 -4.44 29.33
CA VAL A 82 -33.37 -4.60 29.93
C VAL A 82 -34.31 -3.56 29.31
N SER A 83 -35.60 -3.90 29.28
CA SER A 83 -36.67 -2.95 28.99
C SER A 83 -37.70 -2.99 30.11
N GLY A 84 -38.23 -1.83 30.47
CA GLY A 84 -39.22 -1.79 31.52
C GLY A 84 -39.73 -0.38 31.73
N LYS A 85 -40.39 -0.18 32.87
CA LYS A 85 -41.10 1.06 33.17
C LYS A 85 -40.41 1.81 34.30
N VAL A 86 -40.25 3.13 34.12
CA VAL A 86 -39.69 3.98 35.16
C VAL A 86 -40.73 4.14 36.27
N ILE A 87 -40.38 3.72 37.49
CA ILE A 87 -41.26 3.89 38.63
C ILE A 87 -40.52 4.60 39.77
N GLU A 88 -41.30 5.14 40.70
CA GLU A 88 -40.77 5.92 41.80
C GLU A 88 -40.36 5.02 42.95
N ARG A 89 -39.16 5.27 43.51
CA ARG A 89 -38.75 4.57 44.71
C ARG A 89 -39.55 5.06 45.91
N ALA A 90 -39.72 4.17 46.89
CA ALA A 90 -40.37 4.55 48.14
C ALA A 90 -39.62 5.68 48.82
N SER A 91 -38.29 5.57 48.87
CA SER A 91 -37.48 6.66 49.41
C SER A 91 -36.32 6.90 48.46
N LYS A 92 -36.17 8.15 48.03
CA LYS A 92 -35.19 8.46 47.00
C LYS A 92 -33.78 8.31 47.58
N ASN A 93 -32.85 7.81 46.75
CA ASN A 93 -31.45 7.84 47.18
C ASN A 93 -30.90 9.20 46.78
N PRO A 94 -30.63 10.08 47.74
CA PRO A 94 -30.20 11.45 47.39
C PRO A 94 -28.79 11.52 46.87
N LYS A 95 -28.03 10.42 46.93
CA LYS A 95 -26.63 10.44 46.57
C LYS A 95 -26.36 10.20 45.09
N ILE A 96 -27.35 9.80 44.29
CA ILE A 96 -27.09 9.53 42.88
C ILE A 96 -28.16 10.23 42.02
N PRO A 97 -27.83 10.63 40.79
CA PRO A 97 -28.79 11.43 40.03
C PRO A 97 -30.10 10.73 39.72
N THR A 98 -30.09 9.42 39.47
CA THR A 98 -31.29 8.64 39.20
C THR A 98 -31.97 8.13 40.46
N GLY A 99 -31.56 8.60 41.64
CA GLY A 99 -31.98 8.03 42.90
C GLY A 99 -33.46 8.17 43.23
N GLU A 100 -34.20 8.99 42.49
CA GLU A 100 -35.64 9.04 42.74
C GLU A 100 -36.40 7.88 42.12
N ILE A 101 -35.82 7.18 41.13
CA ILE A 101 -36.58 6.21 40.35
C ILE A 101 -35.86 4.86 40.31
N GLU A 102 -36.58 3.89 39.77
CA GLU A 102 -36.01 2.58 39.49
C GLU A 102 -36.80 2.02 38.32
N ILE A 103 -36.26 1.00 37.68
CA ILE A 103 -36.86 0.44 36.48
C ILE A 103 -37.57 -0.84 36.86
N LEU A 104 -38.88 -0.90 36.61
CA LEU A 104 -39.58 -2.16 36.80
C LEU A 104 -39.33 -3.00 35.57
N VAL A 105 -38.42 -3.99 35.67
CA VAL A 105 -37.96 -4.66 34.47
C VAL A 105 -39.05 -5.58 33.96
N GLU A 106 -39.30 -5.53 32.66
CA GLU A 106 -40.17 -6.48 31.99
C GLU A 106 -39.43 -7.48 31.10
N LYS A 107 -38.32 -7.06 30.49
CA LYS A 107 -37.56 -7.91 29.57
C LYS A 107 -36.08 -7.85 29.90
N LEU A 108 -35.39 -8.98 29.75
CA LEU A 108 -33.98 -9.08 30.04
C LEU A 108 -33.30 -9.88 28.92
N THR A 109 -32.18 -9.36 28.43
CA THR A 109 -31.31 -10.08 27.49
C THR A 109 -29.90 -10.05 28.08
N ILE A 110 -29.30 -11.22 28.26
CA ILE A 110 -27.90 -11.30 28.69
C ILE A 110 -27.02 -11.16 27.45
N LEU A 111 -26.25 -10.07 27.37
CA LEU A 111 -25.37 -9.84 26.23
C LEU A 111 -24.00 -10.48 26.39
N ASN A 112 -23.48 -10.58 27.62
CA ASN A 112 -22.20 -11.25 27.88
C ASN A 112 -22.29 -11.77 29.30
N ASN A 113 -22.18 -13.10 29.46
CA ASN A 113 -22.17 -13.71 30.79
C ASN A 113 -20.75 -13.68 31.33
N SER A 114 -20.33 -12.48 31.75
CA SER A 114 -18.94 -12.25 32.14
C SER A 114 -18.49 -13.15 33.28
N GLU A 115 -17.20 -13.51 33.24
CA GLU A 115 -16.56 -14.04 34.43
C GLU A 115 -16.52 -12.95 35.49
N LEU A 116 -16.37 -13.37 36.74
CA LEU A 116 -16.19 -12.40 37.81
C LEU A 116 -14.90 -11.63 37.60
N PRO A 117 -14.86 -10.34 37.92
CA PRO A 117 -13.62 -9.57 37.78
C PRO A 117 -12.57 -10.03 38.80
N PRO A 118 -11.30 -9.95 38.46
CA PRO A 118 -10.25 -10.38 39.42
C PRO A 118 -10.16 -9.50 40.67
N PHE A 119 -10.83 -8.35 40.68
CA PHE A 119 -10.90 -7.47 41.84
C PHE A 119 -12.21 -6.72 41.72
N THR A 120 -12.67 -6.16 42.84
CA THR A 120 -13.98 -5.53 42.86
C THR A 120 -13.97 -4.24 42.04
N ILE A 121 -15.06 -3.99 41.32
CA ILE A 121 -15.18 -2.79 40.49
C ILE A 121 -15.82 -1.72 41.39
N GLU A 122 -15.00 -1.11 42.25
CA GLU A 122 -15.47 -0.18 43.26
C GLU A 122 -14.40 0.87 43.51
N ASP A 123 -14.83 2.03 44.01
CA ASP A 123 -13.89 3.11 44.29
C ASP A 123 -12.78 2.62 45.20
N GLU A 124 -13.13 1.90 46.25
CA GLU A 124 -12.13 1.28 47.12
C GLU A 124 -12.08 -0.20 46.77
N THR A 125 -11.14 -0.58 45.92
CA THR A 125 -11.09 -1.92 45.39
C THR A 125 -10.17 -2.78 46.25
N ASP A 126 -10.37 -4.09 46.19
CA ASP A 126 -9.49 -5.00 46.91
C ASP A 126 -8.28 -5.44 46.06
N GLY A 127 -8.14 -4.94 44.84
CA GLY A 127 -7.03 -5.35 43.99
C GLY A 127 -5.76 -4.57 44.26
N GLY A 128 -4.65 -5.28 44.35
CA GLY A 128 -3.37 -4.61 44.45
C GLY A 128 -2.99 -3.95 43.13
N GLU A 129 -1.97 -3.08 43.20
CA GLU A 129 -1.60 -2.30 42.02
C GLU A 129 -1.17 -3.18 40.85
N GLU A 130 -0.38 -4.23 41.12
CA GLU A 130 0.12 -5.05 40.01
C GLU A 130 -1.00 -5.82 39.33
N LEU A 131 -1.94 -6.33 40.13
CA LEU A 131 -3.10 -7.02 39.58
C LEU A 131 -3.96 -6.06 38.75
N ARG A 132 -4.13 -4.83 39.21
CA ARG A 132 -4.92 -3.86 38.46
C ARG A 132 -4.25 -3.47 37.15
N MET A 133 -2.92 -3.38 37.12
CA MET A 133 -2.25 -3.07 35.87
C MET A 133 -2.28 -4.24 34.90
N LYS A 134 -2.23 -5.46 35.41
CA LYS A 134 -2.43 -6.62 34.55
C LYS A 134 -3.80 -6.57 33.89
N TYR A 135 -4.81 -6.11 34.63
CA TYR A 135 -6.17 -6.00 34.12
C TYR A 135 -6.57 -4.55 34.00
N ARG A 136 -5.66 -3.74 33.44
CA ARG A 136 -5.89 -2.30 33.36
C ARG A 136 -7.19 -1.97 32.65
N TYR A 137 -7.58 -2.77 31.64
CA TYR A 137 -8.84 -2.54 30.95
C TYR A 137 -10.06 -2.71 31.87
N LEU A 138 -9.96 -3.49 32.95
CA LEU A 138 -11.05 -3.54 33.93
C LEU A 138 -10.91 -2.46 35.01
N ASP A 139 -9.67 -2.11 35.35
CA ASP A 139 -9.40 -1.02 36.29
C ASP A 139 -10.05 0.28 35.83
N ILE A 140 -10.04 0.53 34.52
CA ILE A 140 -10.59 1.73 33.89
C ILE A 140 -12.09 1.83 34.10
N ARG A 141 -12.77 0.70 34.36
CA ARG A 141 -14.19 0.75 34.70
C ARG A 141 -14.42 1.52 36.00
N ARG A 142 -13.46 1.51 36.92
CA ARG A 142 -13.70 2.09 38.25
C ARG A 142 -13.71 3.61 38.19
N ASN A 143 -14.59 4.24 38.97
CA ASN A 143 -14.73 5.69 38.91
C ASN A 143 -13.42 6.47 39.13
N PRO A 144 -12.54 6.11 40.06
CA PRO A 144 -11.31 6.92 40.23
C PRO A 144 -10.40 6.91 39.02
N VAL A 145 -10.49 5.92 38.15
CA VAL A 145 -9.68 5.90 36.93
C VAL A 145 -10.45 6.49 35.76
N LYS A 146 -11.70 6.07 35.56
CA LYS A 146 -12.53 6.61 34.50
C LYS A 146 -12.59 8.14 34.58
N GLU A 147 -12.77 8.68 35.79
CA GLU A 147 -12.92 10.12 35.93
C GLU A 147 -11.62 10.84 35.61
N LYS A 148 -10.48 10.22 35.89
CA LYS A 148 -9.21 10.86 35.58
C LYS A 148 -8.99 10.93 34.07
N LEU A 149 -9.40 9.87 33.34
CA LEU A 149 -9.25 9.91 31.89
C LEU A 149 -10.18 10.93 31.26
N ILE A 150 -11.39 11.04 31.79
CA ILE A 150 -12.32 12.05 31.29
C ILE A 150 -11.80 13.45 31.59
N PHE A 151 -11.29 13.67 32.82
CA PHE A 151 -10.75 14.98 33.19
C PHE A 151 -9.57 15.34 32.29
N ARG A 152 -8.69 14.38 32.02
CA ARG A 152 -7.55 14.62 31.13
C ARG A 152 -8.02 15.06 29.74
N HIS A 153 -9.07 14.39 29.22
CA HIS A 153 -9.65 14.78 27.95
C HIS A 153 -10.14 16.22 27.97
N LYS A 154 -10.88 16.60 29.01
CA LYS A 154 -11.40 17.96 29.15
C LYS A 154 -10.27 19.00 29.15
N ILE A 155 -9.16 18.73 29.85
CA ILE A 155 -8.06 19.69 29.85
C ILE A 155 -7.43 19.82 28.46
N ALA A 156 -7.23 18.68 27.77
CA ALA A 156 -6.63 18.73 26.44
C ALA A 156 -7.47 19.60 25.50
N GLN A 157 -8.79 19.42 25.51
CA GLN A 157 -9.65 20.24 24.65
CA GLN A 157 -9.62 20.23 24.63
C GLN A 157 -9.57 21.70 25.03
N LYS A 158 -9.57 21.99 26.33
CA LYS A 158 -9.48 23.37 26.78
C LYS A 158 -8.17 24.01 26.33
N VAL A 159 -7.05 23.27 26.46
CA VAL A 159 -5.75 23.77 26.01
C VAL A 159 -5.79 24.07 24.52
N ARG A 160 -6.27 23.11 23.70
CA ARG A 160 -6.22 23.31 22.24
C ARG A 160 -7.13 24.46 21.81
N ASN A 161 -8.34 24.56 22.40
CA ASN A 161 -9.22 25.68 22.04
C ASN A 161 -8.64 27.03 22.49
N TYR A 162 -8.07 27.09 23.70
CA TYR A 162 -7.51 28.35 24.18
C TYR A 162 -6.36 28.80 23.28
N LEU A 163 -5.42 27.90 22.98
CA LEU A 163 -4.26 28.29 22.16
C LEU A 163 -4.65 28.54 20.70
N SER A 164 -5.63 27.81 20.14
CA SER A 164 -6.10 28.12 18.79
C SER A 164 -6.71 29.50 18.73
N ASP A 165 -7.49 29.88 19.75
CA ASP A 165 -8.07 31.22 19.80
C ASP A 165 -7.00 32.30 19.86
N GLN A 166 -5.83 32.00 20.44
CA GLN A 166 -4.71 32.94 20.52
C GLN A 166 -3.94 33.09 19.21
N GLY A 167 -4.27 32.31 18.18
CA GLY A 167 -3.55 32.35 16.92
C GLY A 167 -2.52 31.26 16.75
N PHE A 168 -2.42 30.35 17.71
CA PHE A 168 -1.50 29.23 17.57
C PHE A 168 -2.04 28.23 16.55
N ILE A 169 -1.11 27.67 15.78
CA ILE A 169 -1.40 26.64 14.79
C ILE A 169 -0.82 25.33 15.32
N GLU A 170 -1.65 24.29 15.38
CA GLU A 170 -1.18 22.96 15.74
C GLU A 170 -0.50 22.30 14.55
N VAL A 171 0.75 21.87 14.70
CA VAL A 171 1.49 21.26 13.59
C VAL A 171 2.03 19.92 14.07
N GLU A 172 1.67 18.83 13.39
CA GLU A 172 2.26 17.53 13.69
C GLU A 172 3.66 17.47 13.13
N THR A 173 4.61 17.08 13.95
CA THR A 173 5.99 16.92 13.54
C THR A 173 6.31 15.42 13.52
N PRO A 174 7.34 15.00 12.80
CA PRO A 174 7.58 13.57 12.63
C PRO A 174 7.94 12.85 13.93
N VAL A 175 7.60 11.58 13.97
CA VAL A 175 8.03 10.69 15.03
C VAL A 175 9.31 9.93 14.66
N LEU A 176 9.50 9.63 13.39
CA LEU A 176 10.70 8.94 12.93
C LEU A 176 11.71 10.03 12.53
N ILE A 177 12.64 10.35 13.43
CA ILE A 177 13.56 11.45 13.14
C ILE A 177 15.00 10.94 13.20
N LYS A 178 15.97 11.85 13.32
CA LYS A 178 17.38 11.45 13.29
C LYS A 178 17.90 11.28 14.72
N SER A 179 18.61 10.18 14.96
CA SER A 179 19.22 9.96 16.26
C SER A 179 20.45 10.84 16.46
N THR A 180 20.59 11.37 17.69
CA THR A 180 21.72 12.19 18.11
C THR A 180 22.53 11.46 19.17
N PRO A 181 23.86 11.42 19.06
CA PRO A 181 24.66 10.64 20.03
C PRO A 181 24.66 11.18 21.45
N GLU A 182 24.64 12.50 21.64
CA GLU A 182 24.83 13.03 22.97
C GLU A 182 23.51 13.10 23.74
N GLY A 183 23.62 13.35 25.03
CA GLY A 183 22.42 13.55 25.81
C GLY A 183 21.75 12.24 26.23
N ALA A 184 20.48 12.36 26.59
CA ALA A 184 19.80 11.16 27.03
C ALA A 184 19.68 10.18 25.87
N ARG A 185 19.50 8.91 26.22
CA ARG A 185 19.43 7.85 25.23
C ARG A 185 18.15 7.96 24.40
N ASP A 186 18.31 7.87 23.09
CA ASP A 186 17.18 7.74 22.17
C ASP A 186 16.67 6.30 22.19
N PHE A 187 15.35 6.16 22.05
CA PHE A 187 14.82 4.92 21.47
C PHE A 187 15.11 4.97 19.98
N VAL A 188 15.48 3.83 19.38
CA VAL A 188 15.83 3.80 17.97
C VAL A 188 14.92 2.81 17.25
N VAL A 189 14.81 3.01 15.95
CA VAL A 189 13.94 2.23 15.06
C VAL A 189 14.76 1.76 13.85
N PRO A 190 15.10 0.48 13.74
CA PRO A 190 15.88 0.03 12.58
C PRO A 190 15.08 0.19 11.29
N SER A 191 15.79 0.53 10.24
CA SER A 191 15.18 0.74 8.94
C SER A 191 15.44 -0.48 8.08
N ARG A 192 14.37 -1.00 7.50
CA ARG A 192 14.48 -2.12 6.61
C ARG A 192 15.00 -1.69 5.24
N MET A 193 14.45 -0.59 4.71
CA MET A 193 14.81 -0.12 3.38
C MET A 193 16.23 0.43 3.34
N ASN A 194 16.72 0.92 4.48
CA ASN A 194 18.08 1.46 4.58
C ASN A 194 18.83 0.60 5.61
N PRO A 195 19.34 -0.56 5.21
CA PRO A 195 19.85 -1.51 6.21
C PRO A 195 21.03 -0.93 6.99
N GLY A 196 21.10 -1.29 8.26
CA GLY A 196 22.14 -0.75 9.13
C GLY A 196 21.90 0.68 9.58
N GLN A 197 20.83 1.32 9.13
CA GLN A 197 20.52 2.67 9.55
C GLN A 197 19.28 2.68 10.44
N PHE A 198 19.16 3.73 11.25
CA PHE A 198 18.10 3.83 12.24
C PHE A 198 17.44 5.20 12.22
N TYR A 199 16.17 5.21 12.59
CA TYR A 199 15.55 6.44 13.06
C TYR A 199 15.65 6.46 14.59
N ALA A 200 15.41 7.65 15.17
CA ALA A 200 15.14 7.74 16.59
C ALA A 200 13.73 8.25 16.80
N LEU A 201 13.12 7.85 17.94
CA LEU A 201 11.91 8.49 18.41
C LEU A 201 12.29 9.82 19.07
N PRO A 202 11.43 10.83 18.99
CA PRO A 202 11.82 12.18 19.41
C PRO A 202 11.82 12.32 20.93
N GLN A 203 12.88 12.91 21.46
CA GLN A 203 12.87 13.34 22.86
C GLN A 203 11.88 14.48 23.07
N SER A 204 11.68 15.31 22.03
CA SER A 204 10.75 16.44 21.98
C SER A 204 10.73 16.96 20.55
N PRO A 205 9.84 17.88 20.22
CA PRO A 205 9.86 18.46 18.86
C PRO A 205 10.87 19.59 18.65
N GLN A 206 11.89 19.66 19.52
CA GLN A 206 12.77 20.83 19.57
CA GLN A 206 12.75 20.84 19.56
C GLN A 206 13.30 21.24 18.18
N THR A 207 13.89 20.29 17.46
CA THR A 207 14.45 20.65 16.17
C THR A 207 13.39 21.20 15.22
N PHE A 208 12.24 20.50 15.11
CA PHE A 208 11.23 20.90 14.14
C PHE A 208 10.50 22.16 14.58
N LYS A 209 10.30 22.37 15.87
CA LYS A 209 9.61 23.59 16.23
C LYS A 209 10.46 24.82 15.96
N GLN A 210 11.78 24.69 16.07
CA GLN A 210 12.63 25.81 15.66
C GLN A 210 12.59 25.99 14.15
N LEU A 211 12.62 24.89 13.38
CA LEU A 211 12.48 25.02 11.94
C LEU A 211 11.16 25.66 11.55
N LEU A 212 10.09 25.43 12.31
CA LEU A 212 8.82 26.07 11.99
C LEU A 212 8.87 27.58 12.21
N MET A 213 9.73 28.06 13.12
CA MET A 213 9.90 29.50 13.28
C MET A 213 10.69 30.08 12.10
N VAL A 214 11.75 29.39 11.66
CA VAL A 214 12.43 29.78 10.43
C VAL A 214 11.44 29.81 9.26
N GLY A 215 10.45 28.91 9.28
CA GLY A 215 9.45 28.75 8.25
C GLY A 215 8.29 29.70 8.32
N GLY A 216 8.30 30.64 9.27
CA GLY A 216 7.31 31.70 9.32
C GLY A 216 5.99 31.37 9.98
N MET A 217 5.91 30.26 10.73
CA MET A 217 4.63 29.84 11.32
C MET A 217 4.19 30.72 12.50
N ASP A 218 5.09 31.51 13.09
CA ASP A 218 4.79 32.56 14.08
C ASP A 218 4.33 32.07 15.46
N LYS A 219 3.36 31.17 15.50
CA LYS A 219 2.84 30.62 16.76
C LYS A 219 2.48 29.17 16.51
N TYR A 220 3.20 28.27 17.14
CA TYR A 220 3.04 26.84 16.97
C TYR A 220 2.74 26.18 18.31
N PHE A 221 1.92 25.13 18.29
CA PHE A 221 1.83 24.27 19.47
C PHE A 221 1.54 22.84 19.03
N GLN A 222 1.67 21.95 20.00
CA GLN A 222 1.42 20.54 19.79
C GLN A 222 1.30 19.89 21.15
N ILE A 223 0.24 19.09 21.35
CA ILE A 223 0.19 18.13 22.45
C ILE A 223 0.72 16.81 21.89
N VAL A 224 1.86 16.36 22.38
CA VAL A 224 2.69 15.43 21.63
C VAL A 224 3.38 14.45 22.57
N LYS A 225 3.47 13.19 22.15
CA LYS A 225 4.23 12.18 22.86
C LYS A 225 5.72 12.40 22.67
N CYS A 226 6.47 12.23 23.75
CA CYS A 226 7.92 12.30 23.76
C CYS A 226 8.45 10.99 24.33
N PHE A 227 9.69 10.66 24.00
CA PHE A 227 10.22 9.34 24.28
C PHE A 227 11.64 9.48 24.81
N ARG A 228 11.91 8.89 25.97
CA ARG A 228 13.23 8.99 26.57
C ARG A 228 13.55 7.68 27.27
N ASP A 229 14.69 7.09 26.93
CA ASP A 229 15.10 5.79 27.46
C ASP A 229 16.12 6.02 28.57
N GLU A 230 15.58 6.46 29.70
CA GLU A 230 16.31 6.81 30.91
C GLU A 230 15.81 5.97 32.07
N ASP A 231 16.45 6.13 33.22
CA ASP A 231 16.01 5.42 34.42
C ASP A 231 14.59 5.83 34.75
N LEU A 232 13.73 4.84 34.99
CA LEU A 232 12.35 5.09 35.34
C LEU A 232 12.28 4.98 36.86
N ARG A 233 12.34 6.13 37.52
CA ARG A 233 12.46 6.18 38.98
C ARG A 233 11.09 6.23 39.61
N ALA A 234 10.63 7.43 39.94
CA ALA A 234 9.31 7.65 40.50
C ALA A 234 8.48 8.38 39.45
N ASP A 235 7.38 7.75 39.03
CA ASP A 235 6.43 8.36 38.10
C ASP A 235 7.09 8.71 36.77
N ARG A 236 7.99 7.85 36.31
CA ARG A 236 8.72 8.09 35.08
C ARG A 236 8.41 7.00 34.08
N GLN A 237 7.73 7.39 33.02
CA GLN A 237 7.30 6.59 31.89
C GLN A 237 8.26 6.75 30.72
N PRO A 238 8.52 5.69 29.96
CA PRO A 238 9.38 5.86 28.77
C PRO A 238 8.75 6.73 27.68
N GLU A 239 7.43 6.82 27.64
CA GLU A 239 6.75 7.75 26.75
C GLU A 239 5.83 8.60 27.61
N PHE A 240 5.75 9.89 27.27
CA PHE A 240 5.06 10.86 28.12
C PHE A 240 4.61 11.98 27.21
N THR A 241 3.67 12.80 27.71
CA THR A 241 3.03 13.79 26.84
C THR A 241 3.39 15.20 27.26
N GLN A 242 3.67 16.05 26.27
CA GLN A 242 3.98 17.45 26.49
C GLN A 242 3.01 18.36 25.75
N ILE A 243 2.82 19.57 26.28
CA ILE A 243 2.30 20.68 25.49
C ILE A 243 3.51 21.46 25.01
N ASP A 244 3.85 21.35 23.72
CA ASP A 244 5.05 21.96 23.18
C ASP A 244 4.69 23.21 22.38
N CYS A 245 5.33 24.33 22.68
CA CYS A 245 4.93 25.60 22.07
C CYS A 245 6.14 26.39 21.64
N GLU A 246 5.98 27.18 20.58
CA GLU A 246 7.06 28.04 20.12
C GLU A 246 6.43 29.26 19.45
N MET A 247 7.05 30.42 19.67
CA MET A 247 6.54 31.69 19.20
C MET A 247 7.70 32.52 18.64
N ALA A 248 7.39 33.36 17.66
CA ALA A 248 8.36 34.23 17.03
C ALA A 248 8.15 35.67 17.49
N PHE A 249 9.23 36.45 17.37
CA PHE A 249 9.22 37.89 17.68
C PHE A 249 8.65 38.18 19.06
N VAL A 250 9.13 37.44 20.05
CA VAL A 250 8.63 37.58 21.41
C VAL A 250 9.77 37.92 22.35
N GLU A 251 9.43 38.67 23.39
CA GLU A 251 10.25 38.82 24.58
C GLU A 251 9.76 37.84 25.64
N GLN A 252 10.62 37.61 26.63
CA GLN A 252 10.28 36.77 27.77
C GLN A 252 8.92 37.13 28.33
N GLU A 253 8.65 38.42 28.45
CA GLU A 253 7.39 38.86 29.04
C GLU A 253 6.21 38.39 28.21
N ASP A 254 6.34 38.40 26.89
CA ASP A 254 5.25 37.93 26.02
C ASP A 254 5.00 36.45 26.24
N VAL A 255 6.06 35.62 26.28
CA VAL A 255 5.84 34.18 26.45
C VAL A 255 5.16 33.90 27.79
N MET A 256 5.62 34.55 28.85
CA MET A 256 5.04 34.32 30.17
C MET A 256 3.60 34.75 30.23
N ASN A 257 3.26 35.92 29.66
CA ASN A 257 1.88 36.40 29.73
C ASN A 257 0.92 35.45 29.03
N ILE A 258 1.26 34.99 27.82
CA ILE A 258 0.39 34.07 27.08
C ILE A 258 0.08 32.83 27.91
N PHE A 259 1.13 32.18 28.40
CA PHE A 259 0.93 30.93 29.10
C PHE A 259 0.47 31.12 30.52
N GLU A 260 0.68 32.32 31.09
CA GLU A 260 -0.03 32.64 32.32
C GLU A 260 -1.53 32.73 32.10
N GLY A 261 -1.94 33.38 30.99
CA GLY A 261 -3.35 33.44 30.66
C GLY A 261 -3.99 32.07 30.48
N LEU A 262 -3.28 31.15 29.81
CA LEU A 262 -3.78 29.79 29.66
C LEU A 262 -3.95 29.12 31.02
N THR A 263 -2.92 29.23 31.88
CA THR A 263 -2.99 28.57 33.17
C THR A 263 -4.11 29.16 34.02
N GLN A 264 -4.26 30.50 34.00
CA GLN A 264 -5.40 31.13 34.66
C GLN A 264 -6.73 30.59 34.13
N ASN A 265 -6.85 30.43 32.81
CA ASN A 265 -8.07 29.87 32.23
C ASN A 265 -8.38 28.50 32.80
N LEU A 266 -7.36 27.61 32.87
CA LEU A 266 -7.57 26.28 33.43
C LEU A 266 -7.94 26.33 34.91
N LEU A 267 -7.22 27.14 35.68
CA LEU A 267 -7.49 27.20 37.12
C LEU A 267 -8.88 27.74 37.39
N LYS A 268 -9.27 28.81 36.70
CA LYS A 268 -10.57 29.42 36.91
C LYS A 268 -11.68 28.41 36.67
N ASP A 269 -11.57 27.61 35.61
CA ASP A 269 -12.57 26.60 35.32
C ASP A 269 -12.56 25.49 36.36
N ILE A 270 -11.37 25.11 36.82
CA ILE A 270 -11.27 23.97 37.73
C ILE A 270 -11.62 24.38 39.16
N ALA A 271 -11.27 25.60 39.58
CA ALA A 271 -11.47 26.05 40.95
C ALA A 271 -12.65 26.99 41.11
N GLY A 272 -13.22 27.50 40.03
CA GLY A 272 -14.30 28.46 40.17
C GLY A 272 -13.85 29.84 40.62
N GLN A 273 -12.55 30.06 40.69
CA GLN A 273 -11.96 31.31 41.15
C GLN A 273 -11.03 31.87 40.09
N GLU A 274 -11.15 33.16 39.81
CA GLU A 274 -10.13 33.81 39.00
C GLU A 274 -8.85 33.93 39.82
N PHE A 275 -7.73 33.82 39.13
CA PHE A 275 -6.45 34.00 39.78
C PHE A 275 -5.85 35.26 39.20
N GLY A 276 -5.21 36.06 40.06
CA GLY A 276 -4.57 37.28 39.64
C GLY A 276 -3.19 37.01 39.08
N LYS A 277 -2.43 38.10 38.93
CA LYS A 277 -1.07 37.98 38.41
C LYS A 277 -0.27 36.98 39.24
N PHE A 278 0.51 36.17 38.56
CA PHE A 278 1.30 35.16 39.24
C PHE A 278 2.51 35.82 39.89
N PRO A 279 2.83 35.48 41.12
CA PRO A 279 4.09 35.98 41.70
C PRO A 279 5.27 35.42 40.92
N ARG A 280 6.38 36.16 40.96
CA ARG A 280 7.64 35.79 40.33
C ARG A 280 8.77 35.81 41.34
N MET A 281 9.59 34.77 41.35
CA MET A 281 10.81 34.76 42.16
C MET A 281 12.02 34.53 41.26
N THR A 282 13.13 35.16 41.59
CA THR A 282 14.37 34.78 40.94
C THR A 282 14.82 33.41 41.44
N PHE A 283 15.68 32.77 40.65
CA PHE A 283 16.30 31.52 41.08
C PHE A 283 16.99 31.67 42.44
N ALA A 284 17.72 32.77 42.63
CA ALA A 284 18.44 32.99 43.88
C ALA A 284 17.48 33.16 45.05
N GLU A 285 16.38 33.90 44.85
CA GLU A 285 15.40 34.06 45.93
C GLU A 285 14.75 32.74 46.31
N ALA A 286 14.40 31.92 45.31
CA ALA A 286 13.75 30.64 45.60
C ALA A 286 14.69 29.70 46.34
N MET A 287 15.94 29.60 45.88
CA MET A 287 16.91 28.73 46.55
C MET A 287 17.17 29.19 47.99
N LYS A 288 17.21 30.50 48.21
CA LYS A 288 17.53 31.01 49.55
C LYS A 288 16.38 30.83 50.54
N LYS A 289 15.14 31.08 50.09
CA LYS A 289 13.96 31.03 50.93
C LYS A 289 13.37 29.64 51.07
N TYR A 290 13.48 28.79 50.04
CA TYR A 290 12.82 27.49 50.10
C TYR A 290 13.76 26.32 49.81
N GLY A 291 15.01 26.58 49.42
CA GLY A 291 15.94 25.50 49.16
C GLY A 291 15.75 24.73 47.89
N ASN A 292 14.94 25.23 46.96
CA ASN A 292 14.77 24.56 45.67
C ASN A 292 14.26 25.58 44.67
N ASP A 293 14.28 25.20 43.37
CA ASP A 293 13.86 26.15 42.34
C ASP A 293 12.46 25.85 41.81
N LYS A 294 11.64 25.10 42.55
CA LYS A 294 10.23 24.90 42.21
C LYS A 294 9.42 24.89 43.51
N PRO A 295 9.29 26.05 44.13
CA PRO A 295 8.80 26.06 45.52
C PRO A 295 7.28 25.95 45.65
N ASP A 296 6.86 25.26 46.70
CA ASP A 296 5.47 25.24 47.16
C ASP A 296 5.32 26.37 48.17
N ILE A 297 4.66 27.46 47.77
CA ILE A 297 4.56 28.65 48.61
C ILE A 297 3.20 28.73 49.33
N ARG A 298 2.44 27.62 49.39
CA ARG A 298 1.14 27.67 50.04
C ARG A 298 1.23 27.66 51.56
N PHE A 299 2.38 27.34 52.14
CA PHE A 299 2.52 27.32 53.58
C PHE A 299 3.86 27.96 53.92
N GLY A 300 4.09 28.12 55.23
CA GLY A 300 5.22 28.88 55.70
C GLY A 300 6.49 28.05 55.81
N MET A 301 7.05 28.01 57.03
CA MET A 301 8.34 27.36 57.26
C MET A 301 9.42 27.84 56.28
N GLU A 302 9.43 29.13 55.96
CA GLU A 302 10.48 29.68 55.12
CA GLU A 302 10.48 29.68 55.12
C GLU A 302 11.84 29.57 55.82
N PHE A 303 12.91 29.55 55.01
CA PHE A 303 14.27 29.39 55.52
C PHE A 303 14.77 30.66 56.19
N HIS A 304 15.45 30.51 57.32
CA HIS A 304 16.21 31.59 57.93
C HIS A 304 17.65 31.14 58.11
N GLU A 305 18.58 31.86 57.50
CA GLU A 305 20.00 31.59 57.64
C GLU A 305 20.50 32.22 58.95
N LEU A 306 21.36 31.50 59.66
CA LEU A 306 21.69 31.81 61.05
C LEU A 306 23.17 32.04 61.30
N ASN A 307 24.01 32.10 60.24
CA ASN A 307 25.46 32.12 60.40
C ASN A 307 25.92 33.17 61.40
N ASP A 308 25.50 34.42 61.21
CA ASP A 308 25.98 35.50 62.07
C ASP A 308 25.52 35.32 63.52
N LEU A 309 24.36 34.69 63.72
CA LEU A 309 23.88 34.53 65.09
C LEU A 309 24.49 33.34 65.82
N VAL A 310 25.07 32.37 65.12
CA VAL A 310 25.49 31.13 65.78
C VAL A 310 27.00 30.91 65.77
N LYS A 311 27.74 31.50 64.82
CA LYS A 311 29.18 31.22 64.71
C LYS A 311 29.97 31.98 65.77
N GLY A 312 31.10 31.38 66.19
CA GLY A 312 32.01 31.98 67.16
C GLY A 312 31.68 31.67 68.61
N LYS A 313 30.79 30.71 68.86
CA LYS A 313 30.32 30.37 70.20
C LYS A 313 30.74 28.97 70.62
N ASP A 314 31.79 28.42 70.00
CA ASP A 314 32.43 27.14 70.33
C ASP A 314 31.61 25.91 69.97
N PHE A 315 30.56 26.02 69.18
CA PHE A 315 29.87 24.83 68.69
C PHE A 315 30.49 24.47 67.34
N LYS A 316 31.37 23.45 67.33
CA LYS A 316 32.22 23.20 66.17
C LYS A 316 31.39 22.95 64.91
N ILE A 317 30.29 22.20 65.04
CA ILE A 317 29.46 21.89 63.88
C ILE A 317 29.01 23.16 63.16
N PHE A 318 28.50 24.15 63.90
CA PHE A 318 28.07 25.39 63.27
C PHE A 318 29.26 26.22 62.80
N ASP A 319 30.38 26.17 63.55
CA ASP A 319 31.58 26.93 63.18
C ASP A 319 32.13 26.49 61.83
N GLU A 320 32.17 25.18 61.57
CA GLU A 320 32.78 24.67 60.35
C GLU A 320 31.84 24.64 59.15
N ALA A 321 30.54 24.82 59.35
CA ALA A 321 29.60 24.69 58.24
C ALA A 321 29.59 25.96 57.40
N GLU A 322 29.48 25.76 56.09
CA GLU A 322 29.31 26.89 55.19
C GLU A 322 28.03 27.65 55.48
N LEU A 323 26.94 26.93 55.77
CA LEU A 323 25.64 27.56 55.97
C LEU A 323 24.93 26.85 57.11
N VAL A 324 24.43 27.65 58.06
CA VAL A 324 23.53 27.20 59.12
C VAL A 324 22.18 27.79 58.79
N VAL A 325 21.15 26.93 58.66
CA VAL A 325 19.86 27.41 58.20
C VAL A 325 18.76 26.54 58.79
N GLY A 326 17.61 27.16 59.10
CA GLY A 326 16.53 26.44 59.73
C GLY A 326 15.15 26.94 59.36
N ILE A 327 14.14 26.25 59.91
CA ILE A 327 12.73 26.59 59.73
C ILE A 327 12.05 26.62 61.10
N ASN A 328 10.98 27.41 61.19
CA ASN A 328 10.16 27.48 62.40
C ASN A 328 8.90 26.67 62.14
N VAL A 329 8.71 25.59 62.90
CA VAL A 329 7.55 24.71 62.79
C VAL A 329 6.55 25.15 63.86
N GLU A 330 5.52 25.88 63.45
CA GLU A 330 4.60 26.52 64.39
C GLU A 330 3.78 25.52 65.18
N GLY A 331 3.63 25.79 66.48
CA GLY A 331 2.79 24.99 67.36
C GLY A 331 3.36 23.66 67.76
N CYS A 332 4.64 23.38 67.49
CA CYS A 332 5.16 22.05 67.77
C CYS A 332 6.20 22.04 68.89
N ALA A 333 6.24 23.07 69.73
CA ALA A 333 7.21 23.07 70.82
C ALA A 333 7.04 21.90 71.78
N GLU A 334 5.84 21.34 71.89
CA GLU A 334 5.62 20.21 72.78
C GLU A 334 5.98 18.85 72.15
N TYR A 335 6.58 18.83 70.95
CA TYR A 335 7.07 17.57 70.40
C TYR A 335 7.97 16.83 71.38
N THR A 336 7.77 15.52 71.47
CA THR A 336 8.51 14.68 72.40
C THR A 336 9.88 14.33 71.85
N ARG A 337 10.70 13.73 72.71
CA ARG A 337 12.02 13.28 72.26
C ARG A 337 11.90 12.21 71.18
N LYS A 338 10.91 11.32 71.31
CA LYS A 338 10.70 10.32 70.26
C LYS A 338 10.36 10.97 68.94
N GLN A 339 9.50 11.99 68.96
CA GLN A 339 9.15 12.69 67.73
C GLN A 339 10.35 13.43 67.12
N ILE A 340 11.18 14.07 67.96
CA ILE A 340 12.35 14.76 67.44
C ILE A 340 13.34 13.76 66.86
N ASP A 341 13.60 12.66 67.59
CA ASP A 341 14.51 11.62 67.10
C ASP A 341 13.99 10.99 65.81
N GLU A 342 12.67 10.87 65.68
CA GLU A 342 12.09 10.34 64.45
C GLU A 342 12.41 11.23 63.27
N LEU A 343 12.28 12.56 63.43
CA LEU A 343 12.65 13.48 62.38
C LEU A 343 14.14 13.42 62.09
N THR A 344 14.96 13.32 63.14
CA THR A 344 16.40 13.23 62.94
C THR A 344 16.76 11.97 62.17
N ASP A 345 16.13 10.85 62.49
CA ASP A 345 16.35 9.62 61.74
C ASP A 345 15.92 9.77 60.30
N TRP A 346 14.78 10.43 60.06
CA TRP A 346 14.25 10.55 58.70
C TRP A 346 15.18 11.34 57.80
N ILE A 347 15.76 12.44 58.30
CA ILE A 347 16.69 13.21 57.47
C ILE A 347 18.05 12.54 57.41
N LYS A 348 18.36 11.61 58.31
CA LYS A 348 19.58 10.85 58.16
C LYS A 348 19.47 9.72 57.12
N ARG A 349 18.28 9.45 56.60
CA ARG A 349 18.15 8.44 55.56
C ARG A 349 19.04 8.82 54.38
N PRO A 350 19.67 7.83 53.71
CA PRO A 350 20.55 8.16 52.58
C PRO A 350 19.89 8.98 51.50
N GLN A 351 18.58 8.81 51.33
CA GLN A 351 17.84 9.64 50.39
C GLN A 351 18.02 11.13 50.66
N ILE A 352 18.15 11.51 51.93
CA ILE A 352 18.29 12.92 52.33
C ILE A 352 19.75 13.29 52.59
N GLY A 353 20.43 12.49 53.42
CA GLY A 353 21.85 12.65 53.61
C GLY A 353 22.25 13.63 54.68
N ALA A 354 21.34 14.03 55.56
CA ALA A 354 21.71 14.95 56.63
C ALA A 354 22.53 14.22 57.70
N THR A 355 23.41 14.96 58.35
CA THR A 355 24.25 14.39 59.40
C THR A 355 23.62 14.54 60.78
N GLY A 356 22.77 15.54 60.98
CA GLY A 356 22.18 15.77 62.30
C GLY A 356 21.23 16.94 62.24
N MET A 357 20.72 17.30 63.42
CA MET A 357 19.76 18.39 63.53
C MET A 357 19.83 19.03 64.91
N VAL A 358 19.74 20.37 64.95
CA VAL A 358 19.60 21.13 66.18
C VAL A 358 18.14 21.58 66.32
N TRP A 359 17.63 21.55 67.54
CA TRP A 359 16.27 22.03 67.76
C TRP A 359 16.24 23.12 68.82
N ILE A 360 15.28 24.02 68.67
CA ILE A 360 15.06 25.12 69.60
C ILE A 360 13.57 25.21 69.91
N LYS A 361 13.23 25.09 71.19
CA LYS A 361 11.85 25.17 71.64
C LYS A 361 11.59 26.54 72.24
N TYR A 362 10.60 27.23 71.70
CA TYR A 362 10.04 28.41 72.35
C TYR A 362 8.85 27.93 73.16
N GLN A 363 9.08 27.64 74.45
CA GLN A 363 8.05 27.01 75.25
C GLN A 363 6.87 27.97 75.45
N ALA A 364 5.70 27.39 75.74
CA ALA A 364 4.49 28.19 75.96
C ALA A 364 4.65 29.11 77.18
N ASP A 365 5.50 28.76 78.14
CA ASP A 365 5.72 29.66 79.28
C ASP A 365 6.77 30.71 78.98
N GLY A 366 7.23 30.81 77.72
CA GLY A 366 8.17 31.84 77.34
C GLY A 366 9.64 31.47 77.40
N ILE A 367 9.99 30.32 77.96
CA ILE A 367 11.40 29.96 78.03
C ILE A 367 11.86 29.41 76.68
N VAL A 368 12.94 29.94 76.15
CA VAL A 368 13.56 29.37 74.96
C VAL A 368 14.65 28.42 75.42
N THR A 369 14.55 27.15 75.01
CA THR A 369 15.54 26.14 75.33
C THR A 369 15.91 25.40 74.05
N SER A 370 16.98 24.62 74.09
CA SER A 370 17.50 24.02 72.86
C SER A 370 18.22 22.71 73.18
N SER A 371 18.70 22.05 72.14
CA SER A 371 19.60 20.92 72.27
C SER A 371 21.06 21.34 72.35
N VAL A 372 21.35 22.64 72.38
CA VAL A 372 22.73 23.13 72.46
C VAL A 372 22.87 24.21 73.53
N ASN A 373 22.20 24.04 74.68
CA ASN A 373 22.27 25.03 75.75
C ASN A 373 23.67 25.18 76.31
N LYS A 374 24.51 24.17 76.15
CA LYS A 374 25.90 24.28 76.60
C LYS A 374 26.63 25.40 75.86
N PHE A 375 26.16 25.77 74.66
CA PHE A 375 26.85 26.77 73.84
C PHE A 375 26.07 28.06 73.70
N TYR A 376 24.75 28.05 73.87
CA TYR A 376 23.93 29.23 73.65
C TYR A 376 23.04 29.43 74.88
N ASN A 377 23.08 30.62 75.48
CA ASN A 377 22.28 30.89 76.65
C ASN A 377 20.89 31.38 76.23
N GLU A 378 20.06 31.73 77.21
CA GLU A 378 18.66 32.06 76.89
C GLU A 378 18.55 33.29 75.99
N GLU A 379 19.39 34.30 76.22
CA GLU A 379 19.35 35.51 75.40
C GLU A 379 19.81 35.23 73.97
N ASP A 380 20.80 34.38 73.79
CA ASP A 380 21.24 33.98 72.46
C ASP A 380 20.09 33.28 71.72
N LEU A 381 19.45 32.32 72.41
CA LEU A 381 18.35 31.57 71.81
C LEU A 381 17.17 32.49 71.48
N LYS A 382 16.94 33.50 72.33
CA LYS A 382 15.84 34.44 72.11
C LYS A 382 16.05 35.27 70.85
N LYS A 383 17.28 35.71 70.60
CA LYS A 383 17.57 36.44 69.37
C LYS A 383 17.36 35.55 68.13
N ILE A 384 17.67 34.25 68.24
CA ILE A 384 17.37 33.35 67.12
C ILE A 384 15.87 33.24 66.92
N ALA A 385 15.10 33.07 68.00
CA ALA A 385 13.65 33.02 67.86
C ALA A 385 13.12 34.31 67.23
N GLU A 386 13.72 35.44 67.58
CA GLU A 386 13.34 36.72 67.00
C GLU A 386 13.68 36.78 65.52
N GLU A 387 14.82 36.21 65.12
CA GLU A 387 15.12 36.13 63.70
C GLU A 387 14.03 35.35 62.96
N PHE A 388 13.54 34.27 63.55
CA PHE A 388 12.44 33.53 62.93
C PHE A 388 11.09 34.20 63.04
N GLY A 389 10.94 35.21 63.90
CA GLY A 389 9.59 35.64 64.23
C GLY A 389 8.79 34.56 64.93
N ALA A 390 9.46 33.68 65.66
CA ALA A 390 8.78 32.60 66.35
C ALA A 390 8.05 33.13 67.58
N LYS A 391 7.06 32.37 68.01
CA LYS A 391 6.19 32.71 69.13
C LYS A 391 6.17 31.54 70.09
N PRO A 392 5.78 31.77 71.34
CA PRO A 392 5.66 30.67 72.31
C PRO A 392 4.80 29.55 71.74
N GLY A 393 5.29 28.32 71.89
CA GLY A 393 4.68 27.16 71.28
C GLY A 393 5.37 26.68 70.02
N ASP A 394 6.33 27.43 69.49
CA ASP A 394 6.94 27.07 68.21
C ASP A 394 8.19 26.20 68.42
N LEU A 395 8.52 25.43 67.37
CA LEU A 395 9.72 24.60 67.33
C LEU A 395 10.54 24.93 66.09
N MET A 396 11.78 25.35 66.31
CA MET A 396 12.72 25.64 65.24
C MET A 396 13.66 24.47 65.06
N LEU A 397 13.86 24.07 63.80
CA LEU A 397 14.74 22.97 63.42
C LEU A 397 15.85 23.53 62.54
N VAL A 398 17.09 23.21 62.88
CA VAL A 398 18.26 23.84 62.28
C VAL A 398 19.20 22.79 61.71
N LEU A 399 19.57 22.93 60.45
CA LEU A 399 20.57 22.10 59.80
C LEU A 399 21.79 22.94 59.48
N SER A 400 22.88 22.26 59.15
CA SER A 400 24.07 22.97 58.71
C SER A 400 24.86 22.10 57.74
N GLY A 401 25.63 22.75 56.88
CA GLY A 401 26.49 22.03 55.95
C GLY A 401 26.85 22.91 54.76
N ASN A 402 27.25 22.24 53.69
CA ASN A 402 27.51 22.94 52.43
C ASN A 402 26.23 23.56 51.91
N GLU A 403 26.37 24.73 51.29
CA GLU A 403 25.22 25.59 50.96
C GLU A 403 24.16 24.84 50.18
N ASN A 404 24.55 24.22 49.05
CA ASN A 404 23.54 23.58 48.22
C ASN A 404 23.00 22.32 48.87
N LYS A 405 23.89 21.58 49.53
CA LYS A 405 23.51 20.31 50.14
C LYS A 405 22.50 20.53 51.27
N VAL A 406 22.76 21.52 52.13
CA VAL A 406 21.91 21.70 53.31
C VAL A 406 20.60 22.38 52.92
N ARG A 407 20.59 23.19 51.88
CA ARG A 407 19.33 23.74 51.41
C ARG A 407 18.40 22.64 50.88
N ALA A 408 18.96 21.65 50.18
CA ALA A 408 18.13 20.55 49.70
C ALA A 408 17.63 19.69 50.84
N GLN A 409 18.47 19.44 51.83
CA GLN A 409 18.05 18.66 52.99
C GLN A 409 16.93 19.36 53.74
N LEU A 410 17.11 20.65 54.02
CA LEU A 410 16.10 21.40 54.75
C LEU A 410 14.82 21.51 53.94
N SER A 411 14.95 21.58 52.59
CA SER A 411 13.76 21.61 51.74
C SER A 411 12.99 20.31 51.82
N ALA A 412 13.69 19.17 51.81
CA ALA A 412 13.01 17.89 51.98
C ALA A 412 12.29 17.84 53.32
N LEU A 413 12.95 18.29 54.39
CA LEU A 413 12.33 18.29 55.71
C LEU A 413 11.13 19.22 55.75
N ARG A 414 11.25 20.41 55.16
CA ARG A 414 10.12 21.36 55.13
C ARG A 414 8.90 20.74 54.43
N MET A 415 9.12 20.12 53.26
CA MET A 415 8.01 19.54 52.51
C MET A 415 7.42 18.34 53.22
N GLU A 416 8.27 17.52 53.83
CA GLU A 416 7.77 16.37 54.57
C GLU A 416 6.92 16.81 55.75
N LEU A 417 7.34 17.88 56.44
CA LEU A 417 6.52 18.43 57.51
C LEU A 417 5.25 19.09 56.98
N GLY A 418 5.32 19.72 55.81
CA GLY A 418 4.11 20.31 55.24
C GLY A 418 3.05 19.25 54.97
N ASN A 419 3.46 18.10 54.42
CA ASN A 419 2.52 17.01 54.20
C ASN A 419 1.97 16.49 55.52
N ARG A 420 2.87 16.17 56.47
CA ARG A 420 2.44 15.56 57.74
C ARG A 420 1.52 16.47 58.54
N LEU A 421 1.80 17.75 58.54
CA LEU A 421 0.99 18.64 59.35
C LEU A 421 -0.29 19.07 58.64
N GLY A 422 -0.58 18.50 57.47
CA GLY A 422 -1.80 18.84 56.75
C GLY A 422 -1.82 20.23 56.15
N LEU A 423 -0.65 20.78 55.80
CA LEU A 423 -0.58 22.12 55.24
C LEU A 423 -0.64 22.14 53.70
N ARG A 424 -0.50 20.98 53.04
CA ARG A 424 -0.56 20.91 51.57
C ARG A 424 -1.93 20.33 51.17
N LYS A 425 -2.83 21.19 50.71
CA LYS A 425 -4.20 20.77 50.37
C LYS A 425 -4.40 20.71 48.86
N GLY A 426 -4.92 19.57 48.40
CA GLY A 426 -5.13 19.37 46.97
C GLY A 426 -5.98 20.42 46.28
N ASN A 427 -6.88 21.07 47.02
CA ASN A 427 -7.73 22.08 46.40
C ASN A 427 -7.16 23.49 46.44
N GLU A 428 -5.94 23.69 46.95
CA GLU A 428 -5.34 25.01 46.98
C GLU A 428 -4.23 25.07 45.94
N PHE A 429 -4.16 26.18 45.22
CA PHE A 429 -3.25 26.34 44.09
C PHE A 429 -2.50 27.64 44.24
N ALA A 430 -1.17 27.54 44.16
CA ALA A 430 -0.29 28.71 44.22
C ALA A 430 0.65 28.58 43.03
N PRO A 431 0.30 29.19 41.92
CA PRO A 431 1.22 29.23 40.79
C PRO A 431 2.22 30.37 40.92
N LEU A 432 3.39 30.17 40.31
CA LEU A 432 4.40 31.21 40.26
C LEU A 432 5.36 30.87 39.15
N TRP A 433 6.11 31.89 38.75
CA TRP A 433 7.22 31.76 37.82
C TRP A 433 8.54 31.82 38.59
N VAL A 434 9.49 30.99 38.20
CA VAL A 434 10.86 31.13 38.64
C VAL A 434 11.66 31.61 37.45
N ILE A 435 12.38 32.73 37.60
CA ILE A 435 13.06 33.38 36.49
C ILE A 435 14.50 33.68 36.90
N ASP A 436 15.25 34.28 35.98
CA ASP A 436 16.61 34.80 36.25
C ASP A 436 17.57 33.72 36.74
N PHE A 437 17.50 32.54 36.11
CA PHE A 437 18.50 31.51 36.34
C PHE A 437 19.85 32.03 35.88
N PRO A 438 20.94 31.64 36.55
CA PRO A 438 22.27 31.95 36.02
C PRO A 438 22.48 31.33 34.65
N LEU A 439 23.07 32.10 33.74
CA LEU A 439 23.31 31.57 32.41
C LEU A 439 24.38 30.48 32.45
N LEU A 440 25.44 30.71 33.22
CA LEU A 440 26.57 29.79 33.29
C LEU A 440 26.87 29.50 34.76
N GLU A 441 27.65 28.44 34.99
CA GLU A 441 28.13 28.15 36.33
C GLU A 441 29.65 27.95 36.27
N TRP A 442 30.34 28.64 37.16
CA TRP A 442 31.81 28.68 37.16
C TRP A 442 32.40 27.66 38.11
N ASP A 443 33.46 27.00 37.65
CA ASP A 443 34.21 26.08 38.51
C ASP A 443 35.58 26.69 38.75
N GLU A 444 35.86 27.03 40.01
CA GLU A 444 37.09 27.74 40.34
C GLU A 444 38.32 26.89 40.10
N ASP A 445 38.29 25.62 40.54
CA ASP A 445 39.46 24.74 40.45
C ASP A 445 39.95 24.61 39.02
N THR A 446 39.04 24.37 38.08
CA THR A 446 39.44 24.14 36.70
C THR A 446 39.31 25.37 35.82
N GLN A 447 38.82 26.48 36.36
CA GLN A 447 38.63 27.69 35.57
C GLN A 447 37.76 27.42 34.34
N ARG A 448 36.62 26.75 34.56
CA ARG A 448 35.72 26.39 33.47
C ARG A 448 34.32 26.89 33.75
N TYR A 449 33.64 27.32 32.69
CA TYR A 449 32.21 27.57 32.70
C TYR A 449 31.51 26.34 32.15
N HIS A 450 30.38 25.98 32.73
CA HIS A 450 29.53 24.93 32.20
CA HIS A 450 29.54 24.95 32.15
C HIS A 450 28.13 25.49 31.99
N ALA A 451 27.53 25.16 30.84
CA ALA A 451 26.20 25.65 30.50
C ALA A 451 25.15 25.05 31.41
N MET A 452 24.24 25.90 31.87
CA MET A 452 23.10 25.44 32.62
C MET A 452 21.86 25.22 31.74
N HIS A 453 21.87 25.74 30.51
CA HIS A 453 20.75 25.62 29.61
C HIS A 453 21.28 25.19 28.25
N HIS A 454 20.39 25.03 27.30
CA HIS A 454 20.81 24.74 25.93
C HIS A 454 21.71 25.86 25.41
N PRO A 455 22.74 25.53 24.64
CA PRO A 455 23.66 26.59 24.14
C PRO A 455 23.01 27.66 23.31
N PHE A 456 21.80 27.47 22.77
CA PHE A 456 21.10 28.53 22.05
C PHE A 456 20.31 29.46 22.97
N THR A 457 20.32 29.23 24.28
CA THR A 457 19.53 30.03 25.20
C THR A 457 20.06 31.46 25.27
N SER A 458 19.18 32.40 25.18
CA SER A 458 19.68 33.77 25.16
C SER A 458 19.99 34.27 26.57
N PRO A 459 21.06 35.05 26.73
CA PRO A 459 21.20 35.87 27.94
C PRO A 459 20.13 36.94 27.94
N LYS A 460 19.73 37.38 29.13
CA LYS A 460 18.83 38.51 29.19
C LYS A 460 19.47 39.66 28.42
N PRO A 461 18.70 40.38 27.61
CA PRO A 461 19.28 41.52 26.86
C PRO A 461 20.14 42.46 27.69
N GLU A 462 19.70 42.82 28.89
CA GLU A 462 20.49 43.75 29.69
C GLU A 462 21.76 43.12 30.27
N ASP A 463 21.99 41.83 30.08
CA ASP A 463 23.18 41.19 30.60
C ASP A 463 24.19 40.87 29.52
N ILE A 464 23.88 41.18 28.27
CA ILE A 464 24.81 40.82 27.19
C ILE A 464 26.14 41.54 27.39
N HIS A 465 26.11 42.77 27.89
CA HIS A 465 27.36 43.50 28.14
C HIS A 465 28.24 42.80 29.16
N LEU A 466 27.67 41.89 29.96
CA LEU A 466 28.46 41.19 30.97
C LEU A 466 29.29 40.05 30.39
N LEU A 467 29.03 39.61 29.16
CA LEU A 467 29.67 38.39 28.66
C LEU A 467 31.17 38.57 28.44
N GLU A 468 31.61 39.77 28.07
CA GLU A 468 33.02 39.98 27.72
C GLU A 468 33.95 39.65 28.90
N ASN A 469 33.64 40.15 30.09
CA ASN A 469 34.53 39.99 31.24
C ASN A 469 33.86 39.43 32.49
N GLU A 470 32.54 39.57 32.65
CA GLU A 470 31.90 39.06 33.85
C GLU A 470 30.78 38.06 33.52
N ALA A 471 31.07 37.07 32.68
CA ALA A 471 30.03 36.15 32.19
C ALA A 471 29.34 35.41 33.34
N GLY A 472 30.03 35.23 34.47
CA GLY A 472 29.44 34.50 35.56
C GLY A 472 28.25 35.20 36.18
N LYS A 473 28.07 36.49 35.92
CA LYS A 473 26.94 37.24 36.46
C LYS A 473 25.75 37.33 35.53
N ALA A 474 25.85 36.76 34.32
CA ALA A 474 24.77 36.86 33.34
C ALA A 474 23.64 35.92 33.71
N ARG A 475 22.41 36.40 33.55
CA ARG A 475 21.18 35.63 33.74
C ARG A 475 20.66 35.13 32.40
N ALA A 476 20.00 33.99 32.43
CA ALA A 476 19.41 33.47 31.21
C ALA A 476 18.02 34.08 31.03
N ASN A 477 17.63 34.22 29.76
CA ASN A 477 16.26 34.59 29.41
C ASN A 477 15.40 33.32 29.46
N ALA A 478 15.16 32.85 30.68
CA ALA A 478 14.49 31.56 30.86
C ALA A 478 13.53 31.66 32.04
N TYR A 479 12.56 30.75 32.05
CA TYR A 479 11.42 30.87 32.96
C TYR A 479 10.84 29.48 33.16
N ASP A 480 10.41 29.19 34.39
CA ASP A 480 9.81 27.94 34.79
C ASP A 480 8.48 28.29 35.44
N LEU A 481 7.41 27.58 35.07
CA LEU A 481 6.11 27.74 35.71
C LEU A 481 5.95 26.64 36.74
N VAL A 482 5.59 27.03 37.97
CA VAL A 482 5.52 26.12 39.11
C VAL A 482 4.14 26.23 39.77
N ILE A 483 3.59 25.09 40.18
CA ILE A 483 2.35 25.08 40.95
C ILE A 483 2.51 24.09 42.09
N ASN A 484 2.40 24.58 43.32
CA ASN A 484 2.37 23.74 44.52
C ASN A 484 3.62 22.89 44.64
N GLY A 485 4.77 23.44 44.24
CA GLY A 485 6.02 22.69 44.30
C GLY A 485 6.25 21.71 43.17
N ASN A 486 5.41 21.73 42.14
CA ASN A 486 5.56 20.87 40.97
C ASN A 486 5.98 21.74 39.80
N GLU A 487 7.03 21.34 39.09
CA GLU A 487 7.38 22.09 37.88
C GLU A 487 6.41 21.70 36.76
N ILE A 488 5.62 22.67 36.30
CA ILE A 488 4.60 22.43 35.30
C ILE A 488 5.16 22.59 33.89
N GLY A 489 6.14 23.48 33.73
CA GLY A 489 6.79 23.64 32.45
C GLY A 489 7.73 24.82 32.46
N GLY A 490 8.41 24.98 31.34
CA GLY A 490 9.37 26.06 31.23
C GLY A 490 9.91 26.13 29.83
N GLY A 491 10.73 27.16 29.61
CA GLY A 491 11.36 27.35 28.34
C GLY A 491 12.23 28.58 28.39
N SER A 492 12.57 29.09 27.22
CA SER A 492 13.46 30.22 27.16
C SER A 492 13.33 30.93 25.83
N ILE A 493 13.87 32.15 25.79
CA ILE A 493 14.09 32.90 24.57
C ILE A 493 15.41 32.45 23.97
N ARG A 494 15.44 32.28 22.65
CA ARG A 494 16.59 31.76 21.92
C ARG A 494 17.38 32.89 21.26
N ILE A 495 18.63 32.59 20.95
CA ILE A 495 19.51 33.52 20.24
C ILE A 495 19.15 33.52 18.77
N PHE A 496 19.05 34.70 18.17
CA PHE A 496 18.89 34.81 16.72
C PHE A 496 20.07 35.54 16.06
N ASP A 497 20.98 36.09 16.85
CA ASP A 497 22.13 36.82 16.38
C ASP A 497 23.33 35.89 16.25
N LYS A 498 23.79 35.72 15.02
CA LYS A 498 24.84 34.75 14.72
C LYS A 498 26.11 35.04 15.52
N ASP A 499 26.42 36.31 15.73
CA ASP A 499 27.62 36.67 16.49
C ASP A 499 27.47 36.38 17.98
N LEU A 500 26.28 36.65 18.55
CA LEU A 500 26.07 36.31 19.95
C LEU A 500 26.20 34.81 20.17
N GLN A 501 25.67 34.00 19.23
CA GLN A 501 25.75 32.55 19.37
C GLN A 501 27.19 32.06 19.38
N ALA A 502 28.02 32.58 18.46
CA ALA A 502 29.43 32.18 18.42
C ALA A 502 30.14 32.56 19.71
N GLN A 503 29.81 33.74 20.24
CA GLN A 503 30.40 34.17 21.50
C GLN A 503 29.99 33.25 22.65
N MET A 504 28.74 32.80 22.66
CA MET A 504 28.32 31.86 23.69
C MET A 504 29.03 30.53 23.57
N PHE A 505 29.20 30.01 22.34
CA PHE A 505 29.93 28.76 22.16
C PHE A 505 31.37 28.90 22.65
N SER A 506 32.00 30.06 22.42
CA SER A 506 33.36 30.24 22.90
C SER A 506 33.42 30.21 24.42
N LEU A 507 32.50 30.93 25.08
CA LEU A 507 32.46 30.88 26.53
C LEU A 507 32.23 29.46 27.04
N LEU A 508 31.48 28.65 26.31
CA LEU A 508 31.16 27.29 26.75
C LEU A 508 32.26 26.28 26.42
N GLY A 509 33.36 26.70 25.83
CA GLY A 509 34.47 25.81 25.56
C GLY A 509 34.42 25.07 24.24
N PHE A 510 33.56 25.48 23.31
CA PHE A 510 33.51 24.90 21.97
C PHE A 510 34.38 25.72 21.02
N THR A 511 35.24 25.05 20.25
CA THR A 511 35.81 25.71 19.09
C THR A 511 34.70 25.90 18.07
N PRO A 512 34.87 26.79 17.09
CA PRO A 512 33.86 26.91 16.04
C PRO A 512 33.56 25.59 15.35
N GLU A 513 34.58 24.76 15.14
CA GLU A 513 34.37 23.48 14.45
C GLU A 513 33.65 22.47 15.33
N GLU A 514 33.92 22.46 16.64
CA GLU A 514 33.20 21.56 17.53
C GLU A 514 31.73 21.96 17.61
N ALA A 515 31.46 23.27 17.66
CA ALA A 515 30.08 23.71 17.72
C ALA A 515 29.33 23.32 16.46
N GLU A 516 29.99 23.46 15.30
CA GLU A 516 29.34 23.07 14.05
C GLU A 516 29.07 21.57 14.03
N ALA A 517 29.98 20.76 14.57
CA ALA A 517 29.83 19.30 14.53
C ALA A 517 28.61 18.85 15.33
N GLN A 518 28.33 19.49 16.46
CA GLN A 518 27.21 19.09 17.30
C GLN A 518 25.91 19.82 16.96
N PHE A 519 26.00 21.07 16.49
CA PHE A 519 24.81 21.90 16.29
C PHE A 519 24.70 22.48 14.88
N GLY A 520 25.47 21.98 13.91
CA GLY A 520 25.54 22.62 12.61
C GLY A 520 24.27 22.64 11.78
N PHE A 521 23.41 21.62 11.93
CA PHE A 521 22.23 21.57 11.06
C PHE A 521 21.32 22.78 11.31
N LEU A 522 21.02 23.07 12.59
CA LEU A 522 20.16 24.20 12.90
C LEU A 522 20.85 25.53 12.64
N MET A 523 22.13 25.65 13.02
CA MET A 523 22.85 26.89 12.73
C MET A 523 22.85 27.19 11.24
N ASN A 524 23.03 26.15 10.42
CA ASN A 524 22.98 26.40 8.98
C ASN A 524 21.58 26.80 8.54
N ALA A 525 20.54 26.17 9.10
CA ALA A 525 19.18 26.56 8.76
C ALA A 525 18.88 28.01 9.15
N PHE A 526 19.38 28.43 10.33
CA PHE A 526 19.09 29.78 10.82
C PHE A 526 19.61 30.86 9.88
N LYS A 527 20.67 30.57 9.10
CA LYS A 527 21.26 31.58 8.22
C LYS A 527 20.33 31.99 7.08
N TYR A 528 19.28 31.21 6.79
CA TYR A 528 18.29 31.57 5.78
C TYR A 528 17.14 32.39 6.34
N GLY A 529 17.24 32.85 7.60
CA GLY A 529 16.26 33.78 8.11
C GLY A 529 15.52 33.37 9.36
N ALA A 530 16.22 32.79 10.34
CA ALA A 530 15.60 32.59 11.64
C ALA A 530 15.18 33.93 12.22
N PRO A 531 13.96 34.05 12.74
CA PRO A 531 13.56 35.26 13.46
C PRO A 531 13.95 35.14 14.92
N PRO A 532 13.84 36.21 15.71
CA PRO A 532 13.79 36.01 17.16
C PRO A 532 12.66 35.02 17.46
N HIS A 533 12.90 34.14 18.43
CA HIS A 533 11.85 33.20 18.82
C HIS A 533 12.15 32.69 20.21
N GLY A 534 11.10 32.24 20.88
CA GLY A 534 11.21 31.64 22.19
C GLY A 534 10.05 30.69 22.38
N GLY A 535 10.18 29.82 23.37
CA GLY A 535 9.16 28.81 23.58
C GLY A 535 8.91 28.39 25.02
N LEU A 536 8.10 27.34 25.16
CA LEU A 536 7.72 26.82 26.47
C LEU A 536 7.08 25.46 26.25
N ALA A 537 7.42 24.50 27.10
CA ALA A 537 6.79 23.20 27.06
C ALA A 537 6.28 22.84 28.45
N PHE A 538 5.04 22.39 28.52
CA PHE A 538 4.44 21.84 29.74
C PHE A 538 4.62 20.34 29.81
N GLY A 539 4.80 19.82 31.04
CA GLY A 539 4.56 18.42 31.29
C GLY A 539 3.07 18.17 31.35
N PHE A 540 2.47 17.59 30.31
CA PHE A 540 1.00 17.48 30.29
C PHE A 540 0.50 16.51 31.35
N ASP A 541 1.13 15.34 31.47
CA ASP A 541 0.74 14.38 32.50
C ASP A 541 0.74 15.02 33.88
N ARG A 542 1.80 15.76 34.18
CA ARG A 542 1.93 16.39 35.49
C ARG A 542 0.94 17.54 35.66
N LEU A 543 0.74 18.33 34.59
CA LEU A 543 -0.21 19.44 34.68
C LEU A 543 -1.61 18.96 35.04
N VAL A 544 -2.07 17.89 34.37
CA VAL A 544 -3.41 17.35 34.63
C VAL A 544 -3.51 16.82 36.06
N ALA A 545 -2.53 16.03 36.49
CA ALA A 545 -2.52 15.51 37.87
C ALA A 545 -2.62 16.65 38.87
N VAL A 546 -1.79 17.68 38.71
CA VAL A 546 -1.77 18.78 39.67
C VAL A 546 -3.11 19.51 39.65
N LEU A 547 -3.66 19.73 38.45
CA LEU A 547 -4.96 20.40 38.38
C LEU A 547 -6.05 19.59 39.06
N ASP A 548 -5.90 18.26 39.09
CA ASP A 548 -6.86 17.38 39.74
C ASP A 548 -6.53 17.18 41.22
N GLY A 549 -5.60 17.97 41.77
CA GLY A 549 -5.23 17.84 43.16
C GLY A 549 -4.39 16.63 43.49
N ASN A 550 -3.70 16.07 42.53
CA ASN A 550 -2.99 14.81 42.69
C ASN A 550 -1.53 15.05 42.35
N GLU A 551 -0.65 14.19 42.86
CA GLU A 551 0.75 14.32 42.48
C GLU A 551 1.35 13.02 41.95
N VAL A 552 0.54 11.98 41.78
CA VAL A 552 0.94 10.76 41.09
C VAL A 552 0.32 10.78 39.69
N ILE A 553 1.16 10.72 38.66
CA ILE A 553 0.63 10.80 37.30
C ILE A 553 0.17 9.45 36.75
N ARG A 554 0.46 8.34 37.44
CA ARG A 554 0.20 7.01 36.90
C ARG A 554 -1.23 6.84 36.42
N ASP A 555 -2.23 7.20 37.24
CA ASP A 555 -3.61 6.89 36.83
C ASP A 555 -4.20 7.92 35.89
N TYR A 556 -3.43 8.90 35.44
CA TYR A 556 -3.89 9.77 34.36
C TYR A 556 -3.42 9.25 33.01
N ILE A 557 -2.73 8.11 32.99
CA ILE A 557 -2.28 7.46 31.76
C ILE A 557 -3.10 6.20 31.59
N ALA A 558 -3.84 6.12 30.47
CA ALA A 558 -4.74 4.99 30.28
C ALA A 558 -4.01 3.65 30.35
N PHE A 559 -2.90 3.52 29.63
CA PHE A 559 -2.17 2.25 29.54
C PHE A 559 -0.68 2.47 29.85
N PRO A 560 -0.34 2.60 31.13
CA PRO A 560 1.04 2.92 31.51
C PRO A 560 1.95 1.71 31.48
N LYS A 561 3.25 1.99 31.64
CA LYS A 561 4.28 0.97 31.77
C LYS A 561 4.78 0.92 33.20
N ASN A 562 5.46 -0.19 33.54
CA ASN A 562 6.05 -0.37 34.86
C ASN A 562 7.45 0.22 34.84
N ASN A 563 8.15 0.12 35.97
CA ASN A 563 9.47 0.74 36.15
C ASN A 563 10.56 0.15 35.25
N SER A 564 10.30 -1.00 34.63
CA SER A 564 11.25 -1.55 33.68
C SER A 564 10.85 -1.26 32.25
N GLY A 565 9.86 -0.41 32.04
CA GLY A 565 9.40 -0.11 30.70
C GLY A 565 8.47 -1.14 30.11
N ARG A 566 7.93 -2.04 30.92
CA ARG A 566 7.12 -3.12 30.40
C ARG A 566 5.64 -2.80 30.55
N ASP A 567 4.85 -3.18 29.54
CA ASP A 567 3.40 -3.16 29.67
C ASP A 567 3.01 -4.54 30.17
N VAL A 568 2.59 -4.62 31.44
CA VAL A 568 2.27 -5.91 32.05
C VAL A 568 0.93 -6.46 31.61
N MET A 569 0.14 -5.69 30.88
CA MET A 569 -1.15 -6.15 30.39
C MET A 569 -1.04 -6.92 29.08
N ILE A 570 -0.27 -6.40 28.12
CA ILE A 570 -0.09 -7.07 26.84
C ILE A 570 1.25 -7.79 26.70
N ASP A 571 2.13 -7.71 27.71
CA ASP A 571 3.45 -8.36 27.69
C ASP A 571 4.31 -7.81 26.54
N ALA A 572 4.55 -6.50 26.60
CA ALA A 572 5.54 -5.85 25.76
C ALA A 572 6.58 -5.19 26.66
N PRO A 573 7.87 -5.13 26.23
CA PRO A 573 8.36 -5.61 24.93
C PRO A 573 8.51 -7.14 24.94
N ALA A 574 8.72 -7.74 23.78
CA ALA A 574 8.93 -9.17 23.70
C ALA A 574 9.79 -9.48 22.47
N SER A 575 10.18 -10.74 22.36
CA SER A 575 11.01 -11.17 21.23
C SER A 575 10.22 -11.16 19.94
N ILE A 576 10.91 -10.88 18.84
CA ILE A 576 10.30 -10.88 17.52
C ILE A 576 10.84 -12.07 16.71
N ALA A 577 10.24 -12.29 15.53
CA ALA A 577 10.56 -13.47 14.73
C ALA A 577 11.91 -13.34 14.04
N ASN A 578 12.55 -14.49 13.81
CA ASN A 578 13.84 -14.51 13.12
C ASN A 578 13.74 -13.87 11.74
N GLU A 579 12.62 -14.08 11.06
CA GLU A 579 12.47 -13.48 9.73
C GLU A 579 12.44 -11.96 9.81
N GLN A 580 11.92 -11.41 10.91
CA GLN A 580 11.95 -9.96 11.10
C GLN A 580 13.38 -9.49 11.34
N LEU A 581 14.11 -10.17 12.23
CA LEU A 581 15.51 -9.83 12.46
C LEU A 581 16.32 -9.91 11.17
N ASP A 582 16.13 -10.99 10.40
CA ASP A 582 16.88 -11.16 9.16
C ASP A 582 16.57 -10.01 8.20
N GLU A 583 15.30 -9.69 8.04
CA GLU A 583 14.90 -8.66 7.11
C GLU A 583 15.40 -7.28 7.51
N LEU A 584 15.70 -7.08 8.79
CA LEU A 584 16.31 -5.85 9.31
C LEU A 584 17.82 -5.92 9.33
N ALA A 585 18.39 -7.06 8.96
CA ALA A 585 19.84 -7.29 8.99
C ALA A 585 20.40 -7.10 10.41
N LEU A 586 19.70 -7.66 11.39
CA LEU A 586 20.11 -7.59 12.78
C LEU A 586 20.28 -8.99 13.34
N THR A 587 21.32 -9.17 14.13
CA THR A 587 21.54 -10.37 14.93
C THR A 587 21.62 -9.94 16.39
N ILE A 588 20.93 -10.68 17.28
CA ILE A 588 20.97 -10.39 18.71
C ILE A 588 22.24 -10.98 19.28
N ASN A 589 23.02 -10.15 19.97
CA ASN A 589 24.29 -10.59 20.57
C ASN A 589 24.06 -11.74 21.55
N ILE A 590 24.50 -12.93 21.16
CA ILE A 590 24.39 -14.13 22.00
C ILE A 590 25.61 -15.02 21.77
N HIS B 8 13.67 45.95 22.20
CA HIS B 8 12.53 45.53 23.01
C HIS B 8 11.45 44.94 22.11
N MET B 9 10.22 45.44 22.22
CA MET B 9 9.08 44.95 21.45
C MET B 9 9.42 44.90 19.95
N PHE B 10 9.07 43.79 19.32
CA PHE B 10 9.35 43.55 17.92
C PHE B 10 8.24 44.05 16.99
N ARG B 11 7.00 44.11 17.48
CA ARG B 11 5.91 44.58 16.66
C ARG B 11 4.75 45.03 17.55
N THR B 12 4.03 46.04 17.06
CA THR B 12 2.73 46.42 17.62
C THR B 12 1.57 45.75 16.90
N HIS B 13 1.80 45.26 15.68
CA HIS B 13 0.79 44.67 14.84
C HIS B 13 1.45 43.59 14.00
N THR B 14 0.64 42.70 13.44
CA THR B 14 1.08 41.78 12.40
C THR B 14 1.10 42.49 11.05
N ASN B 15 1.68 41.82 10.06
CA ASN B 15 1.80 42.38 8.72
C ASN B 15 0.54 42.20 7.87
N GLY B 16 -0.55 41.69 8.45
CA GLY B 16 -1.77 41.62 7.68
C GLY B 16 -2.95 42.32 8.29
N GLU B 17 -2.79 43.04 9.41
CA GLU B 17 -3.96 43.53 10.12
C GLU B 17 -4.20 45.03 9.99
N LEU B 18 -3.23 45.80 9.51
CA LEU B 18 -3.40 47.25 9.40
C LEU B 18 -4.27 47.61 8.20
N SER B 19 -4.95 48.75 8.29
CA SER B 19 -5.84 49.21 7.24
C SER B 19 -6.06 50.71 7.40
N LEU B 20 -6.97 51.25 6.60
CA LEU B 20 -7.23 52.69 6.60
C LEU B 20 -7.69 53.19 7.97
N LYS B 21 -8.22 52.30 8.81
CA LYS B 21 -8.62 52.69 10.15
C LYS B 21 -7.42 53.05 11.02
N ASN B 22 -6.23 52.58 10.69
CA ASN B 22 -5.03 52.90 11.45
C ASN B 22 -4.30 54.12 10.90
N LEU B 23 -4.96 54.88 10.02
CA LEU B 23 -4.28 55.97 9.34
C LEU B 23 -3.62 56.90 10.35
N ASN B 24 -2.35 57.22 10.09
CA ASN B 24 -1.51 58.15 10.85
C ASN B 24 -1.07 57.63 12.21
N GLU B 25 -1.29 56.35 12.52
CA GLU B 25 -0.73 55.78 13.73
C GLU B 25 0.75 55.47 13.53
N GLU B 26 1.51 55.57 14.62
CA GLU B 26 2.89 55.10 14.67
C GLU B 26 2.85 53.62 15.02
N VAL B 27 3.47 52.77 14.19
CA VAL B 27 3.44 51.33 14.37
C VAL B 27 4.86 50.78 14.26
N THR B 28 5.04 49.54 14.75
CA THR B 28 6.30 48.81 14.62
C THR B 28 5.98 47.43 14.05
N LEU B 29 6.74 47.02 13.03
CA LEU B 29 6.50 45.75 12.35
C LEU B 29 7.80 44.98 12.18
N SER B 30 7.69 43.65 12.19
CA SER B 30 8.80 42.76 11.90
C SER B 30 8.37 41.69 10.92
N GLY B 31 9.33 41.15 10.18
CA GLY B 31 9.01 40.08 9.23
C GLY B 31 10.13 39.88 8.22
N TRP B 32 9.77 39.17 7.14
CA TRP B 32 10.68 38.81 6.07
C TRP B 32 10.46 39.75 4.87
N VAL B 33 11.56 40.12 4.21
CA VAL B 33 11.56 40.97 3.02
C VAL B 33 11.14 40.09 1.84
N GLN B 34 9.90 40.25 1.39
CA GLN B 34 9.37 39.45 0.29
C GLN B 34 9.85 39.99 -1.06
N THR B 35 9.76 41.31 -1.25
CA THR B 35 10.12 41.93 -2.51
C THR B 35 10.76 43.28 -2.22
N ILE B 36 11.69 43.68 -3.07
CA ILE B 36 12.35 44.97 -3.02
C ILE B 36 12.19 45.66 -4.37
N ARG B 37 11.71 46.91 -4.37
CA ARG B 37 11.74 47.76 -5.55
C ARG B 37 12.50 49.02 -5.17
N ASP B 38 13.66 49.20 -5.79
CA ASP B 38 14.57 50.31 -5.48
C ASP B 38 14.64 51.22 -6.70
N LYS B 39 14.21 52.47 -6.53
CA LYS B 39 14.30 53.45 -7.60
C LYS B 39 15.16 54.63 -7.20
N GLY B 40 16.02 54.46 -6.20
CA GLY B 40 16.96 55.50 -5.82
C GLY B 40 16.36 56.50 -4.84
N PHE B 41 15.49 57.37 -5.33
CA PHE B 41 14.79 58.34 -4.49
C PHE B 41 13.72 57.70 -3.61
N MET B 42 13.37 56.43 -3.85
CA MET B 42 12.36 55.75 -3.05
C MET B 42 12.58 54.26 -3.15
N ILE B 43 12.43 53.57 -2.02
CA ILE B 43 12.49 52.12 -1.95
C ILE B 43 11.17 51.61 -1.38
N TRP B 44 10.59 50.62 -2.04
CA TRP B 44 9.37 49.97 -1.57
C TRP B 44 9.72 48.54 -1.16
N ILE B 45 9.20 48.11 -0.02
CA ILE B 45 9.46 46.77 0.47
C ILE B 45 8.15 46.15 0.93
N ASP B 46 7.89 44.93 0.43
CA ASP B 46 6.79 44.10 0.90
C ASP B 46 7.29 43.28 2.08
N LEU B 47 6.78 43.59 3.27
CA LEU B 47 7.15 42.90 4.49
C LEU B 47 6.13 41.80 4.78
N ARG B 48 6.61 40.57 5.00
CA ARG B 48 5.76 39.39 5.10
C ARG B 48 5.85 38.73 6.46
N ASP B 49 4.70 38.24 6.95
CA ASP B 49 4.66 37.26 8.01
C ASP B 49 3.51 36.31 7.68
N ARG B 50 3.17 35.44 8.64
CA ARG B 50 2.11 34.46 8.40
C ARG B 50 0.78 35.15 8.07
N TYR B 51 0.58 36.38 8.54
CA TYR B 51 -0.73 37.03 8.46
C TYR B 51 -0.93 37.82 7.18
N GLY B 52 0.12 38.16 6.46
CA GLY B 52 -0.05 38.91 5.22
C GLY B 52 1.18 39.75 4.94
N ILE B 53 1.02 40.68 4.00
CA ILE B 53 2.07 41.57 3.54
C ILE B 53 1.65 43.01 3.77
N THR B 54 2.58 43.81 4.27
CA THR B 54 2.44 45.26 4.42
C THR B 54 3.55 45.96 3.63
N GLN B 55 3.19 47.00 2.90
CA GLN B 55 4.14 47.73 2.07
C GLN B 55 4.84 48.80 2.89
N LEU B 56 6.18 48.83 2.82
CA LEU B 56 7.00 49.82 3.46
C LEU B 56 7.56 50.77 2.42
N VAL B 57 7.61 52.06 2.75
CA VAL B 57 8.14 53.09 1.87
C VAL B 57 9.33 53.74 2.57
N PHE B 58 10.47 53.77 1.89
CA PHE B 58 11.63 54.54 2.32
C PHE B 58 11.74 55.74 1.40
N ASP B 59 11.49 56.93 1.93
CA ASP B 59 11.42 58.17 1.15
C ASP B 59 12.73 58.93 1.36
N GLN B 60 13.55 59.01 0.32
CA GLN B 60 14.88 59.59 0.44
C GLN B 60 14.81 61.04 0.94
N ASP B 61 13.94 61.85 0.34
CA ASP B 61 13.91 63.25 0.69
C ASP B 61 13.41 63.51 2.10
N ARG B 62 12.69 62.56 2.70
CA ARG B 62 12.16 62.74 4.05
C ARG B 62 12.91 61.89 5.07
N SER B 63 14.05 61.33 4.69
CA SER B 63 14.80 60.43 5.55
C SER B 63 16.27 60.82 5.60
N SER B 64 16.91 60.39 6.69
CA SER B 64 18.35 60.46 6.85
C SER B 64 19.04 59.67 5.73
N ALA B 65 20.29 60.04 5.46
CA ALA B 65 21.05 59.30 4.46
C ALA B 65 21.36 57.91 4.96
N ALA B 66 21.50 57.76 6.28
CA ALA B 66 21.82 56.47 6.87
C ALA B 66 20.67 55.47 6.71
N LEU B 67 19.44 55.93 6.92
CA LEU B 67 18.29 55.03 6.76
C LEU B 67 18.21 54.48 5.33
N LEU B 68 18.38 55.35 4.33
CA LEU B 68 18.30 54.89 2.94
C LEU B 68 19.45 53.96 2.60
N GLU B 69 20.63 54.24 3.12
CA GLU B 69 21.76 53.33 2.92
C GLU B 69 21.48 51.96 3.51
N GLU B 70 20.86 51.93 4.69
CA GLU B 70 20.53 50.65 5.31
C GLU B 70 19.46 49.94 4.50
N ALA B 71 18.47 50.67 3.98
CA ALA B 71 17.44 50.02 3.18
C ALA B 71 18.04 49.38 1.93
N LYS B 72 19.08 50.00 1.35
CA LYS B 72 19.74 49.46 0.18
C LYS B 72 20.55 48.20 0.47
N LYS B 73 20.83 47.89 1.74
CA LYS B 73 21.51 46.64 2.07
C LYS B 73 20.56 45.46 2.12
N LEU B 74 19.26 45.69 2.09
CA LEU B 74 18.32 44.59 2.28
C LEU B 74 18.30 43.66 1.08
N GLY B 75 18.18 42.36 1.35
CA GLY B 75 17.99 41.38 0.30
C GLY B 75 16.75 40.54 0.61
N ARG B 76 16.37 39.73 -0.37
CA ARG B 76 15.22 38.85 -0.22
C ARG B 76 15.36 37.98 1.00
N GLU B 77 14.29 37.92 1.81
CA GLU B 77 14.18 37.10 3.00
C GLU B 77 15.02 37.57 4.20
N PHE B 78 15.63 38.76 4.15
CA PHE B 78 16.15 39.38 5.38
C PHE B 78 15.03 39.47 6.41
N VAL B 79 15.36 39.27 7.68
CA VAL B 79 14.42 39.52 8.77
C VAL B 79 14.69 40.91 9.31
N ILE B 80 13.70 41.79 9.26
CA ILE B 80 13.88 43.18 9.65
C ILE B 80 12.77 43.60 10.62
N GLN B 81 13.04 44.68 11.34
CA GLN B 81 12.05 45.37 12.15
C GLN B 81 12.07 46.84 11.75
N VAL B 82 10.88 47.44 11.55
CA VAL B 82 10.77 48.84 11.17
C VAL B 82 9.76 49.53 12.08
N SER B 83 9.92 50.84 12.24
CA SER B 83 8.91 51.69 12.82
C SER B 83 8.62 52.83 11.87
N GLY B 84 7.36 53.22 11.79
CA GLY B 84 6.98 54.34 10.94
C GLY B 84 5.50 54.65 11.07
N LYS B 85 5.01 55.45 10.12
CA LYS B 85 3.66 56.00 10.19
C LYS B 85 2.77 55.38 9.13
N VAL B 86 1.55 55.02 9.52
CA VAL B 86 0.57 54.51 8.56
C VAL B 86 0.08 55.66 7.68
N ILE B 87 0.28 55.55 6.36
CA ILE B 87 -0.19 56.54 5.42
C ILE B 87 -1.02 55.83 4.37
N GLU B 88 -1.88 56.60 3.69
CA GLU B 88 -2.83 56.05 2.73
C GLU B 88 -2.17 55.95 1.35
N ARG B 89 -2.30 54.79 0.71
CA ARG B 89 -1.71 54.60 -0.61
C ARG B 89 -2.38 55.51 -1.62
N ALA B 90 -1.57 56.09 -2.51
CA ALA B 90 -2.13 56.75 -3.69
C ALA B 90 -2.78 55.75 -4.62
N SER B 91 -2.17 54.57 -4.77
CA SER B 91 -2.66 53.51 -5.64
C SER B 91 -2.93 52.29 -4.76
N LYS B 92 -4.20 52.06 -4.47
CA LYS B 92 -4.57 51.01 -3.52
C LYS B 92 -4.53 49.64 -4.18
N ASN B 93 -4.19 48.62 -3.39
CA ASN B 93 -4.18 47.26 -3.87
C ASN B 93 -5.40 46.55 -3.30
N PRO B 94 -6.51 46.51 -4.04
CA PRO B 94 -7.74 45.90 -3.49
C PRO B 94 -7.59 44.44 -3.13
N LYS B 95 -6.61 43.74 -3.72
CA LYS B 95 -6.49 42.31 -3.55
C LYS B 95 -5.97 41.89 -2.17
N ILE B 96 -5.26 42.76 -1.43
CA ILE B 96 -4.75 42.33 -0.13
C ILE B 96 -5.38 43.14 1.01
N PRO B 97 -5.49 42.59 2.22
CA PRO B 97 -6.17 43.32 3.31
C PRO B 97 -5.54 44.66 3.69
N THR B 98 -4.21 44.76 3.70
CA THR B 98 -3.56 46.02 4.06
C THR B 98 -3.40 46.94 2.87
N GLY B 99 -4.07 46.65 1.75
CA GLY B 99 -3.78 47.30 0.49
C GLY B 99 -4.22 48.75 0.39
N GLU B 100 -4.90 49.27 1.41
CA GLU B 100 -5.22 50.70 1.43
C GLU B 100 -4.08 51.56 1.97
N ILE B 101 -3.11 50.96 2.67
CA ILE B 101 -2.12 51.72 3.40
C ILE B 101 -0.71 51.22 3.08
N GLU B 102 0.28 51.98 3.58
CA GLU B 102 1.70 51.67 3.52
C GLU B 102 2.36 52.36 4.70
N ILE B 103 3.57 51.94 5.03
CA ILE B 103 4.29 52.48 6.18
C ILE B 103 5.39 53.40 5.70
N LEU B 104 5.31 54.68 6.08
CA LEU B 104 6.43 55.59 5.83
C LEU B 104 7.47 55.33 6.92
N VAL B 105 8.57 54.67 6.56
CA VAL B 105 9.51 54.15 7.55
C VAL B 105 10.34 55.26 8.15
N GLU B 106 10.46 55.24 9.49
CA GLU B 106 11.34 56.13 10.23
CA GLU B 106 11.36 56.13 10.21
C GLU B 106 12.60 55.44 10.75
N LYS B 107 12.54 54.15 11.05
CA LYS B 107 13.63 53.42 11.67
C LYS B 107 13.68 51.99 11.13
N LEU B 108 14.89 51.47 10.97
CA LEU B 108 15.11 50.16 10.39
C LEU B 108 16.16 49.40 11.20
N THR B 109 15.87 48.15 11.52
CA THR B 109 16.82 47.24 12.17
C THR B 109 16.86 45.93 11.41
N ILE B 110 18.05 45.52 10.98
CA ILE B 110 18.23 44.21 10.37
C ILE B 110 18.38 43.20 11.49
N LEU B 111 17.41 42.30 11.64
CA LEU B 111 17.49 41.28 12.68
C LEU B 111 18.27 40.06 12.21
N ASN B 112 18.19 39.74 10.93
CA ASN B 112 18.94 38.63 10.34
C ASN B 112 19.22 38.95 8.88
N ASN B 113 20.50 39.08 8.52
CA ASN B 113 20.87 39.31 7.12
C ASN B 113 20.96 37.96 6.40
N SER B 114 19.78 37.41 6.14
CA SER B 114 19.63 36.06 5.62
C SER B 114 20.37 35.90 4.30
N GLU B 115 20.89 34.69 4.08
CA GLU B 115 21.29 34.30 2.74
C GLU B 115 20.06 34.22 1.86
N LEU B 116 20.28 34.32 0.56
CA LEU B 116 19.21 34.16 -0.40
C LEU B 116 18.61 32.76 -0.28
N PRO B 117 17.30 32.60 -0.44
CA PRO B 117 16.73 31.26 -0.41
C PRO B 117 17.14 30.49 -1.63
N PRO B 118 17.27 29.16 -1.55
CA PRO B 118 17.69 28.38 -2.72
C PRO B 118 16.63 28.34 -3.82
N PHE B 119 15.42 28.85 -3.56
CA PHE B 119 14.36 28.96 -4.54
C PHE B 119 13.47 30.11 -4.12
N THR B 120 12.66 30.63 -5.06
CA THR B 120 11.86 31.81 -4.77
C THR B 120 10.74 31.50 -3.77
N ILE B 121 10.52 32.43 -2.85
CA ILE B 121 9.44 32.30 -1.84
C ILE B 121 8.20 32.94 -2.46
N GLU B 122 7.56 32.19 -3.35
CA GLU B 122 6.46 32.66 -4.17
C GLU B 122 5.49 31.51 -4.43
N ASP B 123 4.24 31.88 -4.73
CA ASP B 123 3.22 30.86 -5.02
C ASP B 123 3.68 29.93 -6.15
N GLU B 124 4.20 30.50 -7.25
CA GLU B 124 4.81 29.72 -8.33
C GLU B 124 6.31 29.85 -8.13
N THR B 125 6.92 28.85 -7.52
CA THR B 125 8.34 28.92 -7.17
C THR B 125 9.17 28.30 -8.29
N ASP B 126 10.45 28.67 -8.34
CA ASP B 126 11.38 28.06 -9.29
C ASP B 126 12.08 26.83 -8.74
N GLY B 127 11.77 26.44 -7.50
CA GLY B 127 12.42 25.27 -6.91
C GLY B 127 11.70 24.00 -7.32
N GLY B 128 12.47 22.99 -7.71
CA GLY B 128 11.93 21.66 -7.95
C GLY B 128 11.60 20.94 -6.64
N GLU B 129 10.85 19.84 -6.76
CA GLU B 129 10.33 19.18 -5.56
C GLU B 129 11.45 18.69 -4.64
N GLU B 130 12.51 18.08 -5.17
CA GLU B 130 13.55 17.56 -4.29
C GLU B 130 14.29 18.68 -3.56
N LEU B 131 14.55 19.79 -4.26
CA LEU B 131 15.17 20.93 -3.61
C LEU B 131 14.27 21.50 -2.51
N ARG B 132 12.95 21.55 -2.78
CA ARG B 132 12.03 22.09 -1.78
C ARG B 132 11.97 21.19 -0.55
N MET B 133 12.02 19.87 -0.74
CA MET B 133 11.97 19.00 0.44
C MET B 133 13.27 19.07 1.25
N LYS B 134 14.40 19.22 0.57
CA LYS B 134 15.67 19.44 1.26
C LYS B 134 15.59 20.69 2.13
N TYR B 135 14.89 21.72 1.65
CA TYR B 135 14.69 22.95 2.42
C TYR B 135 13.22 23.12 2.77
N ARG B 136 12.60 22.04 3.27
CA ARG B 136 11.17 22.07 3.56
C ARG B 136 10.83 23.20 4.52
N TYR B 137 11.72 23.50 5.47
CA TYR B 137 11.45 24.59 6.39
C TYR B 137 11.37 25.96 5.69
N LEU B 138 11.98 26.11 4.53
CA LEU B 138 11.77 27.33 3.76
C LEU B 138 10.59 27.22 2.80
N ASP B 139 10.29 26.01 2.30
CA ASP B 139 9.10 25.80 1.48
C ASP B 139 7.83 26.18 2.24
N ILE B 140 7.82 25.91 3.55
CA ILE B 140 6.67 26.19 4.40
C ILE B 140 6.33 27.68 4.45
N ARG B 141 7.32 28.56 4.19
CA ARG B 141 7.07 29.99 4.11
C ARG B 141 6.08 30.36 2.99
N ARG B 142 6.02 29.56 1.91
CA ARG B 142 5.23 29.91 0.74
C ARG B 142 3.73 29.71 1.01
N ASN B 143 2.89 30.59 0.46
CA ASN B 143 1.46 30.48 0.74
C ASN B 143 0.84 29.13 0.37
N PRO B 144 1.17 28.47 -0.74
CA PRO B 144 0.51 27.18 -1.03
C PRO B 144 0.80 26.09 0.00
N VAL B 145 1.89 26.18 0.76
CA VAL B 145 2.18 25.22 1.81
C VAL B 145 1.69 25.70 3.17
N LYS B 146 2.00 26.97 3.52
CA LYS B 146 1.53 27.52 4.78
C LYS B 146 0.02 27.38 4.92
N GLU B 147 -0.73 27.70 3.84
CA GLU B 147 -2.18 27.68 3.93
C GLU B 147 -2.71 26.26 4.10
N LYS B 148 -2.02 25.26 3.56
CA LYS B 148 -2.48 23.89 3.76
C LYS B 148 -2.26 23.43 5.20
N LEU B 149 -1.15 23.84 5.83
CA LEU B 149 -0.93 23.47 7.22
C LEU B 149 -1.94 24.15 8.13
N ILE B 150 -2.26 25.42 7.86
CA ILE B 150 -3.27 26.11 8.66
C ILE B 150 -4.62 25.44 8.48
N PHE B 151 -4.95 25.06 7.24
CA PHE B 151 -6.21 24.39 6.95
C PHE B 151 -6.32 23.05 7.68
N ARG B 152 -5.21 22.29 7.71
CA ARG B 152 -5.18 21.02 8.42
C ARG B 152 -5.48 21.22 9.91
N HIS B 153 -4.88 22.26 10.52
CA HIS B 153 -5.16 22.60 11.89
C HIS B 153 -6.64 22.89 12.10
N LYS B 154 -7.22 23.67 11.19
CA LYS B 154 -8.64 24.00 11.28
C LYS B 154 -9.53 22.74 11.24
N ILE B 155 -9.22 21.78 10.35
CA ILE B 155 -10.03 20.56 10.29
C ILE B 155 -9.87 19.74 11.57
N ALA B 156 -8.63 19.64 12.08
CA ALA B 156 -8.41 18.88 13.31
C ALA B 156 -9.23 19.44 14.47
N GLN B 157 -9.25 20.76 14.61
CA GLN B 157 -10.03 21.42 15.67
C GLN B 157 -11.52 21.13 15.52
N LYS B 158 -12.04 21.27 14.32
CA LYS B 158 -13.45 21.00 14.10
C LYS B 158 -13.78 19.56 14.44
N VAL B 159 -12.91 18.61 14.04
CA VAL B 159 -13.18 17.21 14.34
C VAL B 159 -13.26 16.98 15.84
N ARG B 160 -12.26 17.46 16.59
CA ARG B 160 -12.22 17.21 18.03
C ARG B 160 -13.39 17.88 18.73
N ASN B 161 -13.70 19.13 18.37
CA ASN B 161 -14.84 19.80 18.97
C ASN B 161 -16.14 19.08 18.64
N TYR B 162 -16.32 18.62 17.38
CA TYR B 162 -17.56 17.93 17.04
C TYR B 162 -17.71 16.62 17.82
N LEU B 163 -16.66 15.80 17.82
CA LEU B 163 -16.78 14.52 18.52
C LEU B 163 -16.85 14.69 20.04
N SER B 164 -16.14 15.68 20.60
CA SER B 164 -16.23 15.92 22.05
C SER B 164 -17.65 16.31 22.43
N ASP B 165 -18.28 17.18 21.64
CA ASP B 165 -19.66 17.60 21.91
C ASP B 165 -20.65 16.44 21.80
N GLN B 166 -20.35 15.46 20.96
CA GLN B 166 -21.16 14.25 20.87
C GLN B 166 -20.95 13.31 22.07
N GLY B 167 -20.00 13.60 22.96
CA GLY B 167 -19.72 12.74 24.10
C GLY B 167 -18.55 11.79 23.94
N PHE B 168 -17.79 11.90 22.84
CA PHE B 168 -16.60 11.06 22.69
C PHE B 168 -15.50 11.56 23.61
N ILE B 169 -14.74 10.63 24.18
CA ILE B 169 -13.61 10.94 25.05
C ILE B 169 -12.33 10.63 24.29
N GLU B 170 -11.44 11.60 24.19
CA GLU B 170 -10.15 11.37 23.59
C GLU B 170 -9.22 10.67 24.58
N VAL B 171 -8.69 9.51 24.19
CA VAL B 171 -7.80 8.75 25.05
C VAL B 171 -6.51 8.48 24.29
N GLU B 172 -5.38 8.91 24.85
CA GLU B 172 -4.08 8.57 24.27
C GLU B 172 -3.78 7.10 24.56
N THR B 173 -3.40 6.36 23.52
CA THR B 173 -3.00 4.97 23.66
C THR B 173 -1.50 4.85 23.43
N PRO B 174 -0.87 3.77 23.89
CA PRO B 174 0.60 3.71 23.83
C PRO B 174 1.12 3.64 22.41
N VAL B 175 2.32 4.18 22.22
CA VAL B 175 3.05 4.05 20.97
C VAL B 175 4.00 2.85 21.04
N LEU B 176 4.50 2.52 22.23
CA LEU B 176 5.38 1.36 22.40
C LEU B 176 4.52 0.17 22.78
N ILE B 177 4.21 -0.66 21.79
CA ILE B 177 3.29 -1.77 22.05
C ILE B 177 3.94 -3.09 21.64
N LYS B 178 3.14 -4.14 21.49
CA LYS B 178 3.65 -5.48 21.26
C LYS B 178 3.63 -5.80 19.78
N SER B 179 4.74 -6.30 19.26
CA SER B 179 4.78 -6.72 17.87
C SER B 179 4.18 -8.11 17.75
N THR B 180 3.39 -8.30 16.70
CA THR B 180 2.79 -9.58 16.34
C THR B 180 3.37 -10.04 15.00
N PRO B 181 3.67 -11.33 14.86
CA PRO B 181 4.25 -11.80 13.59
C PRO B 181 3.35 -11.60 12.38
N GLU B 182 2.03 -11.67 12.55
CA GLU B 182 1.07 -11.64 11.46
C GLU B 182 0.80 -10.20 11.02
N GLY B 183 0.08 -10.07 9.90
CA GLY B 183 -0.37 -8.77 9.45
C GLY B 183 0.71 -7.98 8.71
N ALA B 184 0.48 -6.68 8.59
CA ALA B 184 1.42 -5.80 7.91
C ALA B 184 2.71 -5.68 8.74
N ARG B 185 3.79 -5.26 8.08
CA ARG B 185 5.09 -5.21 8.76
C ARG B 185 5.15 -4.08 9.77
N ASP B 186 5.52 -4.41 11.00
CA ASP B 186 5.72 -3.41 12.05
C ASP B 186 7.09 -2.75 11.92
N PHE B 187 7.14 -1.45 12.21
CA PHE B 187 8.38 -0.86 12.70
C PHE B 187 8.63 -1.35 14.13
N VAL B 188 9.88 -1.61 14.50
CA VAL B 188 10.17 -2.16 15.82
C VAL B 188 11.19 -1.27 16.53
N VAL B 189 11.20 -1.40 17.87
CA VAL B 189 12.03 -0.60 18.78
C VAL B 189 12.74 -1.54 19.75
N PRO B 190 14.05 -1.76 19.63
CA PRO B 190 14.75 -2.62 20.58
C PRO B 190 14.75 -2.01 21.96
N SER B 191 14.64 -2.86 22.97
CA SER B 191 14.61 -2.38 24.34
C SER B 191 15.95 -2.63 25.02
N ARG B 192 16.51 -1.58 25.60
CA ARG B 192 17.78 -1.71 26.29
C ARG B 192 17.59 -2.39 27.64
N MET B 193 16.53 -2.03 28.37
CA MET B 193 16.28 -2.57 29.68
C MET B 193 15.85 -4.03 29.63
N ASN B 194 15.30 -4.48 28.51
CA ASN B 194 14.85 -5.85 28.31
C ASN B 194 15.55 -6.43 27.08
N PRO B 195 16.83 -6.82 27.21
CA PRO B 195 17.62 -7.13 26.02
C PRO B 195 17.03 -8.29 25.23
N GLY B 196 17.19 -8.23 23.92
CA GLY B 196 16.60 -9.22 23.03
C GLY B 196 15.12 -9.04 22.81
N GLN B 197 14.48 -8.09 23.48
CA GLN B 197 13.07 -7.81 23.29
C GLN B 197 12.87 -6.47 22.57
N PHE B 198 11.73 -6.37 21.90
CA PHE B 198 11.38 -5.23 21.08
C PHE B 198 9.96 -4.79 21.38
N TYR B 199 9.71 -3.49 21.20
CA TYR B 199 8.36 -2.99 21.02
C TYR B 199 8.09 -2.91 19.52
N ALA B 200 6.82 -2.74 19.19
CA ALA B 200 6.40 -2.28 17.87
C ALA B 200 5.76 -0.92 17.98
N LEU B 201 5.87 -0.16 16.92
CA LEU B 201 5.05 1.02 16.76
C LEU B 201 3.69 0.59 16.21
N PRO B 202 2.61 1.27 16.60
CA PRO B 202 1.27 0.77 16.29
C PRO B 202 0.90 1.03 14.83
N GLN B 203 0.35 0.00 14.17
CA GLN B 203 -0.31 0.22 12.88
C GLN B 203 -1.59 1.04 13.04
N SER B 204 -2.24 0.93 14.22
CA SER B 204 -3.45 1.61 14.61
C SER B 204 -3.68 1.37 16.10
N PRO B 205 -4.62 2.04 16.72
CA PRO B 205 -4.89 1.76 18.13
C PRO B 205 -5.81 0.55 18.34
N GLN B 206 -5.87 -0.35 17.35
CA GLN B 206 -6.80 -1.48 17.30
C GLN B 206 -7.06 -2.19 18.64
N THR B 207 -6.02 -2.83 19.20
CA THR B 207 -6.19 -3.57 20.44
C THR B 207 -6.72 -2.70 21.59
N PHE B 208 -6.16 -1.49 21.75
CA PHE B 208 -6.50 -0.67 22.90
C PHE B 208 -7.87 -0.04 22.78
N LYS B 209 -8.32 0.27 21.55
CA LYS B 209 -9.64 0.84 21.42
C LYS B 209 -10.71 -0.19 21.77
N GLN B 210 -10.47 -1.48 21.48
CA GLN B 210 -11.42 -2.49 21.91
C GLN B 210 -11.40 -2.63 23.44
N LEU B 211 -10.21 -2.60 24.04
CA LEU B 211 -10.12 -2.65 25.51
C LEU B 211 -10.82 -1.48 26.16
N LEU B 212 -10.83 -0.31 25.52
CA LEU B 212 -11.56 0.81 26.09
C LEU B 212 -13.06 0.56 26.08
N MET B 213 -13.56 -0.26 25.16
CA MET B 213 -14.98 -0.61 25.20
C MET B 213 -15.26 -1.59 26.33
N VAL B 214 -14.38 -2.59 26.49
CA VAL B 214 -14.47 -3.51 27.62
C VAL B 214 -14.41 -2.75 28.94
N GLY B 215 -13.62 -1.67 28.98
CA GLY B 215 -13.44 -0.83 30.14
C GLY B 215 -14.51 0.21 30.35
N GLY B 216 -15.54 0.21 29.52
CA GLY B 216 -16.71 1.05 29.78
C GLY B 216 -16.64 2.49 29.32
N MET B 217 -15.66 2.83 28.47
CA MET B 217 -15.50 4.23 28.04
C MET B 217 -16.58 4.69 27.04
N ASP B 218 -17.34 3.76 26.43
CA ASP B 218 -18.57 4.03 25.66
C ASP B 218 -18.35 4.74 24.32
N LYS B 219 -17.61 5.85 24.30
CA LYS B 219 -17.36 6.57 23.05
C LYS B 219 -15.94 7.12 23.16
N TYR B 220 -15.04 6.60 22.32
CA TYR B 220 -13.63 6.95 22.30
C TYR B 220 -13.24 7.43 20.91
N PHE B 221 -12.32 8.40 20.85
CA PHE B 221 -11.67 8.77 19.60
C PHE B 221 -10.26 9.26 19.89
N GLN B 222 -9.51 9.44 18.80
CA GLN B 222 -8.13 9.91 18.83
C GLN B 222 -7.77 10.33 17.41
N ILE B 223 -7.16 11.50 17.25
CA ILE B 223 -6.43 11.81 16.03
C ILE B 223 -5.01 11.37 16.32
N VAL B 224 -4.52 10.37 15.61
CA VAL B 224 -3.41 9.58 16.10
C VAL B 224 -2.49 9.16 14.96
N LYS B 225 -1.18 9.22 15.21
CA LYS B 225 -0.18 8.73 14.29
C LYS B 225 -0.16 7.22 14.26
N CYS B 226 -0.01 6.67 13.05
CA CYS B 226 0.09 5.25 12.79
C CYS B 226 1.34 5.00 11.96
N PHE B 227 1.85 3.77 12.02
CA PHE B 227 3.16 3.48 11.45
C PHE B 227 3.09 2.16 10.69
N ARG B 228 3.57 2.16 9.46
CA ARG B 228 3.55 0.93 8.66
C ARG B 228 4.81 0.87 7.83
N ASP B 229 5.54 -0.24 7.91
CA ASP B 229 6.80 -0.38 7.18
C ASP B 229 6.57 -1.27 5.96
N GLU B 230 5.80 -0.74 5.02
CA GLU B 230 5.47 -1.45 3.79
C GLU B 230 5.94 -0.61 2.62
N ASP B 231 5.77 -1.14 1.41
CA ASP B 231 6.23 -0.41 0.24
C ASP B 231 5.54 0.95 0.19
N LEU B 232 6.35 1.99 0.02
CA LEU B 232 5.88 3.37 -0.05
C LEU B 232 5.86 3.76 -1.53
N ARG B 233 4.68 3.75 -2.14
CA ARG B 233 4.60 3.97 -3.57
C ARG B 233 4.46 5.44 -3.91
N ALA B 234 3.25 5.87 -4.24
CA ALA B 234 2.92 7.27 -4.50
C ALA B 234 1.96 7.73 -3.42
N ASP B 235 2.33 8.80 -2.70
CA ASP B 235 1.50 9.36 -1.65
C ASP B 235 1.31 8.36 -0.51
N ARG B 236 2.35 7.59 -0.22
CA ARG B 236 2.35 6.60 0.86
C ARG B 236 3.50 6.91 1.81
N GLN B 237 3.18 7.38 3.00
CA GLN B 237 4.10 7.77 4.05
C GLN B 237 4.29 6.65 5.07
N PRO B 238 5.48 6.46 5.62
CA PRO B 238 5.65 5.41 6.65
C PRO B 238 4.94 5.72 7.96
N GLU B 239 4.67 7.00 8.24
CA GLU B 239 3.85 7.40 9.35
C GLU B 239 2.76 8.31 8.82
N PHE B 240 1.55 8.15 9.37
CA PHE B 240 0.37 8.80 8.82
C PHE B 240 -0.65 8.96 9.94
N THR B 241 -1.64 9.81 9.71
CA THR B 241 -2.56 10.23 10.76
C THR B 241 -3.98 9.73 10.47
N GLN B 242 -4.64 9.21 11.52
CA GLN B 242 -6.00 8.70 11.43
C GLN B 242 -6.89 9.39 12.45
N ILE B 243 -8.18 9.45 12.15
CA ILE B 243 -9.21 9.69 13.16
C ILE B 243 -9.74 8.32 13.54
N ASP B 244 -9.35 7.83 14.70
CA ASP B 244 -9.70 6.48 15.13
C ASP B 244 -10.81 6.60 16.16
N CYS B 245 -11.90 5.85 15.99
CA CYS B 245 -13.07 5.97 16.83
C CYS B 245 -13.65 4.59 17.16
N GLU B 246 -14.28 4.48 18.33
CA GLU B 246 -14.92 3.24 18.73
C GLU B 246 -16.06 3.57 19.70
N MET B 247 -17.17 2.85 19.58
CA MET B 247 -18.39 3.09 20.34
C MET B 247 -18.99 1.77 20.81
N ALA B 248 -19.67 1.81 21.96
CA ALA B 248 -20.32 0.64 22.54
C ALA B 248 -21.82 0.72 22.32
N PHE B 249 -22.47 -0.45 22.37
CA PHE B 249 -23.94 -0.55 22.28
C PHE B 249 -24.49 0.19 21.06
N VAL B 250 -23.89 -0.06 19.88
CA VAL B 250 -24.28 0.62 18.66
C VAL B 250 -24.67 -0.41 17.60
N GLU B 251 -25.60 0.00 16.75
CA GLU B 251 -25.85 -0.70 15.51
C GLU B 251 -25.09 -0.01 14.37
N GLN B 252 -24.93 -0.73 13.25
CA GLN B 252 -24.29 -0.14 12.08
C GLN B 252 -24.85 1.24 11.77
N GLU B 253 -26.17 1.37 11.86
CA GLU B 253 -26.83 2.64 11.54
C GLU B 253 -26.40 3.75 12.49
N ASP B 254 -26.19 3.43 13.77
CA ASP B 254 -25.74 4.45 14.73
C ASP B 254 -24.38 4.99 14.33
N VAL B 255 -23.43 4.09 14.04
CA VAL B 255 -22.09 4.53 13.67
C VAL B 255 -22.14 5.37 12.39
N MET B 256 -22.95 4.94 11.42
CA MET B 256 -23.02 5.69 10.18
C MET B 256 -23.59 7.10 10.39
N ASN B 257 -24.67 7.20 11.18
CA ASN B 257 -25.29 8.51 11.41
C ASN B 257 -24.34 9.49 12.09
N ILE B 258 -23.63 9.05 13.13
CA ILE B 258 -22.69 9.94 13.82
C ILE B 258 -21.66 10.49 12.85
N PHE B 259 -21.00 9.61 12.10
CA PHE B 259 -19.92 10.11 11.26
C PHE B 259 -20.41 10.74 9.96
N GLU B 260 -21.62 10.40 9.52
CA GLU B 260 -22.23 11.22 8.47
C GLU B 260 -22.47 12.65 8.97
N GLY B 261 -22.98 12.79 10.19
CA GLY B 261 -23.14 14.12 10.76
C GLY B 261 -21.82 14.89 10.85
N LEU B 262 -20.76 14.23 11.30
CA LEU B 262 -19.45 14.89 11.31
C LEU B 262 -19.05 15.35 9.92
N THR B 263 -19.19 14.46 8.93
CA THR B 263 -18.81 14.81 7.57
C THR B 263 -19.69 15.92 7.00
N GLN B 264 -21.01 15.87 7.26
CA GLN B 264 -21.90 16.97 6.85
C GLN B 264 -21.44 18.30 7.45
N ASN B 265 -21.09 18.31 8.73
CA ASN B 265 -20.61 19.52 9.39
C ASN B 265 -19.37 20.06 8.69
N LEU B 266 -18.39 19.19 8.40
CA LEU B 266 -17.17 19.65 7.72
C LEU B 266 -17.47 20.20 6.33
N LEU B 267 -18.32 19.49 5.56
CA LEU B 267 -18.61 19.91 4.18
C LEU B 267 -19.32 21.25 4.16
N LYS B 268 -20.32 21.44 5.03
CA LYS B 268 -21.03 22.71 5.08
C LYS B 268 -20.07 23.85 5.42
N ASP B 269 -19.20 23.63 6.42
CA ASP B 269 -18.31 24.69 6.86
C ASP B 269 -17.31 25.04 5.77
N ILE B 270 -16.76 24.04 5.05
CA ILE B 270 -15.70 24.33 4.08
C ILE B 270 -16.29 24.72 2.73
N ALA B 271 -17.35 24.04 2.30
CA ALA B 271 -17.89 24.25 0.96
C ALA B 271 -19.09 25.19 0.94
N GLY B 272 -19.62 25.54 2.11
CA GLY B 272 -20.71 26.49 2.21
C GLY B 272 -22.09 25.98 1.87
N GLN B 273 -22.27 24.69 1.62
CA GLN B 273 -23.58 24.15 1.29
C GLN B 273 -23.97 23.06 2.28
N GLU B 274 -25.19 23.12 2.78
CA GLU B 274 -25.72 22.01 3.56
C GLU B 274 -25.92 20.82 2.66
N PHE B 275 -25.60 19.64 3.17
CA PHE B 275 -25.76 18.40 2.43
C PHE B 275 -26.88 17.58 3.06
N GLY B 276 -27.64 16.89 2.22
CA GLY B 276 -28.69 16.01 2.70
C GLY B 276 -28.12 14.65 3.05
N LYS B 277 -29.03 13.71 3.30
CA LYS B 277 -28.62 12.34 3.63
C LYS B 277 -27.69 11.81 2.55
N PHE B 278 -26.64 11.10 2.96
CA PHE B 278 -25.66 10.58 2.01
C PHE B 278 -26.27 9.39 1.27
N PRO B 279 -26.04 9.27 -0.03
CA PRO B 279 -26.44 8.03 -0.73
C PRO B 279 -25.64 6.83 -0.24
N ARG B 280 -26.25 5.64 -0.37
CA ARG B 280 -25.63 4.37 0.00
C ARG B 280 -25.71 3.41 -1.18
N MET B 281 -24.59 2.75 -1.48
CA MET B 281 -24.55 1.69 -2.49
C MET B 281 -24.01 0.43 -1.82
N THR B 282 -24.53 -0.72 -2.26
CA THR B 282 -23.88 -1.97 -1.86
C THR B 282 -22.57 -2.13 -2.63
N PHE B 283 -21.69 -2.98 -2.09
CA PHE B 283 -20.46 -3.34 -2.79
C PHE B 283 -20.78 -3.86 -4.19
N ALA B 284 -21.80 -4.72 -4.32
CA ALA B 284 -22.13 -5.29 -5.61
C ALA B 284 -22.57 -4.21 -6.59
N GLU B 285 -23.42 -3.28 -6.15
CA GLU B 285 -23.85 -2.19 -7.00
C GLU B 285 -22.69 -1.33 -7.46
N ALA B 286 -21.77 -0.98 -6.54
CA ALA B 286 -20.65 -0.12 -6.92
C ALA B 286 -19.75 -0.82 -7.93
N MET B 287 -19.43 -2.09 -7.69
CA MET B 287 -18.56 -2.80 -8.63
C MET B 287 -19.22 -2.90 -10.01
N LYS B 288 -20.52 -3.14 -10.05
CA LYS B 288 -21.20 -3.35 -11.33
C LYS B 288 -21.35 -2.04 -12.10
N LYS B 289 -21.68 -0.95 -11.40
CA LYS B 289 -21.96 0.33 -12.08
C LYS B 289 -20.70 1.15 -12.34
N TYR B 290 -19.68 1.00 -11.49
CA TYR B 290 -18.49 1.83 -11.62
C TYR B 290 -17.19 1.05 -11.67
N GLY B 291 -17.19 -0.27 -11.43
CA GLY B 291 -15.95 -1.02 -11.48
C GLY B 291 -15.01 -0.85 -10.30
N ASN B 292 -15.48 -0.28 -9.18
CA ASN B 292 -14.64 -0.16 -7.98
C ASN B 292 -15.55 0.01 -6.78
N ASP B 293 -14.97 -0.13 -5.57
CA ASP B 293 -15.77 -0.01 -4.36
C ASP B 293 -15.60 1.33 -3.67
N LYS B 294 -15.09 2.34 -4.38
CA LYS B 294 -15.00 3.71 -3.86
C LYS B 294 -15.28 4.68 -5.00
N PRO B 295 -16.52 4.71 -5.47
CA PRO B 295 -16.81 5.36 -6.76
C PRO B 295 -16.93 6.87 -6.64
N ASP B 296 -16.47 7.53 -7.70
CA ASP B 296 -16.71 8.95 -7.92
C ASP B 296 -18.00 9.09 -8.71
N ILE B 297 -19.07 9.55 -8.06
CA ILE B 297 -20.39 9.61 -8.69
C ILE B 297 -20.74 11.03 -9.16
N ARG B 298 -19.78 11.92 -9.25
CA ARG B 298 -20.10 13.28 -9.68
C ARG B 298 -20.35 13.39 -11.19
N PHE B 299 -20.01 12.37 -11.98
CA PHE B 299 -20.20 12.46 -13.42
C PHE B 299 -20.74 11.13 -13.91
N GLY B 300 -21.09 11.07 -15.20
CA GLY B 300 -21.76 9.89 -15.70
C GLY B 300 -20.81 8.80 -16.13
N MET B 301 -20.92 8.41 -17.40
CA MET B 301 -20.15 7.29 -17.94
C MET B 301 -20.30 6.05 -17.07
N GLU B 302 -21.51 5.82 -16.58
CA GLU B 302 -21.80 4.62 -15.82
C GLU B 302 -21.65 3.37 -16.70
N PHE B 303 -21.33 2.23 -16.08
CA PHE B 303 -21.09 1.00 -16.83
C PHE B 303 -22.41 0.42 -17.35
N HIS B 304 -22.39 -0.06 -18.59
CA HIS B 304 -23.47 -0.87 -19.15
C HIS B 304 -22.90 -2.19 -19.64
N GLU B 305 -23.36 -3.28 -19.06
CA GLU B 305 -22.93 -4.60 -19.47
C GLU B 305 -23.69 -5.02 -20.72
N LEU B 306 -22.99 -5.65 -21.66
CA LEU B 306 -23.51 -5.82 -23.01
C LEU B 306 -23.58 -7.27 -23.47
N ASN B 307 -23.36 -8.25 -22.58
CA ASN B 307 -23.18 -9.64 -22.98
C ASN B 307 -24.28 -10.10 -23.93
N ASP B 308 -25.54 -9.93 -23.56
CA ASP B 308 -26.64 -10.41 -24.38
C ASP B 308 -26.69 -9.70 -25.73
N LEU B 309 -26.29 -8.43 -25.78
CA LEU B 309 -26.37 -7.68 -27.02
C LEU B 309 -25.23 -7.98 -27.98
N VAL B 310 -24.14 -8.59 -27.53
CA VAL B 310 -22.98 -8.75 -28.39
C VAL B 310 -22.62 -10.21 -28.68
N LYS B 311 -23.00 -11.17 -27.83
CA LYS B 311 -22.58 -12.55 -28.01
C LYS B 311 -23.42 -13.24 -29.09
N GLY B 312 -22.80 -14.22 -29.74
CA GLY B 312 -23.52 -14.99 -30.74
C GLY B 312 -23.49 -14.42 -32.14
N LYS B 313 -22.59 -13.47 -32.42
CA LYS B 313 -22.48 -12.87 -33.75
C LYS B 313 -21.15 -13.20 -34.41
N ASP B 314 -20.51 -14.29 -33.97
CA ASP B 314 -19.28 -14.85 -34.53
C ASP B 314 -18.07 -13.95 -34.31
N PHE B 315 -18.19 -12.95 -33.45
CA PHE B 315 -17.05 -12.13 -33.03
C PHE B 315 -16.43 -12.80 -31.82
N LYS B 316 -15.31 -13.50 -32.04
CA LYS B 316 -14.78 -14.43 -31.04
C LYS B 316 -14.41 -13.71 -29.75
N ILE B 317 -13.77 -12.54 -29.85
CA ILE B 317 -13.28 -11.83 -28.67
C ILE B 317 -14.41 -11.60 -27.67
N PHE B 318 -15.55 -11.10 -28.15
CA PHE B 318 -16.70 -10.93 -27.26
C PHE B 318 -17.35 -12.26 -26.93
N ASP B 319 -17.34 -13.22 -27.87
CA ASP B 319 -17.94 -14.53 -27.61
C ASP B 319 -17.26 -15.23 -26.44
N GLU B 320 -15.93 -15.18 -26.40
CA GLU B 320 -15.18 -15.89 -25.38
C GLU B 320 -15.02 -15.09 -24.09
N ALA B 321 -15.39 -13.81 -24.07
CA ALA B 321 -15.15 -12.99 -22.89
C ALA B 321 -16.19 -13.27 -21.80
N GLU B 322 -15.71 -13.33 -20.57
CA GLU B 322 -16.60 -13.46 -19.43
C GLU B 322 -17.57 -12.29 -19.34
N LEU B 323 -17.08 -11.07 -19.55
CA LEU B 323 -17.91 -9.89 -19.44
C LEU B 323 -17.56 -8.90 -20.55
N VAL B 324 -18.57 -8.43 -21.25
CA VAL B 324 -18.46 -7.30 -22.18
C VAL B 324 -19.20 -6.12 -21.54
N VAL B 325 -18.49 -5.00 -21.37
CA VAL B 325 -19.02 -3.86 -20.63
C VAL B 325 -18.42 -2.59 -21.21
N GLY B 326 -19.21 -1.51 -21.22
CA GLY B 326 -18.73 -0.27 -21.80
C GLY B 326 -19.27 0.97 -21.12
N ILE B 327 -18.80 2.12 -21.61
CA ILE B 327 -19.24 3.43 -21.14
C ILE B 327 -19.63 4.28 -22.34
N ASN B 328 -20.54 5.23 -22.12
CA ASN B 328 -20.90 6.20 -23.13
C ASN B 328 -20.21 7.54 -22.82
N VAL B 329 -19.33 7.96 -23.72
CA VAL B 329 -18.59 9.21 -23.59
C VAL B 329 -19.35 10.27 -24.40
N GLU B 330 -20.13 11.08 -23.70
CA GLU B 330 -21.05 12.00 -24.35
C GLU B 330 -20.30 13.08 -25.13
N GLY B 331 -20.77 13.33 -26.36
CA GLY B 331 -20.25 14.41 -27.19
C GLY B 331 -18.89 14.19 -27.82
N CYS B 332 -18.34 12.97 -27.82
CA CYS B 332 -17.00 12.74 -28.33
C CYS B 332 -16.98 11.90 -29.62
N ALA B 333 -18.08 11.85 -30.36
CA ALA B 333 -18.12 11.07 -31.59
C ALA B 333 -17.14 11.58 -32.64
N GLU B 334 -16.75 12.86 -32.56
CA GLU B 334 -15.77 13.42 -33.49
C GLU B 334 -14.33 13.16 -33.09
N TYR B 335 -14.08 12.37 -32.04
CA TYR B 335 -12.71 11.97 -31.73
C TYR B 335 -12.03 11.41 -32.98
N THR B 336 -10.78 11.81 -33.20
CA THR B 336 -10.04 11.38 -34.37
C THR B 336 -9.46 9.99 -34.15
N ARG B 337 -8.95 9.40 -35.25
CA ARG B 337 -8.31 8.10 -35.15
C ARG B 337 -7.07 8.17 -34.26
N LYS B 338 -6.33 9.28 -34.33
CA LYS B 338 -5.19 9.45 -33.43
C LYS B 338 -5.64 9.47 -31.97
N GLN B 339 -6.74 10.16 -31.68
CA GLN B 339 -7.26 10.21 -30.31
C GLN B 339 -7.71 8.84 -29.84
N ILE B 340 -8.41 8.08 -30.68
CA ILE B 340 -8.84 6.74 -30.28
C ILE B 340 -7.64 5.85 -30.03
N ASP B 341 -6.65 5.91 -30.93
CA ASP B 341 -5.44 5.12 -30.77
C ASP B 341 -4.70 5.50 -29.50
N GLU B 342 -4.70 6.79 -29.15
CA GLU B 342 -4.07 7.21 -27.90
C GLU B 342 -4.77 6.59 -26.70
N LEU B 343 -6.11 6.58 -26.70
CA LEU B 343 -6.85 5.92 -25.62
C LEU B 343 -6.61 4.43 -25.61
N THR B 344 -6.57 3.80 -26.80
CA THR B 344 -6.29 2.37 -26.87
C THR B 344 -4.90 2.06 -26.33
N ASP B 345 -3.90 2.88 -26.70
CA ASP B 345 -2.56 2.72 -26.16
C ASP B 345 -2.53 2.96 -24.66
N TRP B 346 -3.26 3.96 -24.20
CA TRP B 346 -3.21 4.31 -22.78
C TRP B 346 -3.74 3.17 -21.92
N ILE B 347 -4.83 2.52 -22.34
CA ILE B 347 -5.34 1.41 -21.55
C ILE B 347 -4.54 0.13 -21.76
N LYS B 348 -3.74 0.04 -22.82
CA LYS B 348 -2.84 -1.09 -23.01
C LYS B 348 -1.57 -1.01 -22.18
N ARG B 349 -1.31 0.12 -21.53
CA ARG B 349 -0.15 0.26 -20.66
C ARG B 349 -0.17 -0.79 -19.55
N PRO B 350 1.00 -1.22 -19.07
CA PRO B 350 1.05 -2.25 -18.02
C PRO B 350 0.26 -1.92 -16.76
N GLN B 351 0.16 -0.63 -16.40
CA GLN B 351 -0.63 -0.25 -15.24
C GLN B 351 -2.08 -0.72 -15.35
N ILE B 352 -2.64 -0.74 -16.56
CA ILE B 352 -4.04 -1.10 -16.76
C ILE B 352 -4.20 -2.53 -17.25
N GLY B 353 -3.49 -2.90 -18.31
CA GLY B 353 -3.48 -4.27 -18.75
C GLY B 353 -4.59 -4.67 -19.69
N ALA B 354 -5.30 -3.72 -20.29
CA ALA B 354 -6.36 -4.07 -21.22
C ALA B 354 -5.77 -4.62 -22.52
N THR B 355 -6.52 -5.52 -23.17
CA THR B 355 -6.05 -6.18 -24.38
C THR B 355 -6.40 -5.39 -25.64
N GLY B 356 -7.48 -4.62 -25.61
CA GLY B 356 -7.93 -3.88 -26.77
C GLY B 356 -9.11 -3.03 -26.37
N MET B 357 -9.69 -2.38 -27.37
CA MET B 357 -10.85 -1.53 -27.17
C MET B 357 -11.68 -1.52 -28.44
N VAL B 358 -12.98 -1.64 -28.27
CA VAL B 358 -13.96 -1.47 -29.34
C VAL B 358 -14.58 -0.10 -29.15
N TRP B 359 -14.85 0.60 -30.26
CA TRP B 359 -15.56 1.87 -30.19
C TRP B 359 -16.81 1.82 -31.05
N ILE B 360 -17.82 2.55 -30.62
CA ILE B 360 -19.08 2.69 -31.33
C ILE B 360 -19.42 4.17 -31.36
N LYS B 361 -19.50 4.73 -32.57
CA LYS B 361 -19.82 6.14 -32.79
C LYS B 361 -21.27 6.28 -33.24
N TYR B 362 -22.03 7.07 -32.50
CA TYR B 362 -23.35 7.54 -32.93
C TYR B 362 -23.09 8.84 -33.69
N GLN B 363 -22.94 8.72 -35.01
CA GLN B 363 -22.47 9.81 -35.83
C GLN B 363 -23.51 10.93 -35.93
N ALA B 364 -23.03 12.11 -36.29
CA ALA B 364 -23.88 13.29 -36.43
C ALA B 364 -24.94 13.10 -37.50
N ASP B 365 -24.69 12.25 -38.49
CA ASP B 365 -25.72 12.05 -39.50
C ASP B 365 -26.77 11.02 -39.07
N GLY B 366 -26.69 10.48 -37.84
CA GLY B 366 -27.68 9.54 -37.34
C GLY B 366 -27.33 8.08 -37.53
N ILE B 367 -26.27 7.78 -38.27
CA ILE B 367 -25.82 6.41 -38.48
C ILE B 367 -24.91 6.01 -37.32
N VAL B 368 -25.19 4.85 -36.73
CA VAL B 368 -24.29 4.28 -35.73
C VAL B 368 -23.29 3.40 -36.46
N THR B 369 -22.00 3.69 -36.29
CA THR B 369 -20.95 2.86 -36.87
C THR B 369 -19.97 2.49 -35.76
N SER B 370 -19.11 1.52 -36.05
CA SER B 370 -18.26 0.94 -35.03
C SER B 370 -16.97 0.44 -35.65
N SER B 371 -16.06 -0.02 -34.79
CA SER B 371 -14.84 -0.69 -35.24
C SER B 371 -15.04 -2.18 -35.47
N VAL B 372 -16.26 -2.69 -35.37
CA VAL B 372 -16.52 -4.10 -35.59
C VAL B 372 -17.73 -4.30 -36.52
N ASN B 373 -17.83 -3.47 -37.57
CA ASN B 373 -18.98 -3.54 -38.48
C ASN B 373 -19.09 -4.88 -39.20
N LYS B 374 -17.98 -5.63 -39.33
CA LYS B 374 -18.04 -6.92 -40.01
C LYS B 374 -18.95 -7.91 -39.29
N PHE B 375 -19.23 -7.70 -38.00
CA PHE B 375 -20.03 -8.63 -37.22
C PHE B 375 -21.38 -8.05 -36.78
N TYR B 376 -21.49 -6.72 -36.74
CA TYR B 376 -22.69 -6.07 -36.23
C TYR B 376 -23.18 -5.09 -37.27
N ASN B 377 -24.46 -5.20 -37.62
CA ASN B 377 -25.06 -4.32 -38.59
C ASN B 377 -25.61 -3.08 -37.89
N GLU B 378 -26.29 -2.23 -38.66
CA GLU B 378 -26.85 -0.99 -38.14
C GLU B 378 -27.85 -1.27 -37.02
N GLU B 379 -28.68 -2.30 -37.19
CA GLU B 379 -29.66 -2.63 -36.16
C GLU B 379 -28.98 -3.15 -34.90
N ASP B 380 -27.89 -3.93 -35.06
CA ASP B 380 -27.13 -4.39 -33.92
C ASP B 380 -26.51 -3.22 -33.16
N LEU B 381 -25.88 -2.29 -33.88
CA LEU B 381 -25.27 -1.14 -33.21
C LEU B 381 -26.32 -0.27 -32.56
N LYS B 382 -27.48 -0.12 -33.20
CA LYS B 382 -28.53 0.74 -32.64
C LYS B 382 -29.08 0.18 -31.33
N LYS B 383 -29.23 -1.14 -31.22
CA LYS B 383 -29.67 -1.73 -29.97
C LYS B 383 -28.70 -1.43 -28.85
N ILE B 384 -27.41 -1.45 -29.14
CA ILE B 384 -26.41 -1.13 -28.14
C ILE B 384 -26.50 0.34 -27.75
N ALA B 385 -26.65 1.23 -28.73
CA ALA B 385 -26.79 2.64 -28.41
C ALA B 385 -28.00 2.90 -27.52
N GLU B 386 -29.10 2.16 -27.75
CA GLU B 386 -30.28 2.31 -26.92
C GLU B 386 -30.03 1.83 -25.50
N GLU B 387 -29.27 0.75 -25.36
CA GLU B 387 -28.93 0.29 -24.02
C GLU B 387 -28.19 1.38 -23.23
N PHE B 388 -27.25 2.07 -23.89
CA PHE B 388 -26.57 3.18 -23.24
C PHE B 388 -27.43 4.42 -23.14
N GLY B 389 -28.54 4.49 -23.86
CA GLY B 389 -29.21 5.78 -23.99
C GLY B 389 -28.36 6.80 -24.71
N ALA B 390 -27.50 6.36 -25.62
CA ALA B 390 -26.63 7.25 -26.38
C ALA B 390 -27.44 7.96 -27.47
N LYS B 391 -26.95 9.12 -27.87
CA LYS B 391 -27.58 10.00 -28.85
C LYS B 391 -26.54 10.44 -29.87
N PRO B 392 -26.98 10.99 -31.00
CA PRO B 392 -26.02 11.48 -32.00
C PRO B 392 -24.99 12.44 -31.41
N GLY B 393 -23.73 12.19 -31.74
CA GLY B 393 -22.60 12.91 -31.18
C GLY B 393 -21.82 12.18 -30.11
N ASP B 394 -22.31 11.03 -29.63
CA ASP B 394 -21.69 10.29 -28.54
C ASP B 394 -20.72 9.22 -29.04
N LEU B 395 -19.76 8.88 -28.18
CA LEU B 395 -18.80 7.80 -28.42
C LEU B 395 -18.87 6.78 -27.30
N MET B 396 -19.17 5.54 -27.65
CA MET B 396 -19.19 4.44 -26.70
C MET B 396 -17.89 3.66 -26.80
N LEU B 397 -17.30 3.36 -25.65
CA LEU B 397 -16.05 2.60 -25.57
C LEU B 397 -16.34 1.31 -24.82
N VAL B 398 -15.94 0.18 -25.40
CA VAL B 398 -16.33 -1.14 -24.92
C VAL B 398 -15.08 -1.98 -24.68
N LEU B 399 -14.98 -2.57 -23.50
CA LEU B 399 -13.92 -3.52 -23.15
C LEU B 399 -14.52 -4.90 -22.91
N SER B 400 -13.64 -5.91 -22.88
CA SER B 400 -14.08 -7.29 -22.63
C SER B 400 -12.98 -8.04 -21.90
N GLY B 401 -13.37 -9.05 -21.12
CA GLY B 401 -12.41 -9.89 -20.43
C GLY B 401 -13.03 -10.54 -19.20
N ASN B 402 -12.15 -10.95 -18.28
CA ASN B 402 -12.61 -11.49 -17.00
C ASN B 402 -13.34 -10.41 -16.21
N GLU B 403 -14.35 -10.83 -15.45
CA GLU B 403 -15.28 -9.89 -14.83
C GLU B 403 -14.56 -8.84 -13.99
N ASN B 404 -13.73 -9.28 -13.05
CA ASN B 404 -13.11 -8.33 -12.14
C ASN B 404 -12.01 -7.54 -12.82
N LYS B 405 -11.20 -8.19 -13.66
CA LYS B 405 -10.11 -7.48 -14.33
C LYS B 405 -10.63 -6.40 -15.26
N VAL B 406 -11.69 -6.67 -16.02
CA VAL B 406 -12.14 -5.69 -17.01
C VAL B 406 -12.90 -4.54 -16.35
N ARG B 407 -13.56 -4.79 -15.21
CA ARG B 407 -14.19 -3.69 -14.49
C ARG B 407 -13.15 -2.71 -13.98
N ALA B 408 -12.01 -3.22 -13.50
CA ALA B 408 -10.95 -2.33 -13.06
C ALA B 408 -10.36 -1.54 -14.22
N GLN B 409 -10.19 -2.19 -15.38
CA GLN B 409 -9.69 -1.51 -16.57
C GLN B 409 -10.64 -0.41 -17.00
N LEU B 410 -11.93 -0.72 -17.10
CA LEU B 410 -12.91 0.25 -17.54
C LEU B 410 -13.06 1.39 -16.53
N SER B 411 -12.90 1.09 -15.24
CA SER B 411 -12.96 2.15 -14.23
C SER B 411 -11.81 3.12 -14.39
N ALA B 412 -10.61 2.60 -14.62
CA ALA B 412 -9.47 3.46 -14.87
C ALA B 412 -9.70 4.33 -16.10
N LEU B 413 -10.26 3.76 -17.17
CA LEU B 413 -10.54 4.55 -18.37
C LEU B 413 -11.58 5.62 -18.07
N ARG B 414 -12.63 5.27 -17.33
CA ARG B 414 -13.65 6.25 -16.95
C ARG B 414 -13.05 7.40 -16.14
N MET B 415 -12.23 7.08 -15.14
CA MET B 415 -11.68 8.14 -14.31
C MET B 415 -10.74 9.02 -15.12
N GLU B 416 -9.93 8.40 -15.99
CA GLU B 416 -9.01 9.15 -16.83
C GLU B 416 -9.76 10.09 -17.76
N LEU B 417 -10.88 9.62 -18.33
CA LEU B 417 -11.66 10.49 -19.19
C LEU B 417 -12.33 11.59 -18.38
N GLY B 418 -12.75 11.28 -17.15
CA GLY B 418 -13.35 12.29 -16.31
C GLY B 418 -12.43 13.46 -16.05
N ASN B 419 -11.15 13.17 -15.78
CA ASN B 419 -10.18 14.24 -15.60
C ASN B 419 -9.97 15.02 -16.89
N ARG B 420 -9.77 14.31 -18.00
CA ARG B 420 -9.48 14.97 -19.26
C ARG B 420 -10.61 15.88 -19.69
N LEU B 421 -11.85 15.49 -19.45
CA LEU B 421 -13.02 16.24 -19.86
C LEU B 421 -13.42 17.32 -18.86
N GLY B 422 -12.65 17.53 -17.79
CA GLY B 422 -13.02 18.56 -16.84
C GLY B 422 -14.27 18.24 -16.06
N LEU B 423 -14.57 16.95 -15.87
CA LEU B 423 -15.76 16.55 -15.14
C LEU B 423 -15.51 16.37 -13.65
N ARG B 424 -14.24 16.35 -13.21
CA ARG B 424 -13.87 16.17 -11.81
C ARG B 424 -13.41 17.54 -11.26
N LYS B 425 -14.30 18.23 -10.57
CA LYS B 425 -14.05 19.58 -10.08
C LYS B 425 -13.79 19.57 -8.58
N GLY B 426 -12.69 20.21 -8.17
CA GLY B 426 -12.31 20.27 -6.77
C GLY B 426 -13.33 20.90 -5.84
N ASN B 427 -14.17 21.80 -6.36
CA ASN B 427 -15.18 22.46 -5.55
C ASN B 427 -16.49 21.67 -5.45
N GLU B 428 -16.60 20.52 -6.11
CA GLU B 428 -17.81 19.69 -6.08
C GLU B 428 -17.58 18.44 -5.24
N PHE B 429 -18.55 18.12 -4.40
CA PHE B 429 -18.41 17.04 -3.42
C PHE B 429 -19.57 16.08 -3.53
N ALA B 430 -19.27 14.79 -3.65
CA ALA B 430 -20.31 13.77 -3.66
C ALA B 430 -19.90 12.68 -2.69
N PRO B 431 -20.35 12.77 -1.44
CA PRO B 431 -20.09 11.70 -0.49
C PRO B 431 -21.11 10.59 -0.63
N LEU B 432 -20.69 9.39 -0.27
CA LEU B 432 -21.60 8.26 -0.19
C LEU B 432 -20.97 7.19 0.69
N TRP B 433 -21.82 6.25 1.10
CA TRP B 433 -21.41 5.07 1.82
C TRP B 433 -21.43 3.88 0.87
N VAL B 434 -20.46 2.98 1.02
CA VAL B 434 -20.52 1.68 0.41
C VAL B 434 -20.69 0.66 1.53
N ILE B 435 -21.72 -0.17 1.43
CA ILE B 435 -22.06 -1.10 2.50
C ILE B 435 -22.23 -2.50 1.90
N ASP B 436 -22.56 -3.45 2.77
CA ASP B 436 -22.92 -4.82 2.38
C ASP B 436 -21.78 -5.50 1.63
N PHE B 437 -20.54 -5.29 2.08
CA PHE B 437 -19.40 -6.04 1.59
C PHE B 437 -19.57 -7.51 1.95
N PRO B 438 -19.07 -8.43 1.12
CA PRO B 438 -19.00 -9.83 1.53
C PRO B 438 -18.12 -10.01 2.77
N LEU B 439 -18.58 -10.87 3.68
CA LEU B 439 -17.83 -11.13 4.90
C LEU B 439 -16.55 -11.90 4.63
N LEU B 440 -16.61 -12.89 3.72
CA LEU B 440 -15.53 -13.84 3.50
C LEU B 440 -15.20 -13.96 2.02
N GLU B 441 -14.03 -14.55 1.75
CA GLU B 441 -13.63 -14.91 0.40
C GLU B 441 -12.99 -16.30 0.42
N TRP B 442 -13.44 -17.19 -0.47
CA TRP B 442 -12.97 -18.57 -0.40
C TRP B 442 -11.62 -18.71 -1.06
N ASP B 443 -10.72 -19.47 -0.42
CA ASP B 443 -9.39 -19.75 -0.96
C ASP B 443 -9.24 -21.25 -1.24
N GLU B 444 -9.27 -21.62 -2.53
CA GLU B 444 -9.13 -23.01 -2.90
C GLU B 444 -7.74 -23.54 -2.58
N ASP B 445 -6.72 -22.71 -2.80
CA ASP B 445 -5.33 -23.14 -2.59
C ASP B 445 -5.10 -23.63 -1.15
N THR B 446 -5.62 -22.90 -0.16
CA THR B 446 -5.45 -23.28 1.25
C THR B 446 -6.66 -24.00 1.85
N GLN B 447 -7.77 -24.10 1.10
CA GLN B 447 -9.00 -24.77 1.56
C GLN B 447 -9.58 -24.13 2.82
N ARG B 448 -9.61 -22.80 2.87
CA ARG B 448 -10.21 -22.06 3.97
C ARG B 448 -10.81 -20.78 3.42
N TYR B 449 -11.61 -20.11 4.24
CA TYR B 449 -12.09 -18.79 3.88
C TYR B 449 -11.11 -17.75 4.38
N HIS B 450 -11.10 -16.60 3.70
CA HIS B 450 -10.27 -15.47 4.08
C HIS B 450 -11.16 -14.33 4.54
N ALA B 451 -10.82 -13.74 5.67
CA ALA B 451 -11.58 -12.60 6.14
C ALA B 451 -11.26 -11.39 5.28
N MET B 452 -12.29 -10.70 4.81
CA MET B 452 -12.14 -9.47 4.06
C MET B 452 -12.07 -8.24 4.96
N HIS B 453 -12.41 -8.40 6.23
CA HIS B 453 -12.35 -7.33 7.22
C HIS B 453 -11.68 -7.93 8.44
N HIS B 454 -11.72 -7.27 9.58
CA HIS B 454 -11.16 -7.88 10.79
C HIS B 454 -11.84 -9.21 11.08
N PRO B 455 -11.12 -10.21 11.58
CA PRO B 455 -11.77 -11.50 11.89
C PRO B 455 -12.88 -11.37 12.93
N PHE B 456 -12.95 -10.27 13.69
CA PHE B 456 -14.03 -10.04 14.66
C PHE B 456 -15.24 -9.36 14.03
N THR B 457 -15.22 -9.08 12.74
CA THR B 457 -16.33 -8.37 12.10
C THR B 457 -17.58 -9.27 12.13
N SER B 458 -18.71 -8.67 12.47
CA SER B 458 -19.94 -9.45 12.57
CA SER B 458 -19.92 -9.49 12.56
C SER B 458 -20.63 -9.54 11.21
N PRO B 459 -21.21 -10.69 10.89
CA PRO B 459 -22.12 -10.77 9.74
C PRO B 459 -23.37 -9.96 10.04
N LYS B 460 -24.02 -9.47 8.98
CA LYS B 460 -25.34 -8.88 9.18
C LYS B 460 -26.25 -9.91 9.84
N PRO B 461 -27.07 -9.49 10.82
CA PRO B 461 -27.97 -10.44 11.51
C PRO B 461 -28.78 -11.32 10.58
N GLU B 462 -29.32 -10.75 9.50
CA GLU B 462 -30.15 -11.52 8.57
C GLU B 462 -29.35 -12.49 7.70
N ASP B 463 -28.02 -12.51 7.81
CA ASP B 463 -27.19 -13.45 7.06
C ASP B 463 -26.59 -14.56 7.92
N ILE B 464 -26.88 -14.59 9.22
CA ILE B 464 -26.25 -15.58 10.09
C ILE B 464 -26.59 -17.01 9.64
N HIS B 465 -27.83 -17.22 9.17
CA HIS B 465 -28.26 -18.55 8.72
C HIS B 465 -27.44 -19.05 7.52
N LEU B 466 -26.75 -18.16 6.82
CA LEU B 466 -25.95 -18.59 5.68
C LEU B 466 -24.62 -19.19 6.09
N LEU B 467 -24.21 -19.05 7.36
CA LEU B 467 -22.87 -19.50 7.72
C LEU B 467 -22.74 -21.02 7.66
N GLU B 468 -23.84 -21.74 7.89
CA GLU B 468 -23.77 -23.21 7.94
C GLU B 468 -23.30 -23.79 6.61
N ASN B 469 -23.87 -23.33 5.49
CA ASN B 469 -23.55 -23.96 4.21
C ASN B 469 -23.14 -22.96 3.13
N GLU B 470 -23.61 -21.72 3.20
CA GLU B 470 -23.30 -20.76 2.15
C GLU B 470 -22.55 -19.56 2.70
N ALA B 471 -21.46 -19.80 3.44
CA ALA B 471 -20.79 -18.71 4.15
C ALA B 471 -20.32 -17.63 3.18
N GLY B 472 -20.03 -17.99 1.93
CA GLY B 472 -19.52 -17.04 0.96
C GLY B 472 -20.52 -15.98 0.53
N LYS B 473 -21.81 -16.20 0.80
CA LYS B 473 -22.85 -15.23 0.47
C LYS B 473 -23.18 -14.30 1.63
N ALA B 474 -22.55 -14.48 2.80
CA ALA B 474 -22.87 -13.65 3.95
C ALA B 474 -22.30 -12.26 3.75
N ARG B 475 -23.09 -11.25 4.10
CA ARG B 475 -22.64 -9.86 4.06
C ARG B 475 -22.09 -9.46 5.42
N ALA B 476 -21.09 -8.58 5.40
CA ALA B 476 -20.50 -8.09 6.63
C ALA B 476 -21.23 -6.85 7.13
N ASN B 477 -21.20 -6.69 8.45
CA ASN B 477 -21.68 -5.48 9.12
C ASN B 477 -20.56 -4.43 9.06
N ALA B 478 -20.34 -3.89 7.86
CA ALA B 478 -19.18 -3.04 7.59
C ALA B 478 -19.58 -1.94 6.61
N TYR B 479 -18.80 -0.86 6.61
CA TYR B 479 -19.22 0.36 5.94
C TYR B 479 -17.98 1.19 5.59
N ASP B 480 -18.00 1.79 4.40
CA ASP B 480 -16.92 2.66 3.93
C ASP B 480 -17.51 3.99 3.51
N LEU B 481 -16.88 5.08 3.97
CA LEU B 481 -17.25 6.42 3.55
C LEU B 481 -16.36 6.86 2.38
N VAL B 482 -16.99 7.35 1.32
CA VAL B 482 -16.30 7.70 0.09
C VAL B 482 -16.64 9.13 -0.28
N ILE B 483 -15.66 9.88 -0.76
CA ILE B 483 -15.92 11.21 -1.29
C ILE B 483 -15.16 11.37 -2.60
N ASN B 484 -15.90 11.59 -3.69
CA ASN B 484 -15.28 11.91 -4.99
C ASN B 484 -14.32 10.81 -5.42
N GLY B 485 -14.66 9.57 -5.13
CA GLY B 485 -13.78 8.46 -5.48
C GLY B 485 -12.62 8.24 -4.56
N ASN B 486 -12.56 8.93 -3.43
CA ASN B 486 -11.52 8.72 -2.43
C ASN B 486 -12.11 8.01 -1.23
N GLU B 487 -11.49 6.93 -0.80
CA GLU B 487 -11.96 6.29 0.41
C GLU B 487 -11.49 7.11 1.60
N ILE B 488 -12.45 7.65 2.34
CA ILE B 488 -12.15 8.51 3.49
C ILE B 488 -11.96 7.69 4.75
N GLY B 489 -12.68 6.59 4.88
CA GLY B 489 -12.53 5.75 6.05
C GLY B 489 -13.62 4.71 6.08
N GLY B 490 -13.55 3.87 7.11
CA GLY B 490 -14.51 2.80 7.25
C GLY B 490 -14.31 2.07 8.56
N GLY B 491 -15.19 1.11 8.79
CA GLY B 491 -15.15 0.30 9.99
C GLY B 491 -16.21 -0.77 9.92
N SER B 492 -16.46 -1.37 11.07
CA SER B 492 -17.40 -2.48 11.15
C SER B 492 -17.90 -2.63 12.57
N ILE B 493 -19.01 -3.36 12.71
CA ILE B 493 -19.56 -3.78 13.99
C ILE B 493 -18.87 -5.10 14.34
N ARG B 494 -18.51 -5.25 15.60
CA ARG B 494 -17.73 -6.39 16.07
C ARG B 494 -18.64 -7.43 16.70
N ILE B 495 -18.15 -8.66 16.76
CA ILE B 495 -18.85 -9.76 17.39
C ILE B 495 -18.66 -9.65 18.89
N PHE B 496 -19.73 -9.85 19.67
CA PHE B 496 -19.57 -9.96 21.11
C PHE B 496 -20.00 -11.31 21.65
N ASP B 497 -20.57 -12.17 20.80
CA ASP B 497 -20.97 -13.53 21.16
C ASP B 497 -19.79 -14.46 20.87
N LYS B 498 -19.16 -14.99 21.92
CA LYS B 498 -17.96 -15.78 21.74
C LYS B 498 -18.22 -17.05 20.93
N ASP B 499 -19.45 -17.59 20.99
CA ASP B 499 -19.75 -18.77 20.18
C ASP B 499 -19.77 -18.41 18.69
N LEU B 500 -20.38 -17.27 18.34
CA LEU B 500 -20.29 -16.80 16.95
C LEU B 500 -18.84 -16.56 16.57
N GLN B 501 -18.05 -15.99 17.48
CA GLN B 501 -16.65 -15.75 17.16
C GLN B 501 -15.92 -17.07 16.89
N ALA B 502 -16.18 -18.09 17.72
CA ALA B 502 -15.56 -19.40 17.51
C ALA B 502 -15.97 -20.00 16.17
N GLN B 503 -17.23 -19.82 15.78
CA GLN B 503 -17.68 -20.32 14.49
C GLN B 503 -16.95 -19.60 13.35
N MET B 504 -16.72 -18.29 13.49
CA MET B 504 -16.01 -17.57 12.44
C MET B 504 -14.56 -18.05 12.31
N PHE B 505 -13.90 -18.30 13.44
CA PHE B 505 -12.53 -18.82 13.40
C PHE B 505 -12.47 -20.15 12.65
N SER B 506 -13.47 -21.00 12.83
CA SER B 506 -13.49 -22.27 12.14
C SER B 506 -13.64 -22.08 10.64
N LEU B 507 -14.56 -21.19 10.22
CA LEU B 507 -14.67 -20.89 8.80
C LEU B 507 -13.36 -20.37 8.22
N LEU B 508 -12.57 -19.66 9.03
CA LEU B 508 -11.32 -19.08 8.56
C LEU B 508 -10.15 -20.06 8.59
N GLY B 509 -10.38 -21.31 8.99
CA GLY B 509 -9.35 -22.34 8.94
C GLY B 509 -8.47 -22.47 10.17
N PHE B 510 -8.86 -21.87 11.29
CA PHE B 510 -8.08 -21.94 12.50
C PHE B 510 -8.56 -23.12 13.35
N THR B 511 -7.61 -23.93 13.83
CA THR B 511 -7.96 -24.81 14.92
C THR B 511 -8.20 -23.95 16.16
N PRO B 512 -8.89 -24.49 17.18
CA PRO B 512 -9.05 -23.71 18.42
C PRO B 512 -7.72 -23.27 18.99
N GLU B 513 -6.71 -24.14 18.94
CA GLU B 513 -5.42 -23.80 19.52
C GLU B 513 -4.75 -22.67 18.72
N GLU B 514 -4.89 -22.70 17.40
CA GLU B 514 -4.33 -21.65 16.56
C GLU B 514 -5.02 -20.32 16.77
N ALA B 515 -6.35 -20.31 16.92
CA ALA B 515 -7.06 -19.05 17.14
C ALA B 515 -6.66 -18.43 18.46
N GLU B 516 -6.50 -19.27 19.49
CA GLU B 516 -6.05 -18.79 20.78
C GLU B 516 -4.62 -18.22 20.71
N ALA B 517 -3.74 -18.86 19.93
CA ALA B 517 -2.36 -18.37 19.85
C ALA B 517 -2.32 -16.98 19.23
N GLN B 518 -3.19 -16.72 18.26
CA GLN B 518 -3.16 -15.46 17.52
C GLN B 518 -4.06 -14.38 18.12
N PHE B 519 -5.21 -14.74 18.70
CA PHE B 519 -6.16 -13.74 19.17
C PHE B 519 -6.48 -13.90 20.64
N GLY B 520 -5.73 -14.73 21.36
CA GLY B 520 -6.09 -15.11 22.72
C GLY B 520 -6.14 -13.97 23.71
N PHE B 521 -5.31 -12.93 23.53
CA PHE B 521 -5.31 -11.86 24.52
C PHE B 521 -6.65 -11.13 24.53
N LEU B 522 -7.16 -10.75 23.36
CA LEU B 522 -8.46 -10.06 23.31
C LEU B 522 -9.61 -11.01 23.62
N MET B 523 -9.56 -12.24 23.09
CA MET B 523 -10.54 -13.26 23.44
CA MET B 523 -10.56 -13.24 23.44
C MET B 523 -10.66 -13.41 24.94
N ASN B 524 -9.52 -13.43 25.63
CA ASN B 524 -9.60 -13.67 27.06
C ASN B 524 -10.13 -12.44 27.78
N ALA B 525 -9.71 -11.24 27.35
CA ALA B 525 -10.19 -10.00 27.94
C ALA B 525 -11.70 -9.85 27.77
N PHE B 526 -12.23 -10.23 26.60
CA PHE B 526 -13.66 -10.09 26.32
C PHE B 526 -14.50 -10.91 27.29
N LYS B 527 -13.96 -12.00 27.82
CA LYS B 527 -14.71 -12.84 28.76
C LYS B 527 -15.05 -12.11 30.07
N TYR B 528 -14.38 -11.00 30.36
CA TYR B 528 -14.69 -10.21 31.56
C TYR B 528 -15.75 -9.15 31.30
N GLY B 529 -16.39 -9.16 30.13
CA GLY B 529 -17.53 -8.29 29.86
C GLY B 529 -17.37 -7.35 28.68
N ALA B 530 -16.86 -7.83 27.55
CA ALA B 530 -16.93 -7.00 26.36
C ALA B 530 -18.40 -6.70 26.04
N PRO B 531 -18.75 -5.45 25.76
CA PRO B 531 -20.09 -5.13 25.29
C PRO B 531 -20.16 -5.24 23.77
N PRO B 532 -21.35 -5.15 23.17
CA PRO B 532 -21.40 -4.84 21.74
C PRO B 532 -20.64 -3.56 21.48
N HIS B 533 -19.92 -3.52 20.37
CA HIS B 533 -19.17 -2.33 20.01
C HIS B 533 -18.87 -2.36 18.53
N GLY B 534 -18.64 -1.19 17.97
CA GLY B 534 -18.27 -1.04 16.58
C GLY B 534 -17.48 0.24 16.44
N GLY B 535 -16.79 0.36 15.31
CA GLY B 535 -15.94 1.51 15.14
C GLY B 535 -15.81 2.01 13.71
N LEU B 536 -14.91 2.96 13.53
CA LEU B 536 -14.66 3.61 12.26
C LEU B 536 -13.35 4.40 12.37
N ALA B 537 -12.53 4.32 11.33
CA ALA B 537 -11.30 5.11 11.28
C ALA B 537 -11.26 5.81 9.93
N PHE B 538 -11.00 7.12 9.96
CA PHE B 538 -10.79 7.96 8.80
CA PHE B 538 -10.79 7.90 8.76
C PHE B 538 -9.30 8.08 8.50
N GLY B 539 -8.95 8.19 7.23
CA GLY B 539 -7.63 8.65 6.85
C GLY B 539 -7.59 10.17 6.95
N PHE B 540 -6.93 10.72 7.97
CA PHE B 540 -6.99 12.17 8.21
C PHE B 540 -6.26 12.95 7.12
N ASP B 541 -5.07 12.52 6.74
CA ASP B 541 -4.32 13.18 5.67
C ASP B 541 -5.17 13.30 4.41
N ARG B 542 -5.83 12.20 4.03
CA ARG B 542 -6.66 12.16 2.83
C ARG B 542 -7.91 13.01 2.97
N LEU B 543 -8.55 12.95 4.14
CA LEU B 543 -9.76 13.75 4.38
C LEU B 543 -9.45 15.24 4.24
N VAL B 544 -8.35 15.69 4.85
CA VAL B 544 -7.99 17.10 4.73
C VAL B 544 -7.72 17.46 3.26
N ALA B 545 -6.92 16.64 2.57
CA ALA B 545 -6.66 16.90 1.14
C ALA B 545 -7.97 17.01 0.35
N VAL B 546 -8.87 16.03 0.52
CA VAL B 546 -10.11 16.02 -0.27
C VAL B 546 -10.95 17.23 0.05
N LEU B 547 -11.07 17.59 1.33
CA LEU B 547 -11.86 18.75 1.69
C LEU B 547 -11.29 20.03 1.09
N ASP B 548 -9.98 20.08 0.86
CA ASP B 548 -9.36 21.23 0.23
C ASP B 548 -9.34 21.10 -1.30
N GLY B 549 -10.04 20.13 -1.87
CA GLY B 549 -10.08 20.00 -3.32
C GLY B 549 -8.84 19.43 -3.95
N ASN B 550 -8.06 18.65 -3.21
CA ASN B 550 -6.78 18.14 -3.65
C ASN B 550 -6.79 16.63 -3.52
N GLU B 551 -5.94 15.96 -4.29
CA GLU B 551 -5.78 14.52 -4.18
C GLU B 551 -4.34 14.12 -3.89
N VAL B 552 -3.44 15.09 -3.72
CA VAL B 552 -2.08 14.86 -3.27
C VAL B 552 -2.00 15.22 -1.79
N ILE B 553 -1.66 14.25 -0.93
CA ILE B 553 -1.60 14.53 0.50
C ILE B 553 -0.25 15.07 0.95
N ARG B 554 0.77 15.01 0.08
CA ARG B 554 2.12 15.37 0.49
C ARG B 554 2.18 16.76 1.12
N ASP B 555 1.58 17.76 0.47
CA ASP B 555 1.77 19.08 1.04
C ASP B 555 0.81 19.37 2.19
N TYR B 556 -0.01 18.42 2.62
CA TYR B 556 -0.71 18.63 3.90
C TYR B 556 0.07 18.06 5.08
N ILE B 557 1.27 17.54 4.83
CA ILE B 557 2.15 17.03 5.89
C ILE B 557 3.35 17.95 6.03
N ALA B 558 3.54 18.48 7.25
CA ALA B 558 4.58 19.47 7.47
C ALA B 558 5.94 18.99 7.03
N PHE B 559 6.35 17.79 7.45
CA PHE B 559 7.68 17.27 7.19
C PHE B 559 7.58 15.83 6.68
N PRO B 560 7.27 15.66 5.39
CA PRO B 560 7.05 14.31 4.83
C PRO B 560 8.37 13.59 4.57
N LYS B 561 8.23 12.31 4.24
CA LYS B 561 9.35 11.50 3.81
C LYS B 561 9.24 11.18 2.32
N ASN B 562 10.34 10.75 1.72
CA ASN B 562 10.37 10.39 0.31
C ASN B 562 9.96 8.93 0.14
N ASN B 563 10.00 8.46 -1.11
CA ASN B 563 9.52 7.11 -1.44
C ASN B 563 10.36 6.01 -0.78
N SER B 564 11.56 6.32 -0.30
CA SER B 564 12.39 5.32 0.39
C SER B 564 12.29 5.44 1.90
N GLY B 565 11.35 6.25 2.40
CA GLY B 565 11.20 6.42 3.81
C GLY B 565 12.20 7.35 4.46
N ARG B 566 12.93 8.14 3.69
CA ARG B 566 13.91 9.01 4.32
C ARG B 566 13.46 10.48 4.32
N ASP B 567 13.80 11.17 5.39
CA ASP B 567 13.56 12.61 5.46
C ASP B 567 14.76 13.29 4.85
N VAL B 568 14.60 13.88 3.65
CA VAL B 568 15.78 14.45 2.99
C VAL B 568 16.20 15.77 3.60
N MET B 569 15.40 16.34 4.51
CA MET B 569 15.80 17.59 5.11
C MET B 569 16.80 17.37 6.23
N ILE B 570 16.56 16.38 7.10
CA ILE B 570 17.47 16.06 8.20
C ILE B 570 18.31 14.83 7.94
N ASP B 571 18.08 14.13 6.82
CA ASP B 571 18.85 12.94 6.46
C ASP B 571 18.73 11.84 7.51
N ALA B 572 17.51 11.41 7.75
CA ALA B 572 17.21 10.23 8.54
C ALA B 572 16.51 9.21 7.66
N PRO B 573 16.71 7.90 7.88
CA PRO B 573 17.53 7.25 8.92
C PRO B 573 19.01 7.34 8.62
N ALA B 574 19.83 7.02 9.61
CA ALA B 574 21.27 7.02 9.46
C ALA B 574 21.84 6.06 10.50
N SER B 575 23.13 5.78 10.36
CA SER B 575 23.82 4.88 11.27
C SER B 575 23.93 5.50 12.65
N ILE B 576 23.96 4.64 13.66
CA ILE B 576 24.11 5.07 15.05
C ILE B 576 25.47 4.60 15.57
N ALA B 577 25.82 5.04 16.78
CA ALA B 577 27.14 4.74 17.32
C ALA B 577 27.25 3.29 17.76
N ASN B 578 28.49 2.77 17.66
CA ASN B 578 28.76 1.41 18.10
C ASN B 578 28.41 1.24 19.57
N GLU B 579 28.60 2.29 20.37
CA GLU B 579 28.25 2.23 21.79
C GLU B 579 26.75 2.00 21.98
N GLN B 580 25.90 2.52 21.10
CA GLN B 580 24.45 2.28 21.19
C GLN B 580 24.08 0.86 20.80
N LEU B 581 24.61 0.37 19.66
CA LEU B 581 24.38 -1.01 19.26
C LEU B 581 24.78 -1.97 20.37
N ASP B 582 25.95 -1.73 20.99
CA ASP B 582 26.44 -2.64 22.02
C ASP B 582 25.49 -2.70 23.21
N GLU B 583 25.06 -1.53 23.71
CA GLU B 583 24.15 -1.54 24.86
C GLU B 583 22.78 -2.11 24.50
N LEU B 584 22.43 -2.16 23.21
CA LEU B 584 21.22 -2.84 22.77
C LEU B 584 21.47 -4.31 22.40
N ALA B 585 22.72 -4.77 22.48
CA ALA B 585 23.08 -6.15 22.15
C ALA B 585 22.73 -6.47 20.69
N LEU B 586 23.01 -5.54 19.79
CA LEU B 586 22.70 -5.69 18.38
C LEU B 586 23.98 -5.59 17.56
N THR B 587 24.05 -6.39 16.51
CA THR B 587 25.10 -6.31 15.51
C THR B 587 24.46 -6.30 14.12
N ILE B 588 24.96 -5.43 13.25
CA ILE B 588 24.51 -5.38 11.87
C ILE B 588 25.07 -6.58 11.12
N ASN B 589 24.21 -7.29 10.40
CA ASN B 589 24.63 -8.43 9.58
C ASN B 589 25.40 -7.91 8.37
N ILE B 590 26.68 -8.26 8.30
CA ILE B 590 27.55 -7.78 7.23
C ILE B 590 27.49 -8.75 6.07
N MET C 9 -31.42 -38.59 -68.69
CA MET C 9 -30.91 -37.49 -67.87
C MET C 9 -31.15 -37.74 -66.39
N PHE C 10 -30.11 -37.54 -65.58
CA PHE C 10 -30.18 -37.75 -64.14
C PHE C 10 -30.59 -36.52 -63.35
N ARG C 11 -30.30 -35.32 -63.86
CA ARG C 11 -30.65 -34.10 -63.13
C ARG C 11 -30.65 -32.91 -64.09
N THR C 12 -31.54 -31.96 -63.80
CA THR C 12 -31.52 -30.66 -64.46
C THR C 12 -30.74 -29.61 -63.67
N HIS C 13 -30.53 -29.84 -62.37
CA HIS C 13 -29.85 -28.87 -61.52
C HIS C 13 -29.08 -29.61 -60.44
N THR C 14 -28.17 -28.87 -59.81
CA THR C 14 -27.58 -29.32 -58.56
C THR C 14 -28.56 -29.05 -57.42
N ASN C 15 -28.27 -29.63 -56.26
CA ASN C 15 -29.16 -29.47 -55.10
C ASN C 15 -28.91 -28.17 -54.35
N GLY C 16 -28.07 -27.28 -54.88
CA GLY C 16 -27.81 -25.98 -54.28
C GLY C 16 -28.07 -24.79 -55.18
N GLU C 17 -28.63 -25.02 -56.38
CA GLU C 17 -28.71 -23.97 -57.38
C GLU C 17 -30.09 -23.33 -57.48
N LEU C 18 -31.13 -23.95 -56.92
CA LEU C 18 -32.48 -23.38 -56.95
C LEU C 18 -32.60 -22.25 -55.95
N GLU C 25 -40.94 -24.03 -61.95
CA GLU C 25 -40.44 -24.86 -63.04
C GLU C 25 -40.33 -26.33 -62.67
N GLU C 26 -40.47 -27.19 -63.68
CA GLU C 26 -40.23 -28.62 -63.52
C GLU C 26 -38.75 -28.92 -63.59
N VAL C 27 -38.24 -29.60 -62.57
CA VAL C 27 -36.82 -29.90 -62.45
C VAL C 27 -36.66 -31.38 -62.12
N THR C 28 -35.43 -31.87 -62.30
CA THR C 28 -35.04 -33.22 -61.91
C THR C 28 -33.76 -33.14 -61.10
N LEU C 29 -33.74 -33.83 -59.96
CA LEU C 29 -32.61 -33.82 -59.05
C LEU C 29 -32.30 -35.23 -58.61
N SER C 30 -31.02 -35.48 -58.32
CA SER C 30 -30.58 -36.74 -57.77
C SER C 30 -29.62 -36.45 -56.63
N GLY C 31 -29.49 -37.40 -55.71
CA GLY C 31 -28.57 -37.21 -54.62
C GLY C 31 -28.80 -38.19 -53.49
N TRP C 32 -28.23 -37.85 -52.33
CA TRP C 32 -28.26 -38.69 -51.15
C TRP C 32 -29.31 -38.15 -50.18
N VAL C 33 -30.01 -39.07 -49.51
CA VAL C 33 -31.02 -38.72 -48.52
C VAL C 33 -30.30 -38.32 -47.23
N GLN C 34 -30.24 -37.01 -46.97
CA GLN C 34 -29.51 -36.47 -45.82
C GLN C 34 -30.33 -36.59 -44.52
N THR C 35 -31.59 -36.19 -44.57
CA THR C 35 -32.45 -36.16 -43.40
C THR C 35 -33.85 -36.57 -43.81
N ILE C 36 -34.58 -37.22 -42.91
CA ILE C 36 -35.98 -37.55 -43.14
C ILE C 36 -36.82 -37.05 -41.97
N ARG C 37 -37.88 -36.30 -42.29
CA ARG C 37 -38.89 -35.91 -41.31
C ARG C 37 -40.24 -36.35 -41.86
N ASP C 38 -40.85 -37.34 -41.20
CA ASP C 38 -42.12 -37.94 -41.61
C ASP C 38 -43.15 -37.66 -40.52
N LYS C 39 -44.23 -36.97 -40.89
CA LYS C 39 -45.32 -36.75 -39.96
C LYS C 39 -46.63 -37.31 -40.52
N ILE C 43 -44.33 -36.52 -46.05
CA ILE C 43 -42.93 -36.78 -45.75
C ILE C 43 -42.03 -35.71 -46.35
N TRP C 44 -41.14 -35.15 -45.52
CA TRP C 44 -40.14 -34.19 -45.94
C TRP C 44 -38.76 -34.85 -45.91
N ILE C 45 -38.00 -34.67 -47.00
CA ILE C 45 -36.66 -35.25 -47.14
C ILE C 45 -35.73 -34.18 -47.70
N ASP C 46 -34.57 -34.02 -47.06
CA ASP C 46 -33.50 -33.16 -47.57
C ASP C 46 -32.59 -33.97 -48.50
N LEU C 47 -32.62 -33.65 -49.79
CA LEU C 47 -31.78 -34.31 -50.78
C LEU C 47 -30.48 -33.51 -50.93
N ARG C 48 -29.35 -34.20 -50.86
CA ARG C 48 -28.04 -33.57 -50.79
C ARG C 48 -27.16 -33.94 -51.98
N ASP C 49 -26.32 -32.98 -52.37
CA ASP C 49 -25.16 -33.25 -53.21
C ASP C 49 -24.02 -32.36 -52.75
N ARG C 50 -22.94 -32.33 -53.54
CA ARG C 50 -21.74 -31.56 -53.21
C ARG C 50 -22.03 -30.07 -53.11
N TYR C 51 -23.05 -29.58 -53.81
CA TYR C 51 -23.31 -28.15 -53.97
C TYR C 51 -24.24 -27.59 -52.91
N GLY C 52 -24.95 -28.44 -52.17
CA GLY C 52 -25.81 -27.99 -51.10
C GLY C 52 -26.95 -28.97 -50.88
N ILE C 53 -27.92 -28.53 -50.08
CA ILE C 53 -29.06 -29.35 -49.69
C ILE C 53 -30.32 -28.65 -50.19
N THR C 54 -31.20 -29.41 -50.85
CA THR C 54 -32.49 -28.92 -51.31
C THR C 54 -33.59 -29.77 -50.70
N GLN C 55 -34.64 -29.10 -50.21
CA GLN C 55 -35.72 -29.79 -49.51
C GLN C 55 -36.73 -30.37 -50.48
N LEU C 56 -37.11 -31.63 -50.25
CA LEU C 56 -38.17 -32.31 -51.00
C LEU C 56 -39.37 -32.52 -50.08
N VAL C 57 -40.57 -32.34 -50.63
CA VAL C 57 -41.82 -32.52 -49.90
C VAL C 57 -42.67 -33.56 -50.62
N PHE C 58 -43.11 -34.58 -49.89
CA PHE C 58 -44.10 -35.53 -50.42
C PHE C 58 -45.47 -35.25 -49.83
N SER C 64 -49.54 -37.79 -55.58
CA SER C 64 -50.05 -39.15 -55.76
C SER C 64 -49.83 -40.01 -54.51
N ALA C 65 -50.67 -41.03 -54.34
CA ALA C 65 -50.57 -41.94 -53.20
C ALA C 65 -49.50 -43.02 -53.37
N ALA C 66 -49.23 -43.45 -54.61
CA ALA C 66 -48.25 -44.52 -54.81
C ALA C 66 -46.85 -44.06 -54.43
N LEU C 67 -46.50 -42.81 -54.74
CA LEU C 67 -45.21 -42.26 -54.34
C LEU C 67 -45.05 -42.28 -52.83
N LEU C 68 -46.13 -41.98 -52.09
CA LEU C 68 -46.04 -41.94 -50.63
C LEU C 68 -45.68 -43.30 -50.05
N GLU C 69 -46.21 -44.38 -50.64
CA GLU C 69 -45.80 -45.71 -50.21
C GLU C 69 -44.31 -45.94 -50.45
N GLU C 70 -43.81 -45.53 -51.61
CA GLU C 70 -42.39 -45.67 -51.92
C GLU C 70 -41.53 -44.74 -51.08
N ALA C 71 -42.01 -43.52 -50.82
CA ALA C 71 -41.25 -42.57 -50.01
C ALA C 71 -41.00 -43.12 -48.60
N LYS C 72 -41.93 -43.93 -48.08
CA LYS C 72 -41.73 -44.58 -46.79
C LYS C 72 -40.63 -45.62 -46.81
N LYS C 73 -40.18 -46.05 -48.00
CA LYS C 73 -39.07 -46.99 -48.13
C LYS C 73 -37.70 -46.32 -48.04
N LEU C 74 -37.66 -44.98 -48.06
CA LEU C 74 -36.38 -44.28 -48.07
C LEU C 74 -35.67 -44.40 -46.74
N GLY C 75 -34.34 -44.53 -46.79
CA GLY C 75 -33.52 -44.53 -45.61
C GLY C 75 -32.40 -43.50 -45.72
N ARG C 76 -31.69 -43.31 -44.62
CA ARG C 76 -30.57 -42.38 -44.61
C ARG C 76 -29.52 -42.79 -45.66
N GLU C 77 -29.09 -41.82 -46.46
CA GLU C 77 -28.03 -41.93 -47.46
C GLU C 77 -28.42 -42.75 -48.69
N PHE C 78 -29.69 -43.07 -48.87
CA PHE C 78 -30.17 -43.59 -50.15
C PHE C 78 -29.79 -42.63 -51.27
N VAL C 79 -29.45 -43.20 -52.42
CA VAL C 79 -29.24 -42.42 -53.65
C VAL C 79 -30.54 -42.49 -54.45
N ILE C 80 -31.15 -41.34 -54.67
CA ILE C 80 -32.46 -41.29 -55.32
C ILE C 80 -32.46 -40.24 -56.42
N GLN C 81 -33.44 -40.38 -57.32
CA GLN C 81 -33.73 -39.40 -58.35
C GLN C 81 -35.20 -39.01 -58.27
N VAL C 82 -35.47 -37.71 -58.36
CA VAL C 82 -36.82 -37.18 -58.32
C VAL C 82 -37.02 -36.19 -59.45
N SER C 83 -38.27 -36.09 -59.92
CA SER C 83 -38.72 -35.04 -60.83
C SER C 83 -39.95 -34.38 -60.25
N GLY C 84 -40.04 -33.07 -60.36
CA GLY C 84 -41.19 -32.36 -59.82
C GLY C 84 -41.13 -30.88 -60.11
N LYS C 85 -41.95 -30.12 -59.38
CA LYS C 85 -42.16 -28.69 -59.62
C LYS C 85 -41.60 -27.87 -58.46
N VAL C 86 -40.92 -26.77 -58.80
CA VAL C 86 -40.41 -25.85 -57.79
C VAL C 86 -41.57 -25.09 -57.16
N ILE C 87 -41.72 -25.22 -55.85
CA ILE C 87 -42.77 -24.52 -55.11
C ILE C 87 -42.20 -23.69 -53.97
N GLU C 100 -35.17 -21.51 -49.99
CA GLU C 100 -36.35 -20.68 -50.10
C GLU C 100 -37.47 -21.37 -50.87
N ILE C 101 -37.17 -22.55 -51.41
CA ILE C 101 -38.11 -23.30 -52.24
C ILE C 101 -38.17 -24.74 -51.73
N GLU C 102 -39.11 -25.50 -52.30
CA GLU C 102 -39.21 -26.92 -52.05
C GLU C 102 -39.86 -27.59 -53.27
N ILE C 103 -39.60 -28.88 -53.43
CA ILE C 103 -40.06 -29.64 -54.59
C ILE C 103 -41.18 -30.59 -54.17
N LEU C 104 -42.35 -30.43 -54.77
CA LEU C 104 -43.44 -31.39 -54.61
C LEU C 104 -43.17 -32.56 -55.57
N VAL C 105 -42.77 -33.70 -55.01
CA VAL C 105 -42.26 -34.80 -55.82
C VAL C 105 -43.40 -35.47 -56.59
N GLU C 106 -43.27 -35.49 -57.92
CA GLU C 106 -44.23 -36.18 -58.78
C GLU C 106 -43.78 -37.59 -59.11
N LYS C 107 -42.53 -37.78 -59.51
CA LYS C 107 -41.95 -39.09 -59.80
C LYS C 107 -40.70 -39.31 -58.97
N LEU C 108 -40.52 -40.53 -58.48
CA LEU C 108 -39.39 -40.87 -57.62
C LEU C 108 -38.80 -42.21 -58.05
N THR C 109 -37.47 -42.27 -58.18
CA THR C 109 -36.72 -43.48 -58.50
C THR C 109 -35.59 -43.67 -57.49
N ILE C 110 -35.52 -44.84 -56.88
CA ILE C 110 -34.40 -45.18 -56.01
C ILE C 110 -33.26 -45.71 -56.87
N LEU C 111 -32.13 -44.99 -56.86
CA LEU C 111 -30.95 -45.37 -57.62
C LEU C 111 -30.05 -46.34 -56.85
N ASN C 112 -30.01 -46.23 -55.53
CA ASN C 112 -29.24 -47.15 -54.70
C ASN C 112 -29.90 -47.25 -53.33
N ASN C 113 -30.31 -48.45 -52.94
CA ASN C 113 -30.90 -48.69 -51.63
C ASN C 113 -29.76 -48.92 -50.62
N SER C 114 -29.11 -47.80 -50.27
CA SER C 114 -27.91 -47.83 -49.44
C SER C 114 -28.16 -48.43 -48.06
N GLU C 115 -27.15 -49.11 -47.53
CA GLU C 115 -27.10 -49.41 -46.11
C GLU C 115 -26.94 -48.13 -45.30
N LEU C 116 -27.33 -48.20 -44.03
CA LEU C 116 -27.11 -47.07 -43.13
C LEU C 116 -25.61 -46.84 -42.96
N PRO C 117 -25.17 -45.59 -42.89
CA PRO C 117 -23.75 -45.32 -42.68
C PRO C 117 -23.35 -45.71 -41.25
N PRO C 118 -22.10 -46.14 -41.06
CA PRO C 118 -21.65 -46.50 -39.69
C PRO C 118 -21.55 -45.31 -38.75
N PHE C 119 -21.70 -44.08 -39.26
CA PHE C 119 -21.71 -42.88 -38.43
C PHE C 119 -22.54 -41.81 -39.14
N THR C 120 -22.94 -40.80 -38.37
CA THR C 120 -23.81 -39.77 -38.91
C THR C 120 -23.07 -38.92 -39.94
N ILE C 121 -23.77 -38.59 -41.02
CA ILE C 121 -23.19 -37.76 -42.09
C ILE C 121 -23.59 -36.32 -41.76
N GLU C 122 -22.87 -35.73 -40.81
CA GLU C 122 -23.20 -34.39 -40.34
C GLU C 122 -21.92 -33.68 -39.94
N ASP C 123 -21.97 -32.34 -39.94
CA ASP C 123 -20.80 -31.56 -39.54
C ASP C 123 -20.33 -32.04 -38.18
N GLU C 124 -21.26 -32.23 -37.24
CA GLU C 124 -20.97 -32.81 -35.93
C GLU C 124 -21.40 -34.28 -35.98
N THR C 125 -20.42 -35.15 -36.17
CA THR C 125 -20.63 -36.58 -36.35
C THR C 125 -20.46 -37.32 -35.02
N ASP C 126 -21.04 -38.51 -34.95
CA ASP C 126 -20.83 -39.39 -33.81
C ASP C 126 -19.70 -40.39 -34.02
N GLY C 127 -19.04 -40.36 -35.18
CA GLY C 127 -17.97 -41.29 -35.47
C GLY C 127 -16.62 -40.82 -34.97
N GLY C 128 -15.90 -41.74 -34.31
CA GLY C 128 -14.53 -41.50 -33.91
C GLY C 128 -13.54 -41.59 -35.07
N GLU C 129 -12.32 -41.14 -34.80
CA GLU C 129 -11.30 -41.07 -35.86
C GLU C 129 -11.03 -42.45 -36.47
N GLU C 130 -10.94 -43.49 -35.64
CA GLU C 130 -10.58 -44.81 -36.16
C GLU C 130 -11.68 -45.40 -37.05
N LEU C 131 -12.95 -45.23 -36.68
CA LEU C 131 -14.03 -45.70 -37.55
C LEU C 131 -14.08 -44.90 -38.84
N ARG C 132 -13.88 -43.58 -38.74
CA ARG C 132 -13.98 -42.68 -39.89
C ARG C 132 -12.85 -42.89 -40.91
N MET C 133 -11.64 -43.23 -40.46
CA MET C 133 -10.56 -43.53 -41.41
C MET C 133 -10.77 -44.88 -42.11
N LYS C 134 -11.34 -45.86 -41.40
CA LYS C 134 -11.73 -47.11 -42.04
C LYS C 134 -12.78 -46.87 -43.13
N TYR C 135 -13.68 -45.91 -42.91
CA TYR C 135 -14.72 -45.55 -43.86
C TYR C 135 -14.53 -44.13 -44.38
N ARG C 136 -13.29 -43.81 -44.79
CA ARG C 136 -12.95 -42.45 -45.21
C ARG C 136 -13.82 -41.96 -46.36
N TYR C 137 -14.17 -42.86 -47.30
CA TYR C 137 -15.00 -42.45 -48.45
C TYR C 137 -16.38 -41.98 -48.01
N LEU C 138 -16.84 -42.45 -46.85
CA LEU C 138 -18.05 -41.89 -46.24
C LEU C 138 -17.71 -40.65 -45.44
N ASP C 139 -16.53 -40.64 -44.82
CA ASP C 139 -16.07 -39.46 -44.11
C ASP C 139 -15.92 -38.27 -45.06
N ILE C 140 -15.44 -38.53 -46.29
CA ILE C 140 -15.24 -37.48 -47.28
C ILE C 140 -16.57 -36.84 -47.68
N ARG C 141 -17.69 -37.55 -47.51
CA ARG C 141 -18.99 -36.96 -47.79
C ARG C 141 -19.24 -35.73 -46.94
N ARG C 142 -18.73 -35.73 -45.71
CA ARG C 142 -19.09 -34.67 -44.76
C ARG C 142 -18.46 -33.34 -45.16
N ASN C 143 -19.22 -32.26 -44.92
CA ASN C 143 -18.75 -30.93 -45.29
C ASN C 143 -17.39 -30.57 -44.72
N PRO C 144 -17.06 -30.85 -43.45
CA PRO C 144 -15.74 -30.46 -42.93
C PRO C 144 -14.56 -31.11 -43.66
N VAL C 145 -14.76 -32.25 -44.31
CA VAL C 145 -13.70 -32.91 -45.05
C VAL C 145 -13.72 -32.48 -46.52
N LYS C 146 -14.90 -32.52 -47.13
CA LYS C 146 -15.08 -32.11 -48.52
C LYS C 146 -14.60 -30.68 -48.74
N GLU C 147 -14.86 -29.77 -47.79
CA GLU C 147 -14.43 -28.39 -47.97
C GLU C 147 -12.92 -28.26 -47.91
N LYS C 148 -12.26 -29.12 -47.13
CA LYS C 148 -10.80 -29.03 -47.02
C LYS C 148 -10.12 -29.46 -48.32
N LEU C 149 -10.66 -30.48 -48.99
CA LEU C 149 -10.10 -30.91 -50.27
C LEU C 149 -10.28 -29.83 -51.32
N ILE C 150 -11.43 -29.17 -51.32
CA ILE C 150 -11.70 -28.11 -52.28
C ILE C 150 -10.75 -26.94 -52.07
N PHE C 151 -10.51 -26.56 -50.80
CA PHE C 151 -9.63 -25.44 -50.50
C PHE C 151 -8.20 -25.73 -50.96
N ARG C 152 -7.73 -26.96 -50.75
CA ARG C 152 -6.37 -27.36 -51.12
C ARG C 152 -6.09 -27.13 -52.61
N HIS C 153 -7.07 -27.42 -53.47
CA HIS C 153 -6.85 -27.24 -54.90
C HIS C 153 -6.51 -25.81 -55.26
N LYS C 154 -7.22 -24.84 -54.67
CA LYS C 154 -7.00 -23.45 -55.03
C LYS C 154 -5.54 -23.02 -54.86
N ILE C 155 -4.91 -23.43 -53.76
CA ILE C 155 -3.51 -23.05 -53.53
C ILE C 155 -2.60 -23.70 -54.56
N ALA C 156 -2.86 -24.96 -54.91
CA ALA C 156 -1.99 -25.66 -55.86
C ALA C 156 -1.79 -24.88 -57.15
N GLN C 157 -2.85 -24.29 -57.69
CA GLN C 157 -2.75 -23.61 -58.98
C GLN C 157 -1.88 -22.35 -58.90
N LYS C 158 -1.97 -21.61 -57.80
CA LYS C 158 -1.31 -20.32 -57.70
C LYS C 158 0.21 -20.48 -57.68
N VAL C 159 0.70 -21.52 -57.01
CA VAL C 159 2.15 -21.75 -56.90
C VAL C 159 2.78 -21.92 -58.29
N ARG C 160 2.20 -22.81 -59.10
CA ARG C 160 2.78 -23.13 -60.40
C ARG C 160 2.76 -21.91 -61.33
N ASN C 161 1.68 -21.13 -61.29
CA ASN C 161 1.57 -19.95 -62.13
C ASN C 161 2.67 -18.94 -61.81
N TYR C 162 2.89 -18.68 -60.51
CA TYR C 162 3.88 -17.68 -60.08
C TYR C 162 5.31 -18.10 -60.44
N LEU C 163 5.69 -19.35 -60.13
CA LEU C 163 7.08 -19.78 -60.35
C LEU C 163 7.42 -19.90 -61.83
N SER C 164 6.44 -20.23 -62.68
CA SER C 164 6.69 -20.24 -64.13
C SER C 164 7.07 -18.86 -64.64
N ASP C 165 6.40 -17.81 -64.13
CA ASP C 165 6.68 -16.45 -64.57
C ASP C 165 8.13 -16.03 -64.29
N GLN C 166 8.73 -16.55 -63.21
CA GLN C 166 10.13 -16.25 -62.89
C GLN C 166 11.12 -17.01 -63.77
N GLY C 167 10.65 -17.90 -64.64
CA GLY C 167 11.52 -18.68 -65.51
C GLY C 167 11.79 -20.10 -65.05
N PHE C 168 11.18 -20.54 -63.96
CA PHE C 168 11.35 -21.92 -63.51
C PHE C 168 10.57 -22.86 -64.41
N ILE C 169 11.16 -24.01 -64.67
CA ILE C 169 10.52 -25.06 -65.46
C ILE C 169 10.10 -26.17 -64.51
N GLU C 170 8.82 -26.54 -64.57
CA GLU C 170 8.36 -27.69 -63.81
C GLU C 170 8.80 -28.95 -64.55
N VAL C 171 9.54 -29.80 -63.86
CA VAL C 171 10.07 -31.04 -64.43
C VAL C 171 9.61 -32.17 -63.53
N GLU C 172 8.89 -33.12 -64.10
CA GLU C 172 8.57 -34.33 -63.34
C GLU C 172 9.84 -35.13 -63.17
N THR C 173 10.13 -35.53 -61.94
CA THR C 173 11.30 -36.34 -61.68
C THR C 173 10.87 -37.78 -61.40
N PRO C 174 11.76 -38.75 -61.57
CA PRO C 174 11.34 -40.15 -61.45
C PRO C 174 10.94 -40.48 -60.03
N VAL C 175 10.00 -41.41 -59.90
CA VAL C 175 9.61 -41.90 -58.58
C VAL C 175 10.35 -43.19 -58.24
N LEU C 176 10.65 -44.01 -59.25
CA LEU C 176 11.36 -45.26 -59.03
C LEU C 176 12.86 -45.03 -59.19
N ILE C 177 13.57 -44.83 -58.07
CA ILE C 177 14.99 -44.52 -58.14
C ILE C 177 15.81 -45.49 -57.31
N LYS C 178 17.08 -45.15 -57.04
CA LYS C 178 18.03 -46.05 -56.39
C LYS C 178 18.17 -45.71 -54.91
N SER C 179 18.13 -46.75 -54.08
CA SER C 179 18.31 -46.59 -52.64
C SER C 179 19.79 -46.38 -52.32
N THR C 180 20.04 -45.58 -51.32
CA THR C 180 21.36 -45.28 -50.80
C THR C 180 21.52 -45.83 -49.37
N PRO C 181 22.69 -46.37 -49.03
CA PRO C 181 22.86 -46.91 -47.67
C PRO C 181 22.67 -45.85 -46.60
N GLU C 182 23.04 -44.59 -46.90
CA GLU C 182 23.00 -43.51 -45.93
C GLU C 182 21.60 -42.90 -45.85
N GLY C 183 21.43 -42.01 -44.88
CA GLY C 183 20.23 -41.20 -44.75
C GLY C 183 19.07 -41.90 -44.08
N ALA C 184 17.90 -41.28 -44.22
CA ALA C 184 16.65 -41.77 -43.65
C ALA C 184 16.20 -43.04 -44.38
N ARG C 185 15.25 -43.75 -43.76
CA ARG C 185 14.79 -45.02 -44.31
C ARG C 185 13.97 -44.80 -45.58
N ASP C 186 14.40 -45.47 -46.65
CA ASP C 186 13.67 -45.51 -47.92
C ASP C 186 12.60 -46.59 -47.91
N PHE C 187 11.49 -46.31 -48.59
CA PHE C 187 10.63 -47.36 -49.08
C PHE C 187 11.30 -48.06 -50.27
N VAL C 188 11.08 -49.36 -50.40
CA VAL C 188 11.76 -50.13 -51.44
C VAL C 188 10.77 -50.80 -52.38
N VAL C 189 11.21 -51.04 -53.62
CA VAL C 189 10.38 -51.62 -54.70
C VAL C 189 11.12 -52.69 -55.49
N PRO C 190 10.76 -53.97 -55.37
CA PRO C 190 11.41 -55.01 -56.18
C PRO C 190 11.06 -54.95 -57.66
N SER C 191 12.07 -55.23 -58.51
CA SER C 191 11.94 -55.26 -59.96
C SER C 191 12.16 -56.64 -60.54
N ARG C 192 11.32 -57.02 -61.50
CA ARG C 192 11.40 -58.33 -62.14
C ARG C 192 12.57 -58.43 -63.12
N MET C 193 12.90 -57.36 -63.85
CA MET C 193 13.86 -57.47 -64.95
C MET C 193 15.26 -57.85 -64.49
N ASN C 194 15.67 -57.46 -63.28
CA ASN C 194 16.94 -57.90 -62.71
C ASN C 194 16.62 -58.45 -61.34
N PRO C 195 16.34 -59.74 -61.25
CA PRO C 195 15.67 -60.30 -60.05
C PRO C 195 16.43 -60.06 -58.76
N GLY C 196 15.66 -59.99 -57.65
CA GLY C 196 16.20 -59.81 -56.32
C GLY C 196 16.59 -58.40 -55.93
N GLN C 197 16.38 -57.42 -56.79
CA GLN C 197 16.81 -56.04 -56.57
C GLN C 197 15.61 -55.15 -56.22
N PHE C 198 15.92 -53.96 -55.69
CA PHE C 198 14.88 -53.04 -55.23
C PHE C 198 15.10 -51.64 -55.80
N TYR C 199 14.00 -50.91 -55.98
CA TYR C 199 14.01 -49.45 -56.12
C TYR C 199 13.75 -48.79 -54.78
N ALA C 200 14.06 -47.50 -54.72
CA ALA C 200 13.59 -46.65 -53.65
C ALA C 200 12.67 -45.57 -54.20
N LEU C 201 11.69 -45.19 -53.39
CA LEU C 201 10.91 -43.99 -53.60
C LEU C 201 11.65 -42.76 -53.08
N PRO C 202 11.48 -41.60 -53.73
CA PRO C 202 12.30 -40.44 -53.36
C PRO C 202 11.83 -39.79 -52.07
N GLN C 203 12.78 -39.57 -51.15
CA GLN C 203 12.51 -38.69 -50.01
C GLN C 203 12.34 -37.24 -50.45
N SER C 204 12.94 -36.87 -51.58
CA SER C 204 12.84 -35.56 -52.20
C SER C 204 13.42 -35.70 -53.60
N PRO C 205 13.25 -34.72 -54.48
CA PRO C 205 13.88 -34.82 -55.80
C PRO C 205 15.34 -34.38 -55.80
N GLN C 206 16.00 -34.43 -54.64
CA GLN C 206 17.29 -33.77 -54.45
C GLN C 206 18.30 -34.16 -55.52
N THR C 207 18.62 -35.45 -55.62
CA THR C 207 19.56 -35.94 -56.64
C THR C 207 19.24 -35.40 -58.03
N PHE C 208 17.95 -35.44 -58.40
CA PHE C 208 17.55 -35.06 -59.75
C PHE C 208 17.49 -33.56 -59.94
N LYS C 209 17.08 -32.81 -58.91
CA LYS C 209 17.04 -31.37 -59.06
C LYS C 209 18.44 -30.77 -59.15
N GLN C 210 19.43 -31.39 -58.49
CA GLN C 210 20.82 -30.98 -58.70
C GLN C 210 21.35 -31.44 -60.05
N LEU C 211 21.02 -32.68 -60.48
CA LEU C 211 21.42 -33.09 -61.82
C LEU C 211 20.82 -32.17 -62.88
N LEU C 212 19.62 -31.64 -62.64
CA LEU C 212 19.04 -30.70 -63.58
C LEU C 212 19.84 -29.40 -63.62
N MET C 213 20.53 -29.06 -62.53
CA MET C 213 21.42 -27.91 -62.56
C MET C 213 22.70 -28.23 -63.33
N VAL C 214 23.27 -29.41 -63.12
CA VAL C 214 24.41 -29.86 -63.93
C VAL C 214 24.07 -29.81 -65.41
N GLY C 215 22.83 -30.14 -65.76
CA GLY C 215 22.32 -30.17 -67.11
C GLY C 215 21.85 -28.84 -67.66
N GLY C 216 22.03 -27.74 -66.93
CA GLY C 216 21.76 -26.42 -67.46
C GLY C 216 20.33 -25.97 -67.38
N MET C 217 19.49 -26.62 -66.58
CA MET C 217 18.08 -26.24 -66.52
C MET C 217 17.89 -24.91 -65.82
N ASP C 218 18.89 -24.44 -65.06
CA ASP C 218 18.96 -23.09 -64.51
C ASP C 218 17.95 -22.84 -63.40
N LYS C 219 16.68 -23.13 -63.64
CA LYS C 219 15.62 -22.87 -62.68
C LYS C 219 14.62 -24.01 -62.75
N TYR C 220 14.52 -24.78 -61.67
CA TYR C 220 13.64 -25.95 -61.59
C TYR C 220 12.66 -25.79 -60.43
N PHE C 221 11.45 -26.31 -60.62
CA PHE C 221 10.54 -26.46 -59.49
C PHE C 221 9.59 -27.63 -59.75
N GLN C 222 8.84 -28.01 -58.71
CA GLN C 222 7.86 -29.10 -58.76
C GLN C 222 6.97 -29.12 -57.53
N ILE C 223 5.65 -29.26 -57.69
CA ILE C 223 4.80 -29.70 -56.60
C ILE C 223 4.70 -31.22 -56.70
N VAL C 224 5.27 -31.92 -55.72
CA VAL C 224 5.69 -33.30 -55.93
C VAL C 224 5.50 -34.10 -54.65
N LYS C 225 5.03 -35.34 -54.81
CA LYS C 225 4.94 -36.31 -53.72
C LYS C 225 6.30 -36.85 -53.35
N CYS C 226 6.57 -36.91 -52.05
CA CYS C 226 7.79 -37.50 -51.52
C CYS C 226 7.43 -38.57 -50.50
N PHE C 227 8.39 -39.46 -50.20
CA PHE C 227 8.10 -40.66 -49.43
C PHE C 227 9.16 -40.89 -48.37
N ARG C 228 8.73 -41.15 -47.13
CA ARG C 228 9.65 -41.40 -46.01
C ARG C 228 9.09 -42.46 -45.07
N ASP C 229 9.90 -43.46 -44.73
CA ASP C 229 9.49 -44.58 -43.88
C ASP C 229 10.02 -44.41 -42.45
N GLU C 230 9.45 -43.42 -41.75
CA GLU C 230 9.83 -43.12 -40.37
C GLU C 230 8.61 -43.15 -39.46
N ASP C 231 8.85 -43.00 -38.15
CA ASP C 231 7.77 -42.94 -37.18
C ASP C 231 6.88 -41.74 -37.47
N LEU C 232 5.57 -41.97 -37.52
CA LEU C 232 4.59 -40.94 -37.82
C LEU C 232 3.98 -40.43 -36.52
N ARG C 233 4.43 -39.25 -36.07
CA ARG C 233 3.99 -38.72 -34.79
C ARG C 233 2.70 -37.93 -35.00
N ALA C 234 2.80 -36.61 -35.11
CA ALA C 234 1.66 -35.77 -35.44
C ALA C 234 1.91 -35.19 -36.82
N ASP C 235 1.01 -35.49 -37.76
CA ASP C 235 1.07 -34.96 -39.12
C ASP C 235 2.35 -35.40 -39.85
N ARG C 236 2.74 -36.66 -39.68
CA ARG C 236 3.89 -37.22 -40.39
C ARG C 236 3.33 -38.36 -41.25
N GLN C 237 3.18 -38.13 -42.43
CA GLN C 237 2.61 -39.12 -43.33
C GLN C 237 3.70 -39.86 -44.10
N PRO C 238 3.51 -41.14 -44.42
CA PRO C 238 4.55 -41.84 -45.20
C PRO C 238 4.76 -41.22 -46.57
N GLU C 239 3.76 -40.54 -47.12
CA GLU C 239 3.88 -39.76 -48.34
C GLU C 239 3.33 -38.37 -48.08
N PHE C 240 3.95 -37.38 -48.71
CA PHE C 240 3.63 -35.98 -48.45
C PHE C 240 4.02 -35.16 -49.68
N THR C 241 3.52 -33.95 -49.77
CA THR C 241 3.68 -33.13 -50.96
C THR C 241 4.55 -31.93 -50.64
N GLN C 242 5.50 -31.63 -51.51
CA GLN C 242 6.46 -30.54 -51.37
C GLN C 242 6.40 -29.61 -52.57
N ILE C 243 6.78 -28.36 -52.35
CA ILE C 243 7.17 -27.46 -53.43
C ILE C 243 8.70 -27.46 -53.45
N ASP C 244 9.30 -28.11 -54.45
CA ASP C 244 10.74 -28.31 -54.51
C ASP C 244 11.38 -27.43 -55.57
N CYS C 245 12.46 -26.72 -55.20
CA CYS C 245 13.12 -25.77 -56.09
C CYS C 245 14.64 -25.86 -55.98
N GLU C 246 15.30 -25.48 -57.07
CA GLU C 246 16.75 -25.41 -57.18
C GLU C 246 17.08 -24.39 -58.25
N MET C 247 18.16 -23.63 -58.04
CA MET C 247 18.60 -22.60 -58.97
C MET C 247 20.12 -22.62 -59.11
N ALA C 248 20.62 -22.22 -60.27
CA ALA C 248 22.04 -22.18 -60.54
C ALA C 248 22.56 -20.74 -60.55
N PHE C 249 23.85 -20.61 -60.26
CA PHE C 249 24.55 -19.32 -60.32
C PHE C 249 23.84 -18.28 -59.45
N VAL C 250 23.52 -18.65 -58.22
CA VAL C 250 22.74 -17.81 -57.31
C VAL C 250 23.54 -17.53 -56.05
N GLU C 251 23.27 -16.35 -55.47
CA GLU C 251 23.69 -16.03 -54.11
C GLU C 251 22.55 -16.36 -53.15
N GLN C 252 22.90 -16.50 -51.87
CA GLN C 252 21.89 -16.81 -50.86
C GLN C 252 20.74 -15.82 -50.91
N GLU C 253 21.04 -14.53 -51.04
CA GLU C 253 20.01 -13.51 -51.05
C GLU C 253 19.06 -13.69 -52.22
N ASP C 254 19.56 -14.17 -53.37
CA ASP C 254 18.72 -14.34 -54.55
C ASP C 254 17.59 -15.35 -54.30
N VAL C 255 17.95 -16.55 -53.82
CA VAL C 255 16.95 -17.59 -53.59
C VAL C 255 15.94 -17.15 -52.54
N MET C 256 16.41 -16.47 -51.49
CA MET C 256 15.50 -15.96 -50.47
C MET C 256 14.54 -14.95 -51.08
N ASN C 257 15.08 -14.01 -51.88
CA ASN C 257 14.25 -12.97 -52.47
C ASN C 257 13.19 -13.54 -53.39
N ILE C 258 13.58 -14.51 -54.24
CA ILE C 258 12.61 -15.13 -55.14
C ILE C 258 11.46 -15.73 -54.34
N PHE C 259 11.79 -16.56 -53.34
CA PHE C 259 10.75 -17.25 -52.59
C PHE C 259 10.12 -16.35 -51.54
N GLU C 260 10.83 -15.31 -51.06
CA GLU C 260 10.16 -14.25 -50.32
C GLU C 260 9.15 -13.54 -51.20
N GLY C 261 9.55 -13.24 -52.44
CA GLY C 261 8.61 -12.68 -53.39
C GLY C 261 7.42 -13.59 -53.60
N LEU C 262 7.66 -14.90 -53.70
CA LEU C 262 6.53 -15.83 -53.83
C LEU C 262 5.63 -15.78 -52.61
N THR C 263 6.21 -15.91 -51.41
CA THR C 263 5.38 -15.92 -50.21
C THR C 263 4.75 -14.56 -49.96
N GLN C 264 5.49 -13.47 -50.19
CA GLN C 264 4.88 -12.15 -50.13
C GLN C 264 3.71 -12.07 -51.09
N ASN C 265 3.90 -12.53 -52.33
CA ASN C 265 2.79 -12.63 -53.28
C ASN C 265 1.74 -13.60 -52.77
N LEU C 266 2.17 -14.78 -52.32
CA LEU C 266 1.21 -15.77 -51.83
C LEU C 266 0.45 -15.24 -50.62
N LEU C 267 1.15 -14.62 -49.68
CA LEU C 267 0.46 -14.09 -48.50
C LEU C 267 -0.50 -12.96 -48.88
N LYS C 268 -0.04 -12.02 -49.70
CA LYS C 268 -0.90 -10.91 -50.10
C LYS C 268 -2.11 -11.41 -50.88
N ASP C 269 -1.89 -12.32 -51.84
CA ASP C 269 -2.98 -12.83 -52.65
C ASP C 269 -3.91 -13.74 -51.86
N ILE C 270 -3.36 -14.57 -50.98
CA ILE C 270 -4.20 -15.57 -50.31
C ILE C 270 -4.88 -15.00 -49.07
N ALA C 271 -4.24 -14.08 -48.35
CA ALA C 271 -4.76 -13.68 -47.05
C ALA C 271 -5.60 -12.41 -47.07
N GLY C 272 -5.62 -11.67 -48.18
CA GLY C 272 -6.41 -10.46 -48.24
C GLY C 272 -5.87 -9.27 -47.48
N GLN C 273 -4.68 -9.39 -46.89
CA GLN C 273 -4.01 -8.30 -46.20
C GLN C 273 -2.63 -8.18 -46.82
N GLU C 274 -2.20 -6.96 -47.14
CA GLU C 274 -0.84 -6.79 -47.63
C GLU C 274 0.15 -6.97 -46.48
N PHE C 275 1.25 -7.66 -46.77
CA PHE C 275 2.34 -7.91 -45.82
C PHE C 275 3.63 -7.28 -46.31
N GLY C 276 4.41 -6.74 -45.38
CA GLY C 276 5.68 -6.12 -45.70
C GLY C 276 6.85 -7.10 -45.71
N LYS C 277 8.05 -6.53 -45.76
CA LYS C 277 9.30 -7.30 -45.77
C LYS C 277 9.37 -8.25 -44.59
N PHE C 278 9.92 -9.44 -44.83
CA PHE C 278 9.99 -10.49 -43.82
C PHE C 278 11.06 -10.19 -42.78
N PRO C 279 10.74 -10.37 -41.49
CA PRO C 279 11.78 -10.27 -40.46
C PRO C 279 12.79 -11.41 -40.58
N ARG C 280 14.01 -11.14 -40.11
CA ARG C 280 15.06 -12.14 -40.11
C ARG C 280 15.67 -12.26 -38.72
N MET C 281 15.80 -13.50 -38.23
CA MET C 281 16.51 -13.79 -37.00
C MET C 281 17.62 -14.78 -37.31
N THR C 282 18.74 -14.64 -36.62
CA THR C 282 19.73 -15.70 -36.67
C THR C 282 19.25 -16.90 -35.86
N PHE C 283 19.84 -18.06 -36.16
CA PHE C 283 19.58 -19.26 -35.37
C PHE C 283 19.87 -18.99 -33.89
N ALA C 284 20.99 -18.31 -33.61
CA ALA C 284 21.36 -18.00 -32.23
C ALA C 284 20.34 -17.06 -31.58
N GLU C 285 19.84 -16.06 -32.33
CA GLU C 285 18.81 -15.17 -31.81
C GLU C 285 17.52 -15.93 -31.51
N ALA C 286 17.10 -16.83 -32.41
CA ALA C 286 15.84 -17.55 -32.21
C ALA C 286 15.90 -18.47 -30.99
N MET C 287 16.99 -19.23 -30.85
CA MET C 287 17.12 -20.17 -29.74
C MET C 287 17.10 -19.46 -28.39
N LYS C 288 17.72 -18.27 -28.32
CA LYS C 288 17.83 -17.55 -27.05
C LYS C 288 16.51 -16.94 -26.64
N LYS C 289 15.77 -16.35 -27.60
CA LYS C 289 14.54 -15.66 -27.25
C LYS C 289 13.34 -16.60 -27.17
N TYR C 290 13.33 -17.67 -27.95
CA TYR C 290 12.16 -18.55 -28.04
C TYR C 290 12.45 -20.02 -27.83
N GLY C 291 13.72 -20.44 -27.74
CA GLY C 291 14.01 -21.84 -27.51
C GLY C 291 13.78 -22.75 -28.67
N ASN C 292 13.60 -22.22 -29.89
CA ASN C 292 13.48 -23.05 -31.07
C ASN C 292 13.80 -22.19 -32.28
N ASP C 293 14.01 -22.86 -33.42
CA ASP C 293 14.40 -22.18 -34.64
C ASP C 293 13.24 -22.01 -35.62
N LYS C 294 12.00 -22.13 -35.15
CA LYS C 294 10.81 -21.82 -35.94
C LYS C 294 9.81 -21.13 -35.04
N PRO C 295 10.11 -19.89 -34.63
CA PRO C 295 9.38 -19.29 -33.52
C PRO C 295 8.03 -18.72 -33.93
N ASP C 296 7.05 -18.87 -33.04
CA ASP C 296 5.77 -18.16 -33.14
C ASP C 296 5.97 -16.84 -32.42
N ILE C 297 6.13 -15.76 -33.19
CA ILE C 297 6.48 -14.47 -32.65
C ILE C 297 5.24 -13.56 -32.51
N ARG C 298 4.04 -14.12 -32.56
CA ARG C 298 2.84 -13.30 -32.49
C ARG C 298 2.55 -12.79 -31.08
N PHE C 299 3.22 -13.34 -30.06
CA PHE C 299 3.03 -12.89 -28.68
C PHE C 299 4.37 -12.92 -27.95
N GLY C 300 4.34 -12.51 -26.69
CA GLY C 300 5.55 -12.35 -25.90
C GLY C 300 5.99 -13.63 -25.23
N MET C 301 6.03 -13.63 -23.90
CA MET C 301 6.58 -14.73 -23.12
C MET C 301 7.97 -15.10 -23.62
N GLU C 302 8.71 -14.08 -24.05
CA GLU C 302 10.08 -14.30 -24.50
C GLU C 302 10.90 -14.89 -23.36
N PHE C 303 11.95 -15.62 -23.72
CA PHE C 303 12.81 -16.21 -22.71
C PHE C 303 13.62 -15.11 -22.02
N HIS C 304 13.76 -15.22 -20.70
CA HIS C 304 14.66 -14.38 -19.93
C HIS C 304 15.63 -15.29 -19.18
N GLU C 305 16.92 -15.16 -19.49
CA GLU C 305 17.92 -15.97 -18.78
C GLU C 305 18.25 -15.33 -17.45
N LEU C 306 18.42 -16.16 -16.42
CA LEU C 306 18.43 -15.68 -15.04
C LEU C 306 19.66 -16.07 -14.24
N ASN C 307 20.70 -16.63 -14.88
CA ASN C 307 21.83 -17.20 -14.14
C ASN C 307 22.40 -16.21 -13.12
N ASP C 308 22.64 -14.97 -13.54
CA ASP C 308 23.23 -13.98 -12.63
C ASP C 308 22.31 -13.63 -11.48
N LEU C 309 20.99 -13.65 -11.70
CA LEU C 309 20.04 -13.24 -10.67
C LEU C 309 19.72 -14.34 -9.67
N VAL C 310 20.04 -15.60 -9.96
CA VAL C 310 19.61 -16.68 -9.09
C VAL C 310 20.77 -17.44 -8.47
N LYS C 311 21.94 -17.41 -9.11
CA LYS C 311 23.04 -18.25 -8.65
C LYS C 311 23.72 -17.65 -7.41
N GLY C 312 24.28 -18.54 -6.59
CA GLY C 312 25.00 -18.13 -5.40
C GLY C 312 24.16 -18.00 -4.15
N LYS C 313 22.94 -18.54 -4.12
CA LYS C 313 22.10 -18.45 -2.93
C LYS C 313 21.82 -19.82 -2.35
N ASP C 314 22.64 -20.81 -2.69
CA ASP C 314 22.61 -22.16 -2.12
C ASP C 314 21.37 -22.97 -2.54
N PHE C 315 20.66 -22.56 -3.58
CA PHE C 315 19.60 -23.38 -4.17
C PHE C 315 20.28 -24.28 -5.19
N LYS C 316 20.43 -25.57 -4.84
CA LYS C 316 21.32 -26.45 -5.57
C LYS C 316 20.93 -26.58 -7.04
N ILE C 317 19.62 -26.71 -7.31
CA ILE C 317 19.14 -26.90 -8.68
C ILE C 317 19.60 -25.76 -9.58
N PHE C 318 19.44 -24.51 -9.13
CA PHE C 318 19.87 -23.37 -9.96
C PHE C 318 21.39 -23.25 -9.97
N ASP C 319 22.06 -23.54 -8.86
CA ASP C 319 23.52 -23.38 -8.81
C ASP C 319 24.20 -24.29 -9.81
N GLU C 320 23.77 -25.54 -9.90
CA GLU C 320 24.41 -26.52 -10.76
C GLU C 320 23.92 -26.50 -12.20
N ALA C 321 22.85 -25.76 -12.50
CA ALA C 321 22.27 -25.82 -13.83
C ALA C 321 23.11 -25.00 -14.79
N GLU C 322 23.26 -25.54 -16.01
CA GLU C 322 23.94 -24.76 -17.04
C GLU C 322 23.18 -23.48 -17.35
N LEU C 323 21.87 -23.57 -17.49
CA LEU C 323 21.06 -22.43 -17.89
C LEU C 323 19.79 -22.41 -17.06
N VAL C 324 19.49 -21.26 -16.46
CA VAL C 324 18.23 -21.02 -15.78
C VAL C 324 17.46 -20.00 -16.61
N VAL C 325 16.26 -20.37 -17.05
CA VAL C 325 15.53 -19.53 -17.99
C VAL C 325 14.04 -19.65 -17.70
N GLY C 326 13.32 -18.55 -17.86
CA GLY C 326 11.90 -18.56 -17.58
C GLY C 326 11.12 -17.62 -18.48
N ILE C 327 9.80 -17.69 -18.32
CA ILE C 327 8.86 -16.86 -19.06
C ILE C 327 7.90 -16.22 -18.06
N ASN C 328 7.40 -15.04 -18.43
CA ASN C 328 6.39 -14.34 -17.64
C ASN C 328 5.04 -14.55 -18.28
N VAL C 329 4.14 -15.22 -17.56
CA VAL C 329 2.79 -15.49 -18.03
C VAL C 329 1.93 -14.35 -17.49
N GLU C 330 1.67 -13.37 -18.35
CA GLU C 330 1.02 -12.14 -17.89
C GLU C 330 -0.38 -12.40 -17.39
N GLY C 331 -0.72 -11.75 -16.27
CA GLY C 331 -2.07 -11.83 -15.75
C GLY C 331 -2.43 -13.15 -15.10
N CYS C 332 -1.45 -14.01 -14.80
CA CYS C 332 -1.77 -15.34 -14.31
C CYS C 332 -1.26 -15.61 -12.89
N ALA C 333 -0.91 -14.59 -12.10
CA ALA C 333 -0.47 -14.89 -10.74
C ALA C 333 -1.57 -15.53 -9.91
N GLU C 334 -2.83 -15.32 -10.28
CA GLU C 334 -3.93 -15.91 -9.56
C GLU C 334 -4.13 -17.38 -9.90
N TYR C 335 -3.24 -17.93 -10.72
CA TYR C 335 -3.24 -19.36 -10.97
C TYR C 335 -3.14 -20.11 -9.66
N THR C 336 -3.93 -21.18 -9.53
CA THR C 336 -3.93 -21.96 -8.31
C THR C 336 -2.73 -22.90 -8.27
N ARG C 337 -2.47 -23.44 -7.09
CA ARG C 337 -1.40 -24.43 -6.96
C ARG C 337 -1.72 -25.70 -7.74
N LYS C 338 -2.99 -26.12 -7.73
CA LYS C 338 -3.40 -27.27 -8.51
C LYS C 338 -3.10 -27.05 -9.98
N GLN C 339 -3.35 -25.84 -10.46
CA GLN C 339 -3.01 -25.53 -11.84
C GLN C 339 -1.51 -25.64 -12.07
N ILE C 340 -0.70 -25.23 -11.09
CA ILE C 340 0.76 -25.27 -11.24
C ILE C 340 1.28 -26.71 -11.31
N ASP C 341 0.86 -27.57 -10.37
CA ASP C 341 1.36 -28.95 -10.42
C ASP C 341 0.91 -29.67 -11.69
N GLU C 342 -0.26 -29.34 -12.23
CA GLU C 342 -0.67 -29.94 -13.50
C GLU C 342 0.30 -29.56 -14.61
N LEU C 343 0.72 -28.28 -14.65
CA LEU C 343 1.71 -27.84 -15.64
C LEU C 343 3.04 -28.54 -15.42
N THR C 344 3.46 -28.70 -14.16
CA THR C 344 4.69 -29.41 -13.87
C THR C 344 4.61 -30.85 -14.36
N ASP C 345 3.46 -31.51 -14.17
CA ASP C 345 3.28 -32.86 -14.70
C ASP C 345 3.35 -32.86 -16.23
N TRP C 346 2.77 -31.85 -16.87
CA TRP C 346 2.75 -31.83 -18.33
C TRP C 346 4.17 -31.75 -18.91
N ILE C 347 5.02 -30.90 -18.33
CA ILE C 347 6.39 -30.77 -18.85
C ILE C 347 7.26 -31.94 -18.39
N LYS C 348 6.85 -32.67 -17.34
CA LYS C 348 7.55 -33.87 -16.90
C LYS C 348 7.22 -35.10 -17.75
N ARG C 349 6.24 -35.02 -18.64
CA ARG C 349 5.99 -36.15 -19.52
C ARG C 349 7.24 -36.47 -20.32
N PRO C 350 7.48 -37.74 -20.64
CA PRO C 350 8.67 -38.08 -21.44
C PRO C 350 8.75 -37.33 -22.76
N GLN C 351 7.61 -36.94 -23.36
CA GLN C 351 7.65 -36.12 -24.56
C GLN C 351 8.45 -34.84 -24.37
N ILE C 352 8.38 -34.25 -23.18
CA ILE C 352 9.08 -32.99 -22.88
C ILE C 352 10.37 -33.25 -22.12
N GLY C 353 10.31 -34.03 -21.05
CA GLY C 353 11.49 -34.47 -20.35
C GLY C 353 12.01 -33.54 -19.27
N ALA C 354 11.21 -32.56 -18.83
CA ALA C 354 11.64 -31.67 -17.75
C ALA C 354 11.65 -32.39 -16.42
N THR C 355 12.54 -31.93 -15.55
CA THR C 355 12.70 -32.48 -14.22
C THR C 355 11.88 -31.75 -13.17
N GLY C 356 11.58 -30.47 -13.40
CA GLY C 356 10.82 -29.69 -12.44
C GLY C 356 10.59 -28.29 -12.97
N MET C 357 9.96 -27.48 -12.13
CA MET C 357 9.66 -26.10 -12.46
C MET C 357 9.66 -25.29 -11.18
N VAL C 358 10.23 -24.09 -11.24
CA VAL C 358 10.12 -23.10 -10.16
C VAL C 358 9.12 -22.05 -10.62
N TRP C 359 8.29 -21.58 -9.69
CA TRP C 359 7.32 -20.54 -10.00
C TRP C 359 7.51 -19.35 -9.07
N ILE C 360 7.19 -18.16 -9.60
CA ILE C 360 7.26 -16.90 -8.86
C ILE C 360 5.95 -16.15 -9.13
N LYS C 361 5.19 -15.86 -8.07
CA LYS C 361 3.92 -15.15 -8.19
C LYS C 361 4.13 -13.68 -7.86
N TYR C 362 3.76 -12.81 -8.79
CA TYR C 362 3.65 -11.38 -8.50
C TYR C 362 2.20 -11.15 -8.10
N GLN C 363 1.93 -11.26 -6.80
CA GLN C 363 0.55 -11.31 -6.33
C GLN C 363 -0.16 -9.97 -6.54
N ALA C 364 -1.50 -10.04 -6.52
CA ALA C 364 -2.32 -8.85 -6.79
C ALA C 364 -2.09 -7.75 -5.78
N ASP C 365 -1.71 -8.09 -4.55
CA ASP C 365 -1.46 -7.10 -3.53
C ASP C 365 -0.05 -6.54 -3.54
N GLY C 366 0.78 -6.91 -4.52
CA GLY C 366 2.13 -6.38 -4.60
C GLY C 366 3.19 -7.23 -3.92
N ILE C 367 2.80 -8.26 -3.17
CA ILE C 367 3.78 -9.15 -2.55
C ILE C 367 4.22 -10.19 -3.57
N VAL C 368 5.53 -10.28 -3.80
CA VAL C 368 6.11 -11.32 -4.65
C VAL C 368 6.45 -12.51 -3.78
N THR C 369 5.93 -13.69 -4.15
CA THR C 369 6.21 -14.94 -3.47
C THR C 369 6.63 -15.99 -4.50
N SER C 370 7.20 -17.11 -4.04
CA SER C 370 7.77 -18.08 -4.97
C SER C 370 7.71 -19.47 -4.36
N SER C 371 8.12 -20.47 -5.15
CA SER C 371 8.32 -21.82 -4.64
C SER C 371 9.72 -22.04 -4.07
N VAL C 372 10.52 -20.97 -3.98
CA VAL C 372 11.89 -21.03 -3.48
C VAL C 372 12.08 -19.96 -2.40
N ASN C 373 11.06 -19.75 -1.57
CA ASN C 373 11.17 -18.73 -0.52
C ASN C 373 12.22 -19.07 0.54
N LYS C 374 12.58 -20.33 0.72
CA LYS C 374 13.66 -20.66 1.66
C LYS C 374 15.02 -20.13 1.20
N PHE C 375 15.17 -19.79 -0.09
CA PHE C 375 16.47 -19.39 -0.62
C PHE C 375 16.52 -17.93 -1.08
N TYR C 376 15.39 -17.33 -1.42
CA TYR C 376 15.33 -16.00 -2.03
C TYR C 376 14.35 -15.15 -1.24
N ASN C 377 14.78 -13.97 -0.85
CA ASN C 377 13.92 -13.08 -0.09
C ASN C 377 13.09 -12.22 -1.06
N GLU C 378 12.30 -11.32 -0.49
CA GLU C 378 11.43 -10.48 -1.31
C GLU C 378 12.25 -9.65 -2.28
N GLU C 379 13.39 -9.12 -1.81
CA GLU C 379 14.22 -8.28 -2.67
C GLU C 379 14.84 -9.10 -3.81
N ASP C 380 15.24 -10.34 -3.53
CA ASP C 380 15.70 -11.21 -4.61
C ASP C 380 14.58 -11.44 -5.61
N LEU C 381 13.38 -11.77 -5.11
CA LEU C 381 12.26 -12.07 -6.01
C LEU C 381 11.85 -10.85 -6.82
N LYS C 382 11.93 -9.65 -6.22
CA LYS C 382 11.56 -8.43 -6.94
C LYS C 382 12.53 -8.13 -8.09
N LYS C 383 13.83 -8.36 -7.88
CA LYS C 383 14.80 -8.17 -8.96
C LYS C 383 14.52 -9.11 -10.12
N ILE C 384 14.10 -10.34 -9.84
CA ILE C 384 13.74 -11.26 -10.90
C ILE C 384 12.47 -10.77 -11.59
N ALA C 385 11.48 -10.35 -10.81
CA ALA C 385 10.25 -9.82 -11.38
C ALA C 385 10.53 -8.60 -12.26
N GLU C 386 11.50 -7.76 -11.85
CA GLU C 386 11.88 -6.61 -12.65
C GLU C 386 12.52 -7.03 -13.97
N GLU C 387 13.32 -8.10 -13.94
CA GLU C 387 13.95 -8.61 -15.15
C GLU C 387 12.93 -9.01 -16.19
N PHE C 388 11.84 -9.64 -15.76
CA PHE C 388 10.74 -10.01 -16.66
C PHE C 388 9.86 -8.83 -17.04
N GLY C 389 10.00 -7.69 -16.39
CA GLY C 389 9.01 -6.63 -16.54
C GLY C 389 7.64 -7.03 -16.04
N ALA C 390 7.59 -7.92 -15.06
CA ALA C 390 6.32 -8.40 -14.55
C ALA C 390 5.64 -7.34 -13.69
N LYS C 391 4.33 -7.47 -13.61
CA LYS C 391 3.46 -6.56 -12.89
C LYS C 391 2.58 -7.40 -11.98
N PRO C 392 1.97 -6.79 -10.96
CA PRO C 392 1.08 -7.55 -10.08
C PRO C 392 0.02 -8.30 -10.88
N GLY C 393 -0.15 -9.57 -10.56
CA GLY C 393 -1.00 -10.44 -11.32
C GLY C 393 -0.27 -11.36 -12.27
N ASP C 394 1.03 -11.15 -12.48
CA ASP C 394 1.79 -11.96 -13.42
C ASP C 394 2.40 -13.16 -12.71
N LEU C 395 2.60 -14.23 -13.46
CA LEU C 395 3.19 -15.46 -12.96
C LEU C 395 4.41 -15.82 -13.81
N MET C 396 5.57 -15.92 -13.18
CA MET C 396 6.79 -16.32 -13.85
C MET C 396 7.07 -17.80 -13.60
N LEU C 397 7.38 -18.54 -14.66
CA LEU C 397 7.67 -19.98 -14.59
C LEU C 397 9.10 -20.20 -15.05
N VAL C 398 9.88 -20.93 -14.27
CA VAL C 398 11.31 -20.99 -14.49
C VAL C 398 11.75 -22.45 -14.58
N LEU C 399 12.47 -22.79 -15.64
CA LEU C 399 13.09 -24.09 -15.79
C LEU C 399 14.60 -23.95 -15.71
N SER C 400 15.29 -25.07 -15.50
CA SER C 400 16.75 -25.03 -15.49
C SER C 400 17.30 -26.37 -15.96
N GLY C 401 18.50 -26.34 -16.52
CA GLY C 401 19.19 -27.55 -16.96
C GLY C 401 20.21 -27.23 -18.03
N ASN C 402 20.57 -28.25 -18.81
CA ASN C 402 21.46 -28.04 -19.93
C ASN C 402 20.81 -27.09 -20.94
N GLU C 403 21.64 -26.29 -21.59
CA GLU C 403 21.14 -25.19 -22.42
C GLU C 403 20.17 -25.66 -23.49
N ASN C 404 20.55 -26.66 -24.27
CA ASN C 404 19.69 -27.03 -25.38
C ASN C 404 18.43 -27.74 -24.89
N LYS C 405 18.55 -28.63 -23.90
CA LYS C 405 17.38 -29.32 -23.40
C LYS C 405 16.40 -28.36 -22.76
N VAL C 406 16.88 -27.41 -21.96
CA VAL C 406 15.96 -26.57 -21.20
C VAL C 406 15.26 -25.56 -22.10
N ARG C 407 15.92 -25.11 -23.18
CA ARG C 407 15.26 -24.20 -24.11
C ARG C 407 14.10 -24.87 -24.85
N ALA C 408 14.27 -26.13 -25.26
CA ALA C 408 13.18 -26.85 -25.90
C ALA C 408 12.06 -27.13 -24.91
N GLN C 409 12.40 -27.47 -23.66
CA GLN C 409 11.37 -27.70 -22.65
C GLN C 409 10.54 -26.45 -22.42
N LEU C 410 11.21 -25.32 -22.22
CA LEU C 410 10.50 -24.07 -21.99
C LEU C 410 9.73 -23.63 -23.24
N SER C 411 10.26 -23.91 -24.43
CA SER C 411 9.53 -23.57 -25.64
C SER C 411 8.25 -24.38 -25.76
N ALA C 412 8.31 -25.68 -25.46
CA ALA C 412 7.08 -26.47 -25.43
C ALA C 412 6.10 -25.91 -24.40
N LEU C 413 6.60 -25.51 -23.22
CA LEU C 413 5.71 -24.92 -22.22
C LEU C 413 5.13 -23.58 -22.70
N ARG C 414 5.97 -22.74 -23.32
CA ARG C 414 5.47 -21.46 -23.82
C ARG C 414 4.35 -21.65 -24.84
N MET C 415 4.53 -22.56 -25.80
CA MET C 415 3.53 -22.77 -26.84
C MET C 415 2.26 -23.41 -26.27
N GLU C 416 2.43 -24.38 -25.37
CA GLU C 416 1.27 -25.04 -24.76
C GLU C 416 0.43 -24.05 -23.96
N LEU C 417 1.08 -23.11 -23.27
CA LEU C 417 0.31 -22.09 -22.55
C LEU C 417 -0.39 -21.16 -23.54
N GLY C 418 0.26 -20.86 -24.67
CA GLY C 418 -0.39 -20.03 -25.67
C GLY C 418 -1.69 -20.65 -26.17
N ASN C 419 -1.68 -21.97 -26.39
CA ASN C 419 -2.90 -22.66 -26.80
C ASN C 419 -3.95 -22.59 -25.70
N ARG C 420 -3.57 -22.95 -24.46
CA ARG C 420 -4.53 -22.95 -23.36
C ARG C 420 -5.08 -21.55 -23.09
N LEU C 421 -4.24 -20.53 -23.17
CA LEU C 421 -4.64 -19.16 -22.86
C LEU C 421 -5.29 -18.46 -24.03
N GLY C 422 -5.49 -19.15 -25.15
CA GLY C 422 -6.16 -18.54 -26.28
C GLY C 422 -5.39 -17.42 -26.95
N LEU C 423 -4.06 -17.43 -26.90
CA LEU C 423 -3.29 -16.42 -27.60
C LEU C 423 -2.90 -16.85 -29.01
N ARG C 424 -3.15 -18.10 -29.38
CA ARG C 424 -2.83 -18.60 -30.72
C ARG C 424 -4.15 -18.71 -31.49
N LYS C 425 -4.43 -17.71 -32.32
CA LYS C 425 -5.68 -17.61 -33.05
C LYS C 425 -5.46 -17.96 -34.53
N GLY C 426 -6.32 -18.82 -35.06
CA GLY C 426 -6.18 -19.26 -36.44
C GLY C 426 -6.17 -18.12 -37.44
N ASN C 427 -6.78 -16.99 -37.09
CA ASN C 427 -6.90 -15.84 -37.99
C ASN C 427 -5.72 -14.87 -37.95
N GLU C 428 -4.69 -15.12 -37.15
CA GLU C 428 -3.52 -14.27 -37.06
C GLU C 428 -2.32 -14.93 -37.72
N PHE C 429 -1.56 -14.15 -38.51
CA PHE C 429 -0.46 -14.69 -39.32
C PHE C 429 0.81 -13.84 -39.19
N ALA C 430 1.96 -14.48 -38.89
CA ALA C 430 3.28 -13.85 -38.76
C ALA C 430 4.44 -14.59 -39.44
N PRO C 431 4.93 -14.12 -40.59
CA PRO C 431 6.08 -14.74 -41.25
C PRO C 431 7.44 -14.22 -40.81
N LEU C 432 8.47 -15.06 -41.00
CA LEU C 432 9.86 -14.64 -40.78
C LEU C 432 10.83 -15.63 -41.40
N TRP C 433 12.09 -15.19 -41.56
CA TRP C 433 13.23 -16.02 -41.94
C TRP C 433 14.16 -16.27 -40.76
N VAL C 434 14.72 -17.48 -40.68
CA VAL C 434 15.82 -17.80 -39.77
C VAL C 434 17.07 -18.13 -40.58
N ILE C 435 18.19 -17.46 -40.26
CA ILE C 435 19.44 -17.56 -41.03
C ILE C 435 20.62 -17.85 -40.11
N ASP C 436 21.81 -17.98 -40.72
CA ASP C 436 23.08 -18.19 -40.01
C ASP C 436 23.06 -19.43 -39.13
N PHE C 437 22.48 -20.50 -39.64
CA PHE C 437 22.58 -21.77 -38.94
C PHE C 437 24.05 -22.22 -38.91
N PRO C 438 24.46 -22.88 -37.83
CA PRO C 438 25.74 -23.58 -37.82
C PRO C 438 25.74 -24.68 -38.88
N LEU C 439 26.92 -24.93 -39.47
CA LEU C 439 27.01 -25.97 -40.49
C LEU C 439 26.74 -27.34 -39.90
N LEU C 440 27.21 -27.61 -38.68
CA LEU C 440 27.08 -28.93 -38.08
C LEU C 440 26.47 -28.82 -36.69
N GLU C 441 26.00 -29.97 -36.20
CA GLU C 441 25.49 -30.14 -34.85
C GLU C 441 26.04 -31.44 -34.28
N TRP C 442 26.56 -31.40 -33.05
CA TRP C 442 27.21 -32.55 -32.46
C TRP C 442 26.17 -33.48 -31.84
N ASP C 443 26.39 -34.79 -31.99
CA ASP C 443 25.47 -35.79 -31.43
C ASP C 443 26.08 -36.56 -30.26
N GLN C 447 27.86 -40.11 -31.53
CA GLN C 447 29.03 -39.39 -31.05
C GLN C 447 29.87 -38.85 -32.21
N ARG C 448 29.19 -38.23 -33.17
CA ARG C 448 29.78 -37.65 -34.37
C ARG C 448 29.07 -36.32 -34.64
N TYR C 449 29.54 -35.61 -35.67
CA TYR C 449 28.85 -34.42 -36.13
C TYR C 449 27.80 -34.76 -37.18
N HIS C 450 26.71 -33.98 -37.17
CA HIS C 450 25.61 -34.10 -38.13
C HIS C 450 25.31 -32.74 -38.75
N ALA C 451 24.75 -32.76 -39.95
CA ALA C 451 24.52 -31.56 -40.75
C ALA C 451 23.16 -30.94 -40.47
N MET C 452 23.12 -29.61 -40.40
CA MET C 452 21.86 -28.89 -40.18
C MET C 452 21.06 -28.72 -41.46
N HIS C 453 21.71 -28.81 -42.62
CA HIS C 453 21.06 -28.76 -43.93
C HIS C 453 21.68 -29.85 -44.79
N HIS C 454 21.39 -29.81 -46.08
CA HIS C 454 21.91 -30.82 -46.98
C HIS C 454 23.44 -30.88 -46.86
N PRO C 455 24.04 -32.07 -46.88
CA PRO C 455 25.50 -32.16 -46.74
C PRO C 455 26.29 -31.36 -47.77
N PHE C 456 25.66 -30.92 -48.86
CA PHE C 456 26.36 -30.09 -49.84
C PHE C 456 26.28 -28.60 -49.47
N THR C 457 25.72 -28.27 -48.31
CA THR C 457 25.51 -26.88 -47.93
C THR C 457 26.84 -26.13 -47.75
N SER C 458 26.85 -24.91 -48.24
CA SER C 458 28.05 -24.09 -48.34
C SER C 458 28.31 -23.39 -47.00
N PRO C 459 29.54 -23.40 -46.50
CA PRO C 459 29.85 -22.58 -45.32
C PRO C 459 29.97 -21.11 -45.69
N LYS C 460 29.65 -20.25 -44.75
CA LYS C 460 29.84 -18.81 -44.94
C LYS C 460 31.30 -18.52 -45.28
N PRO C 461 31.57 -17.62 -46.23
CA PRO C 461 32.96 -17.29 -46.57
C PRO C 461 33.84 -16.92 -45.38
N GLU C 462 33.33 -16.11 -44.45
CA GLU C 462 34.13 -15.66 -43.32
C GLU C 462 34.39 -16.75 -42.29
N ASP C 463 33.80 -17.94 -42.44
CA ASP C 463 33.96 -19.01 -41.47
C ASP C 463 34.81 -20.18 -41.98
N ILE C 464 35.36 -20.10 -43.20
CA ILE C 464 36.11 -21.23 -43.74
C ILE C 464 37.29 -21.57 -42.84
N HIS C 465 37.93 -20.54 -42.25
CA HIS C 465 39.07 -20.76 -41.37
C HIS C 465 38.74 -21.60 -40.15
N LEU C 466 37.46 -21.72 -39.78
CA LEU C 466 37.09 -22.49 -38.60
C LEU C 466 37.08 -24.00 -38.85
N LEU C 467 37.16 -24.45 -40.10
CA LEU C 467 37.04 -25.88 -40.38
C LEU C 467 38.24 -26.66 -39.85
N GLU C 468 39.42 -26.03 -39.79
CA GLU C 468 40.64 -26.73 -39.40
C GLU C 468 40.57 -27.27 -37.97
N ASN C 469 40.18 -26.42 -37.02
CA ASN C 469 40.24 -26.81 -35.61
C ASN C 469 38.94 -26.55 -34.86
N GLU C 470 38.15 -25.57 -35.30
CA GLU C 470 36.93 -25.20 -34.60
C GLU C 470 35.71 -25.37 -35.50
N ALA C 471 35.57 -26.56 -36.09
CA ALA C 471 34.56 -26.80 -37.13
C ALA C 471 33.14 -26.56 -36.63
N GLY C 472 32.90 -26.74 -35.33
CA GLY C 472 31.56 -26.59 -34.78
C GLY C 472 31.01 -25.18 -34.77
N LYS C 473 31.86 -24.16 -34.92
CA LYS C 473 31.40 -22.78 -34.87
C LYS C 473 31.15 -22.15 -36.24
N ALA C 474 31.41 -22.87 -37.33
CA ALA C 474 31.25 -22.31 -38.66
C ALA C 474 29.78 -22.23 -39.06
N ARG C 475 29.40 -21.12 -39.68
CA ARG C 475 28.02 -20.91 -40.10
C ARG C 475 27.78 -21.35 -41.54
N ALA C 476 26.57 -21.85 -41.78
CA ALA C 476 26.13 -22.28 -43.10
C ALA C 476 25.44 -21.16 -43.86
N ASN C 477 25.52 -21.25 -45.19
CA ASN C 477 24.75 -20.40 -46.11
C ASN C 477 23.36 -21.01 -46.33
N ALA C 478 22.50 -20.89 -45.31
CA ALA C 478 21.22 -21.59 -45.28
C ALA C 478 20.12 -20.69 -44.73
N TYR C 479 18.87 -21.07 -45.00
CA TYR C 479 17.70 -20.22 -44.77
C TYR C 479 16.44 -21.07 -44.59
N ASP C 480 15.58 -20.67 -43.63
CA ASP C 480 14.30 -21.31 -43.33
C ASP C 480 13.18 -20.29 -43.22
N LEU C 481 12.03 -20.58 -43.83
CA LEU C 481 10.83 -19.75 -43.76
C LEU C 481 9.84 -20.30 -42.72
N VAL C 482 9.36 -19.41 -41.83
CA VAL C 482 8.51 -19.78 -40.70
C VAL C 482 7.24 -18.93 -40.69
N ILE C 483 6.11 -19.55 -40.34
CA ILE C 483 4.84 -18.86 -40.16
C ILE C 483 4.14 -19.41 -38.92
N ASN C 484 3.86 -18.53 -37.94
CA ASN C 484 3.08 -18.85 -36.74
C ASN C 484 3.66 -20.01 -35.94
N GLY C 485 4.99 -20.11 -35.92
CA GLY C 485 5.63 -21.23 -35.26
C GLY C 485 5.63 -22.52 -36.06
N ASN C 486 5.20 -22.49 -37.31
CA ASN C 486 5.24 -23.65 -38.20
C ASN C 486 6.38 -23.46 -39.20
N GLU C 487 7.26 -24.46 -39.30
CA GLU C 487 8.30 -24.41 -40.31
C GLU C 487 7.70 -24.75 -41.66
N ILE C 488 7.76 -23.80 -42.59
CA ILE C 488 7.18 -24.02 -43.91
C ILE C 488 8.19 -24.68 -44.84
N GLY C 489 9.47 -24.32 -44.74
CA GLY C 489 10.48 -24.91 -45.60
C GLY C 489 11.82 -24.22 -45.48
N GLY C 490 12.78 -24.73 -46.25
CA GLY C 490 14.13 -24.19 -46.21
C GLY C 490 15.03 -24.79 -47.28
N GLY C 491 16.26 -24.29 -47.31
CA GLY C 491 17.28 -24.77 -48.23
C GLY C 491 18.61 -24.09 -48.00
N SER C 492 19.51 -24.21 -48.97
CA SER C 492 20.86 -23.66 -48.84
C SER C 492 21.51 -23.54 -50.22
N ILE C 493 22.64 -22.81 -50.24
CA ILE C 493 23.51 -22.77 -51.40
C ILE C 493 24.49 -23.94 -51.31
N ARG C 494 24.76 -24.58 -52.43
CA ARG C 494 25.54 -25.81 -52.42
C ARG C 494 27.02 -25.54 -52.74
N ILE C 495 27.86 -26.51 -52.38
CA ILE C 495 29.29 -26.46 -52.66
C ILE C 495 29.52 -26.90 -54.11
N PHE C 496 30.37 -26.16 -54.83
CA PHE C 496 30.83 -26.57 -56.15
C PHE C 496 32.34 -26.82 -56.18
N ASP C 497 33.03 -26.62 -55.05
CA ASP C 497 34.46 -26.89 -54.91
C ASP C 497 34.62 -28.33 -54.41
N LYS C 498 35.14 -29.21 -55.28
CA LYS C 498 35.17 -30.64 -54.98
C LYS C 498 36.03 -30.95 -53.75
N ASP C 499 37.13 -30.23 -53.56
CA ASP C 499 37.98 -30.45 -52.39
C ASP C 499 37.29 -30.01 -51.11
N LEU C 500 36.58 -28.88 -51.18
CA LEU C 500 35.80 -28.40 -50.04
C LEU C 500 34.74 -29.41 -49.63
N GLN C 501 34.07 -30.03 -50.60
CA GLN C 501 33.04 -31.01 -50.28
C GLN C 501 33.63 -32.22 -49.55
N ALA C 502 34.79 -32.71 -50.00
CA ALA C 502 35.42 -33.87 -49.36
C ALA C 502 35.80 -33.55 -47.92
N GLN C 503 36.25 -32.32 -47.66
CA GLN C 503 36.53 -31.90 -46.30
C GLN C 503 35.27 -31.89 -45.44
N MET C 504 34.15 -31.49 -46.03
CA MET C 504 32.88 -31.50 -45.31
C MET C 504 32.44 -32.93 -44.99
N PHE C 505 32.63 -33.86 -45.93
CA PHE C 505 32.30 -35.26 -45.67
C PHE C 505 33.07 -35.79 -44.48
N SER C 506 34.36 -35.44 -44.39
CA SER C 506 35.19 -35.88 -43.27
C SER C 506 34.72 -35.29 -41.96
N LEU C 507 34.40 -34.00 -41.96
CA LEU C 507 33.85 -33.36 -40.77
C LEU C 507 32.60 -34.08 -40.28
N LEU C 508 31.82 -34.64 -41.19
CA LEU C 508 30.59 -35.35 -40.84
C LEU C 508 30.82 -36.81 -40.44
N GLY C 509 32.07 -37.28 -40.44
CA GLY C 509 32.36 -38.62 -40.00
C GLY C 509 32.33 -39.70 -41.07
N PHE C 510 32.40 -39.33 -42.35
CA PHE C 510 32.43 -40.31 -43.43
C PHE C 510 33.88 -40.64 -43.79
N THR C 511 34.16 -41.95 -43.88
CA THR C 511 35.42 -42.42 -44.43
C THR C 511 35.50 -42.15 -45.93
N PRO C 512 36.70 -42.20 -46.53
CA PRO C 512 36.77 -42.08 -47.98
C PRO C 512 35.91 -43.11 -48.69
N GLU C 513 35.88 -44.34 -48.17
CA GLU C 513 35.02 -45.38 -48.73
C GLU C 513 33.56 -45.13 -48.39
N GLU C 514 33.31 -44.60 -47.18
CA GLU C 514 31.94 -44.29 -46.78
C GLU C 514 31.35 -43.14 -47.60
N ALA C 515 32.16 -42.13 -47.90
CA ALA C 515 31.67 -40.99 -48.69
C ALA C 515 31.30 -41.41 -50.10
N GLU C 516 32.10 -42.28 -50.71
CA GLU C 516 31.79 -42.76 -52.07
C GLU C 516 30.50 -43.57 -52.09
N ALA C 517 30.24 -44.37 -51.05
CA ALA C 517 29.06 -45.23 -51.04
C ALA C 517 27.77 -44.41 -51.04
N GLN C 518 27.74 -43.30 -50.30
CA GLN C 518 26.53 -42.50 -50.18
C GLN C 518 26.44 -41.39 -51.20
N PHE C 519 27.58 -40.80 -51.61
CA PHE C 519 27.56 -39.65 -52.50
C PHE C 519 28.42 -39.83 -53.74
N GLY C 520 28.94 -41.03 -53.99
CA GLY C 520 29.90 -41.20 -55.07
C GLY C 520 29.33 -40.93 -56.45
N PHE C 521 28.05 -41.26 -56.66
CA PHE C 521 27.43 -41.06 -57.96
C PHE C 521 27.35 -39.57 -58.32
N LEU C 522 26.90 -38.75 -57.36
CA LEU C 522 26.80 -37.31 -57.59
C LEU C 522 28.19 -36.68 -57.70
N MET C 523 29.14 -37.12 -56.88
CA MET C 523 30.50 -36.59 -56.96
C MET C 523 31.10 -36.80 -58.34
N ASN C 524 30.95 -38.01 -58.88
CA ASN C 524 31.44 -38.27 -60.23
C ASN C 524 30.67 -37.46 -61.26
N ALA C 525 29.35 -37.29 -61.06
CA ALA C 525 28.56 -36.47 -61.96
C ALA C 525 29.03 -35.02 -61.98
N PHE C 526 29.35 -34.46 -60.81
CA PHE C 526 29.75 -33.07 -60.76
C PHE C 526 31.04 -32.82 -61.52
N LYS C 527 31.89 -33.84 -61.65
CA LYS C 527 33.19 -33.66 -62.30
C LYS C 527 33.06 -33.29 -63.77
N TYR C 528 31.90 -33.51 -64.39
CA TYR C 528 31.69 -33.13 -65.79
C TYR C 528 31.16 -31.71 -65.96
N GLY C 529 31.12 -30.92 -64.88
CA GLY C 529 30.79 -29.51 -65.00
C GLY C 529 29.58 -29.02 -64.23
N ALA C 530 29.43 -29.45 -62.98
CA ALA C 530 28.40 -28.87 -62.13
C ALA C 530 28.65 -27.38 -61.97
N PRO C 531 27.62 -26.54 -62.07
CA PRO C 531 27.79 -25.10 -61.78
C PRO C 531 27.60 -24.84 -60.30
N PRO C 532 27.90 -23.64 -59.82
CA PRO C 532 27.33 -23.20 -58.54
C PRO C 532 25.81 -23.25 -58.61
N HIS C 533 25.20 -23.68 -57.50
CA HIS C 533 23.74 -23.77 -57.40
C HIS C 533 23.33 -23.83 -55.93
N GLY C 534 22.06 -23.50 -55.68
CA GLY C 534 21.46 -23.61 -54.37
C GLY C 534 19.98 -23.92 -54.48
N GLY C 535 19.38 -24.36 -53.37
CA GLY C 535 17.99 -24.79 -53.41
C GLY C 535 17.13 -24.48 -52.20
N LEU C 536 15.88 -25.00 -52.21
CA LEU C 536 14.85 -24.71 -51.22
C LEU C 536 13.67 -25.66 -51.42
N ALA C 537 13.07 -26.15 -50.32
CA ALA C 537 11.86 -26.97 -50.38
C ALA C 537 10.83 -26.51 -49.35
N PHE C 538 9.54 -26.51 -49.74
CA PHE C 538 8.45 -26.16 -48.84
C PHE C 538 7.52 -27.35 -48.58
N GLY C 539 6.93 -27.38 -47.39
CA GLY C 539 5.93 -28.39 -47.04
C GLY C 539 4.53 -27.96 -47.44
N PHE C 540 3.99 -28.56 -48.51
CA PHE C 540 2.71 -28.11 -49.06
C PHE C 540 1.54 -28.42 -48.14
N ASP C 541 1.49 -29.65 -47.61
CA ASP C 541 0.42 -30.03 -46.69
C ASP C 541 0.32 -29.07 -45.52
N ARG C 542 1.46 -28.75 -44.90
CA ARG C 542 1.42 -27.85 -43.75
C ARG C 542 1.06 -26.43 -44.20
N LEU C 543 1.59 -25.98 -45.33
CA LEU C 543 1.28 -24.64 -45.80
C LEU C 543 -0.22 -24.47 -46.02
N VAL C 544 -0.85 -25.44 -46.67
CA VAL C 544 -2.30 -25.38 -46.87
C VAL C 544 -3.04 -25.40 -45.54
N ALA C 545 -2.68 -26.35 -44.66
CA ALA C 545 -3.30 -26.44 -43.35
C ALA C 545 -3.21 -25.11 -42.61
N VAL C 546 -2.02 -24.50 -42.61
CA VAL C 546 -1.81 -23.25 -41.90
C VAL C 546 -2.65 -22.13 -42.52
N LEU C 547 -2.69 -22.06 -43.84
CA LEU C 547 -3.45 -21.01 -44.51
C LEU C 547 -4.94 -21.09 -44.21
N ASP C 548 -5.43 -22.28 -43.91
CA ASP C 548 -6.82 -22.47 -43.55
C ASP C 548 -7.07 -22.28 -42.06
N GLY C 549 -6.10 -21.74 -41.32
CA GLY C 549 -6.26 -21.52 -39.90
C GLY C 549 -6.19 -22.79 -39.08
N ASN C 550 -5.56 -23.83 -39.61
CA ASN C 550 -5.51 -25.14 -38.98
C ASN C 550 -4.05 -25.53 -38.81
N GLU C 551 -3.81 -26.47 -37.90
CA GLU C 551 -2.47 -27.00 -37.72
C GLU C 551 -2.44 -28.53 -37.76
N VAL C 552 -3.57 -29.19 -38.02
CA VAL C 552 -3.62 -30.63 -38.27
C VAL C 552 -3.80 -30.82 -39.77
N ILE C 553 -2.86 -31.53 -40.40
CA ILE C 553 -2.90 -31.72 -41.85
C ILE C 553 -3.72 -32.92 -42.30
N ARG C 554 -4.10 -33.83 -41.40
CA ARG C 554 -4.74 -35.08 -41.80
C ARG C 554 -5.97 -34.84 -42.68
N ASP C 555 -6.82 -33.91 -42.27
CA ASP C 555 -8.08 -33.71 -42.96
C ASP C 555 -7.95 -32.89 -44.23
N TYR C 556 -6.74 -32.49 -44.61
CA TYR C 556 -6.49 -31.92 -45.93
C TYR C 556 -5.92 -32.94 -46.91
N ILE C 557 -5.79 -34.19 -46.50
CA ILE C 557 -5.32 -35.27 -47.38
C ILE C 557 -6.50 -36.21 -47.62
N ALA C 558 -6.82 -36.46 -48.88
CA ALA C 558 -8.00 -37.24 -49.22
C ALA C 558 -8.00 -38.60 -48.54
N PHE C 559 -6.91 -39.34 -48.67
CA PHE C 559 -6.84 -40.71 -48.15
C PHE C 559 -5.54 -40.90 -47.37
N PRO C 560 -5.48 -40.43 -46.13
CA PRO C 560 -4.26 -40.50 -45.33
C PRO C 560 -4.04 -41.87 -44.71
N LYS C 561 -2.89 -42.02 -44.05
CA LYS C 561 -2.52 -43.23 -43.33
C LYS C 561 -2.63 -42.99 -41.82
N ASN C 562 -2.52 -44.08 -41.05
CA ASN C 562 -2.57 -43.96 -39.61
C ASN C 562 -1.19 -43.56 -39.09
N ASN C 563 -1.06 -43.50 -37.76
CA ASN C 563 0.20 -43.08 -37.16
C ASN C 563 1.35 -44.06 -37.43
N SER C 564 1.07 -45.28 -37.89
CA SER C 564 2.11 -46.23 -38.28
C SER C 564 2.27 -46.38 -39.79
N GLY C 565 1.60 -45.56 -40.58
CA GLY C 565 1.70 -45.66 -42.03
C GLY C 565 0.79 -46.64 -42.73
N ARG C 566 -0.23 -47.15 -42.05
CA ARG C 566 -1.16 -48.09 -42.66
C ARG C 566 -2.44 -47.35 -43.05
N ASP C 567 -2.98 -47.67 -44.22
CA ASP C 567 -4.29 -47.17 -44.60
C ASP C 567 -5.31 -48.18 -44.10
N VAL C 568 -6.02 -47.82 -43.03
CA VAL C 568 -6.93 -48.76 -42.40
C VAL C 568 -8.17 -48.99 -43.23
N MET C 569 -8.35 -48.23 -44.32
CA MET C 569 -9.52 -48.38 -45.16
C MET C 569 -9.33 -49.51 -46.17
N ILE C 570 -8.17 -49.57 -46.83
CA ILE C 570 -7.90 -50.64 -47.79
C ILE C 570 -7.02 -51.72 -47.20
N ASP C 571 -6.56 -51.52 -45.96
CA ASP C 571 -5.73 -52.46 -45.21
C ASP C 571 -4.44 -52.77 -45.97
N ALA C 572 -3.68 -51.71 -46.23
CA ALA C 572 -2.36 -51.85 -46.79
C ALA C 572 -1.34 -51.34 -45.80
N PRO C 573 -0.15 -51.93 -45.76
CA PRO C 573 0.35 -53.04 -46.60
C PRO C 573 -0.24 -54.41 -46.27
N ALA C 574 0.01 -55.39 -47.14
CA ALA C 574 -0.51 -56.74 -46.96
C ALA C 574 0.42 -57.73 -47.65
N SER C 575 0.13 -59.01 -47.48
CA SER C 575 0.89 -60.06 -48.14
C SER C 575 0.62 -60.05 -49.64
N ILE C 576 1.63 -60.49 -50.41
CA ILE C 576 1.53 -60.56 -51.86
C ILE C 576 1.47 -62.04 -52.27
N ALA C 577 1.19 -62.25 -53.55
CA ALA C 577 1.02 -63.62 -54.05
C ALA C 577 2.37 -64.32 -54.14
N ASN C 578 2.35 -65.65 -53.96
CA ASN C 578 3.56 -66.43 -54.12
C ASN C 578 4.15 -66.26 -55.51
N GLU C 579 3.30 -66.11 -56.53
CA GLU C 579 3.79 -65.89 -57.88
C GLU C 579 4.52 -64.55 -57.99
N GLN C 580 4.10 -63.56 -57.20
CA GLN C 580 4.80 -62.28 -57.19
C GLN C 580 6.18 -62.42 -56.54
N LEU C 581 6.23 -63.03 -55.35
CA LEU C 581 7.51 -63.26 -54.69
C LEU C 581 8.46 -64.05 -55.57
N ASP C 582 7.96 -65.12 -56.20
CA ASP C 582 8.78 -65.95 -57.06
C ASP C 582 9.24 -65.20 -58.32
N GLU C 583 8.33 -64.48 -58.98
CA GLU C 583 8.68 -63.82 -60.24
C GLU C 583 9.70 -62.70 -60.05
N LEU C 584 9.77 -62.10 -58.86
CA LEU C 584 10.80 -61.13 -58.53
C LEU C 584 12.00 -61.75 -57.82
N ALA C 585 11.96 -63.06 -57.57
CA ALA C 585 13.03 -63.79 -56.87
C ALA C 585 13.23 -63.27 -55.44
N LEU C 586 12.13 -63.12 -54.72
CA LEU C 586 12.19 -62.63 -53.34
C LEU C 586 11.61 -63.65 -52.36
#